data_3NTJ
#
_entry.id   3NTJ
#
_cell.length_a   101.390
_cell.length_b   104.970
_cell.length_c   181.460
_cell.angle_alpha   90.00
_cell.angle_beta   90.00
_cell.angle_gamma   90.00
#
_symmetry.space_group_name_H-M   'P 21 21 21'
#
loop_
_entity.id
_entity.type
_entity.pdbx_description
1 polymer 'Ornithine aminotransferase'
2 non-polymer 'SULFATE ION'
3 water water
#
_entity_poly.entity_id   1
_entity_poly.type   'polypeptide(L)'
_entity_poly.pdbx_seq_one_letter_code
;MDFVKELKSSQDYMNNELTYGAHNYDPIPVVLKRGKGVFVYDIEDRRYYDFLSAYSSVNQGHCHPDILNAMINQAKKLTI
CSRAFFSDSLGVCERYLTNLFGYDKVLMMNTGAEASETAYKLCRKWGYEVKKIPENSAKIIVCNNNFSGRTLGCVSASTD
KKCKNNFGPFVPNFLKVPYDDLEALEKELQDPNVCAFIVEPVQGEAGVIVPSDSYFPGVASLCKKYNVLFVADEVQTGLG
RTGKLLCTHHYGVKPDVILLGKALSGGHYPISAILANDDVMLVLKPGEHGSTYGGNPLAAAICVEALKVLINEKLCENAD
KLGAPFLQNLKEQLKDSKVVREVRGKGLLCAIEFKNDLVNVWDICLKFKENGLITRSVHDKTVRLTPPLCITKEQLDECT
EIIVKTVKFFDDNLLQHHHHHH
;
_entity_poly.pdbx_strand_id   A,B,C,D
#
# COMPACT_ATOMS: atom_id res chain seq x y z
N LYS A 8 -38.49 40.05 -15.34
CA LYS A 8 -37.58 39.19 -14.60
C LYS A 8 -36.14 39.63 -14.84
N SER A 9 -35.37 39.69 -13.74
CA SER A 9 -33.94 39.94 -13.76
C SER A 9 -33.26 39.05 -12.72
N SER A 10 -31.96 38.81 -12.87
CA SER A 10 -31.20 38.10 -11.84
C SER A 10 -31.88 38.19 -10.48
N GLN A 11 -32.11 39.42 -10.01
CA GLN A 11 -32.69 39.67 -8.70
C GLN A 11 -34.08 39.04 -8.55
N ASP A 12 -34.94 39.30 -9.52
CA ASP A 12 -36.25 38.66 -9.54
C ASP A 12 -36.09 37.17 -9.29
N TYR A 13 -35.17 36.56 -10.03
CA TYR A 13 -34.96 35.11 -9.98
C TYR A 13 -34.52 34.64 -8.61
N MET A 14 -33.63 35.40 -7.99
CA MET A 14 -33.09 35.10 -6.67
C MET A 14 -34.14 35.25 -5.57
N ASN A 15 -34.96 36.27 -5.70
CA ASN A 15 -35.97 36.49 -4.68
C ASN A 15 -36.98 35.37 -4.78
N ASN A 16 -37.22 34.92 -6.01
CA ASN A 16 -38.18 33.87 -6.26
C ASN A 16 -37.76 32.63 -5.53
N GLU A 17 -36.51 32.21 -5.75
CA GLU A 17 -35.94 31.08 -5.01
C GLU A 17 -36.09 31.24 -3.51
N LEU A 18 -35.78 32.42 -2.99
CA LEU A 18 -35.83 32.60 -1.57
C LEU A 18 -37.22 32.34 -1.04
N THR A 19 -38.24 32.66 -1.81
CA THR A 19 -39.58 32.56 -1.24
C THR A 19 -40.24 31.20 -1.47
N TYR A 20 -39.73 30.42 -2.42
CA TYR A 20 -40.36 29.14 -2.75
C TYR A 20 -39.51 27.92 -2.44
N GLY A 21 -38.20 28.12 -2.31
CA GLY A 21 -37.29 27.04 -1.97
C GLY A 21 -36.68 27.22 -0.60
N ALA A 22 -36.36 26.11 0.06
CA ALA A 22 -35.64 26.10 1.32
C ALA A 22 -34.36 26.90 1.24
N HIS A 23 -34.00 27.57 2.33
CA HIS A 23 -32.75 28.31 2.42
C HIS A 23 -31.60 27.44 2.90
N ASN A 24 -31.33 26.31 2.24
CA ASN A 24 -30.33 25.37 2.75
C ASN A 24 -28.95 25.53 2.11
N TYR A 25 -28.85 26.41 1.13
CA TYR A 25 -27.59 26.74 0.48
C TYR A 25 -27.38 28.24 0.54
N ASP A 26 -26.15 28.66 0.32
CA ASP A 26 -25.82 30.06 0.38
C ASP A 26 -24.99 30.47 -0.83
N PRO A 27 -25.65 30.66 -1.96
CA PRO A 27 -24.97 30.80 -3.25
C PRO A 27 -24.37 32.19 -3.46
N ILE A 28 -23.35 32.25 -4.32
CA ILE A 28 -22.89 33.52 -4.87
C ILE A 28 -24.05 34.12 -5.67
N PRO A 29 -24.32 35.40 -5.49
CA PRO A 29 -25.48 36.02 -6.15
C PRO A 29 -25.35 36.24 -7.67
N VAL A 30 -25.20 35.15 -8.42
CA VAL A 30 -25.28 35.20 -9.87
C VAL A 30 -26.27 34.16 -10.37
N VAL A 31 -27.09 34.51 -11.36
CA VAL A 31 -28.16 33.62 -11.80
C VAL A 31 -27.92 33.19 -13.23
N LEU A 32 -27.56 31.93 -13.41
CA LEU A 32 -27.10 31.41 -14.72
C LEU A 32 -28.24 30.79 -15.53
N LYS A 33 -28.23 31.02 -16.85
CA LYS A 33 -29.26 30.44 -17.72
C LYS A 33 -28.67 29.52 -18.80
N ARG A 34 -27.36 29.59 -19.00
CA ARG A 34 -26.74 28.88 -20.11
C ARG A 34 -25.26 28.59 -19.90
N GLY A 35 -24.81 27.44 -20.39
CA GLY A 35 -23.40 27.08 -20.35
C GLY A 35 -22.91 26.52 -21.69
N LYS A 36 -21.65 26.80 -22.00
CA LYS A 36 -21.00 26.20 -23.17
C LYS A 36 -19.53 26.11 -22.88
N GLY A 37 -19.04 24.89 -22.81
CA GLY A 37 -17.64 24.68 -22.57
C GLY A 37 -17.20 25.36 -21.30
N VAL A 38 -16.35 26.37 -21.45
CA VAL A 38 -15.69 26.94 -20.29
C VAL A 38 -16.44 28.17 -19.80
N PHE A 39 -17.47 28.57 -20.55
CA PHE A 39 -18.24 29.78 -20.20
C PHE A 39 -19.66 29.51 -19.69
N VAL A 40 -20.11 30.38 -18.80
CA VAL A 40 -21.51 30.39 -18.42
C VAL A 40 -22.03 31.80 -18.65
N TYR A 41 -23.35 31.93 -18.74
CA TYR A 41 -24.00 33.21 -19.06
C TYR A 41 -25.17 33.47 -18.14
N ASP A 42 -25.22 34.66 -17.55
CA ASP A 42 -26.32 35.01 -16.62
C ASP A 42 -27.60 35.59 -17.27
N ILE A 43 -28.58 35.91 -16.44
CA ILE A 43 -29.87 36.39 -16.92
C ILE A 43 -29.72 37.58 -17.86
N GLU A 44 -28.76 38.44 -17.53
CA GLU A 44 -28.53 39.66 -18.28
C GLU A 44 -27.50 39.46 -19.38
N ASP A 45 -27.26 38.22 -19.74
CA ASP A 45 -26.38 37.92 -20.86
C ASP A 45 -24.91 38.29 -20.63
N ARG A 46 -24.50 38.44 -19.37
CA ARG A 46 -23.08 38.59 -19.04
C ARG A 46 -22.41 37.22 -19.12
N ARG A 47 -21.14 37.22 -19.49
CA ARG A 47 -20.42 35.96 -19.61
C ARG A 47 -19.33 35.82 -18.54
N TYR A 48 -19.23 34.64 -17.94
CA TYR A 48 -18.18 34.38 -16.97
C TYR A 48 -17.44 33.12 -17.32
N TYR A 49 -16.15 33.10 -16.97
CA TYR A 49 -15.38 31.87 -16.93
C TYR A 49 -15.88 31.07 -15.74
N ASP A 50 -16.32 29.83 -15.96
CA ASP A 50 -16.69 28.99 -14.84
C ASP A 50 -15.43 28.33 -14.26
N PHE A 51 -15.08 28.73 -13.04
CA PHE A 51 -13.90 28.17 -12.42
C PHE A 51 -14.17 27.18 -11.29
N LEU A 52 -15.40 26.64 -11.29
CA LEU A 52 -15.80 25.65 -10.32
C LEU A 52 -16.12 24.37 -11.05
N SER A 53 -16.52 24.51 -12.33
CA SER A 53 -17.01 23.37 -13.12
C SER A 53 -18.05 22.51 -12.37
N ALA A 54 -18.96 23.16 -11.64
CA ALA A 54 -19.94 22.44 -10.82
C ALA A 54 -19.19 21.40 -10.01
N TYR A 55 -18.13 21.85 -9.37
CA TYR A 55 -17.26 20.98 -8.59
C TYR A 55 -16.82 19.75 -9.40
N SER A 56 -16.30 19.97 -10.60
CA SER A 56 -15.70 18.91 -11.42
C SER A 56 -16.68 18.06 -12.21
N SER A 57 -17.97 18.39 -12.15
CA SER A 57 -18.94 17.64 -12.93
C SER A 57 -18.88 17.95 -14.42
N VAL A 58 -18.35 19.11 -14.81
CA VAL A 58 -18.27 19.43 -16.23
C VAL A 58 -16.84 19.59 -16.71
N ASN A 59 -16.01 18.59 -16.43
CA ASN A 59 -14.65 18.54 -16.93
C ASN A 59 -14.62 18.65 -18.43
N GLN A 60 -15.59 18.01 -19.07
CA GLN A 60 -15.72 18.01 -20.53
C GLN A 60 -16.17 19.37 -21.07
N GLY A 61 -16.62 20.23 -20.17
CA GLY A 61 -17.17 21.51 -20.54
C GLY A 61 -18.68 21.47 -20.57
N HIS A 62 -19.29 22.59 -20.23
CA HIS A 62 -20.75 22.67 -20.19
C HIS A 62 -21.45 22.25 -21.48
N CYS A 63 -22.48 21.41 -21.34
CA CYS A 63 -23.38 21.15 -22.44
C CYS A 63 -22.68 20.62 -23.67
N HIS A 64 -21.67 19.80 -23.44
CA HIS A 64 -20.97 19.15 -24.53
C HIS A 64 -21.91 18.32 -25.40
N PRO A 65 -21.92 18.60 -26.72
CA PRO A 65 -22.86 18.08 -27.71
C PRO A 65 -22.81 16.56 -27.88
N ASP A 66 -21.61 15.99 -27.89
CA ASP A 66 -21.50 14.54 -28.06
C ASP A 66 -22.26 13.81 -26.96
N ILE A 67 -22.07 14.28 -25.72
CA ILE A 67 -22.72 13.67 -24.58
C ILE A 67 -24.22 13.84 -24.69
N LEU A 68 -24.68 15.06 -24.94
CA LEU A 68 -26.11 15.33 -25.15
C LEU A 68 -26.71 14.41 -26.20
N ASN A 69 -25.90 14.08 -27.20
CA ASN A 69 -26.31 13.18 -28.27
C ASN A 69 -26.54 11.76 -27.75
N ALA A 70 -25.49 11.19 -27.14
CA ALA A 70 -25.59 9.93 -26.42
C ALA A 70 -26.85 9.88 -25.55
N MET A 71 -27.10 10.96 -24.81
CA MET A 71 -28.25 11.03 -23.93
C MET A 71 -29.56 10.86 -24.68
N ILE A 72 -29.69 11.57 -25.78
CA ILE A 72 -30.92 11.56 -26.56
C ILE A 72 -31.15 10.21 -27.25
N ASN A 73 -30.09 9.63 -27.81
CA ASN A 73 -30.20 8.31 -28.41
C ASN A 73 -30.75 7.28 -27.43
N GLN A 74 -30.28 7.33 -26.19
CA GLN A 74 -30.72 6.38 -25.19
C GLN A 74 -32.12 6.69 -24.71
N ALA A 75 -32.34 7.94 -24.35
CA ALA A 75 -33.64 8.36 -23.82
C ALA A 75 -34.85 8.05 -24.73
N LYS A 76 -34.58 7.88 -26.02
CA LYS A 76 -35.63 7.53 -26.98
C LYS A 76 -36.02 6.06 -26.84
N LYS A 77 -35.04 5.24 -26.47
CA LYS A 77 -35.22 3.79 -26.34
C LYS A 77 -35.75 3.35 -24.95
N LEU A 78 -35.12 3.82 -23.89
CA LEU A 78 -35.48 3.37 -22.55
C LEU A 78 -34.71 4.22 -21.55
N THR A 79 -35.40 4.73 -20.53
CA THR A 79 -34.78 5.64 -19.55
C THR A 79 -34.50 4.95 -18.25
N ILE A 80 -35.39 4.03 -17.89
CA ILE A 80 -35.30 3.35 -16.60
C ILE A 80 -36.23 2.14 -16.59
N CYS A 81 -35.77 1.04 -16.01
CA CYS A 81 -36.63 -0.13 -15.85
C CYS A 81 -36.51 -0.66 -14.44
N SER A 82 -35.51 -0.18 -13.70
CA SER A 82 -35.22 -0.59 -12.32
C SER A 82 -34.39 -1.85 -12.28
N ARG A 83 -33.76 -2.12 -11.14
CA ARG A 83 -32.90 -3.29 -11.02
C ARG A 83 -33.71 -4.58 -10.82
N ALA A 84 -35.02 -4.47 -11.00
CA ALA A 84 -35.86 -5.65 -10.98
C ALA A 84 -35.58 -6.48 -12.22
N PHE A 85 -35.07 -5.82 -13.24
CA PHE A 85 -34.79 -6.43 -14.52
C PHE A 85 -33.44 -5.98 -15.08
N PHE A 86 -33.10 -6.46 -16.28
CA PHE A 86 -31.82 -6.14 -16.91
C PHE A 86 -32.05 -5.15 -18.02
N SER A 87 -31.02 -4.36 -18.32
CA SER A 87 -31.06 -3.58 -19.55
C SER A 87 -29.85 -3.93 -20.38
N ASP A 88 -29.94 -3.70 -21.69
CA ASP A 88 -28.79 -3.87 -22.57
C ASP A 88 -27.69 -2.90 -22.20
N SER A 89 -28.09 -1.66 -21.91
CA SER A 89 -27.14 -0.57 -21.77
C SER A 89 -26.16 -0.69 -20.59
N LEU A 90 -26.67 -1.17 -19.43
CA LEU A 90 -25.84 -1.25 -18.23
C LEU A 90 -24.58 -2.11 -18.39
N GLY A 91 -24.76 -3.34 -18.89
CA GLY A 91 -23.66 -4.24 -19.14
C GLY A 91 -22.59 -3.60 -20.01
N VAL A 92 -23.01 -2.94 -21.08
CA VAL A 92 -22.04 -2.30 -21.98
C VAL A 92 -21.21 -1.31 -21.19
N CYS A 93 -21.89 -0.53 -20.34
CA CYS A 93 -21.20 0.39 -19.42
C CYS A 93 -20.21 -0.36 -18.52
N GLU A 94 -20.68 -1.43 -17.89
CA GLU A 94 -19.88 -2.12 -16.91
C GLU A 94 -18.63 -2.64 -17.56
N ARG A 95 -18.81 -3.24 -18.73
CA ARG A 95 -17.68 -3.77 -19.47
C ARG A 95 -16.74 -2.65 -19.90
N TYR A 96 -17.29 -1.53 -20.34
CA TYR A 96 -16.44 -0.42 -20.75
C TYR A 96 -15.56 0.06 -19.59
N LEU A 97 -16.19 0.37 -18.46
CA LEU A 97 -15.46 0.91 -17.31
C LEU A 97 -14.39 -0.03 -16.80
N THR A 98 -14.75 -1.31 -16.68
CA THR A 98 -13.84 -2.31 -16.12
C THR A 98 -12.59 -2.44 -16.95
N ASN A 99 -12.74 -2.65 -18.25
CA ASN A 99 -11.58 -2.70 -19.13
C ASN A 99 -10.78 -1.42 -19.06
N LEU A 100 -11.48 -0.28 -19.04
CA LEU A 100 -10.81 1.01 -19.07
C LEU A 100 -9.92 1.27 -17.84
N PHE A 101 -10.33 0.77 -16.67
CA PHE A 101 -9.63 1.12 -15.44
C PHE A 101 -8.84 -0.03 -14.86
N GLY A 102 -9.10 -1.23 -15.37
CA GLY A 102 -8.34 -2.40 -14.95
C GLY A 102 -8.82 -2.96 -13.63
N TYR A 103 -10.13 -3.19 -13.54
CA TYR A 103 -10.68 -3.84 -12.37
C TYR A 103 -11.70 -4.89 -12.81
N ASP A 104 -11.87 -5.93 -12.00
CA ASP A 104 -12.75 -7.01 -12.37
C ASP A 104 -14.17 -6.49 -12.57
N LYS A 105 -14.68 -5.79 -11.58
CA LYS A 105 -16.06 -5.39 -11.62
C LYS A 105 -16.29 -3.92 -11.27
N VAL A 106 -17.50 -3.43 -11.56
CA VAL A 106 -17.87 -2.09 -11.20
C VAL A 106 -19.29 -2.10 -10.67
N LEU A 107 -19.58 -1.20 -9.73
CA LEU A 107 -20.93 -1.03 -9.18
C LEU A 107 -21.40 0.42 -9.43
N MET A 108 -22.46 0.56 -10.23
CA MET A 108 -22.94 1.87 -10.63
C MET A 108 -23.96 2.44 -9.65
N MET A 109 -23.88 3.74 -9.42
CA MET A 109 -24.83 4.43 -8.55
C MET A 109 -25.11 5.89 -8.98
N ASN A 110 -25.84 6.61 -8.16
CA ASN A 110 -26.23 7.96 -8.48
C ASN A 110 -25.32 9.05 -7.91
N THR A 111 -25.39 9.28 -6.60
CA THR A 111 -24.65 10.36 -5.97
C THR A 111 -23.31 9.87 -5.43
N GLY A 112 -22.43 10.81 -5.09
CA GLY A 112 -21.10 10.45 -4.62
C GLY A 112 -21.23 9.97 -3.20
N ALA A 113 -22.25 10.45 -2.50
CA ALA A 113 -22.49 9.99 -1.15
C ALA A 113 -22.86 8.52 -1.17
N GLU A 114 -23.72 8.14 -2.10
CA GLU A 114 -24.04 6.73 -2.30
C GLU A 114 -22.76 5.92 -2.52
N ALA A 115 -21.81 6.49 -3.26
CA ALA A 115 -20.56 5.78 -3.45
C ALA A 115 -19.83 5.58 -2.12
N SER A 116 -19.70 6.66 -1.35
CA SER A 116 -19.01 6.55 -0.06
C SER A 116 -19.70 5.60 0.91
N GLU A 117 -21.03 5.68 1.01
CA GLU A 117 -21.77 4.83 1.94
C GLU A 117 -21.46 3.41 1.56
N THR A 118 -21.65 3.13 0.27
CA THR A 118 -21.53 1.77 -0.24
C THR A 118 -20.11 1.26 -0.02
N ALA A 119 -19.13 2.12 -0.28
CA ALA A 119 -17.75 1.77 0.04
C ALA A 119 -17.58 1.32 1.51
N TYR A 120 -18.13 2.09 2.46
CA TYR A 120 -18.01 1.68 3.87
C TYR A 120 -18.60 0.27 4.07
N LYS A 121 -19.83 0.05 3.62
CA LYS A 121 -20.42 -1.29 3.70
C LYS A 121 -19.46 -2.36 3.14
N LEU A 122 -18.92 -2.09 1.96
CA LEU A 122 -18.03 -3.01 1.26
C LEU A 122 -16.81 -3.36 2.09
N CYS A 123 -16.03 -2.34 2.47
CA CYS A 123 -14.87 -2.51 3.34
C CYS A 123 -15.16 -3.31 4.61
N ARG A 124 -16.22 -2.93 5.34
CA ARG A 124 -16.56 -3.67 6.53
C ARG A 124 -16.82 -5.15 6.23
N LYS A 125 -17.52 -5.43 5.14
CA LYS A 125 -17.94 -6.79 4.89
C LYS A 125 -16.75 -7.62 4.42
N TRP A 126 -15.89 -7.03 3.62
CA TRP A 126 -14.64 -7.68 3.25
C TRP A 126 -13.82 -7.97 4.50
N GLY A 127 -13.81 -7.02 5.43
CA GLY A 127 -13.10 -7.14 6.67
C GLY A 127 -13.54 -8.30 7.54
N TYR A 128 -14.80 -8.74 7.37
CA TYR A 128 -15.28 -9.91 8.09
C TYR A 128 -15.18 -11.19 7.23
N GLU A 129 -15.77 -11.20 6.05
CA GLU A 129 -15.74 -12.41 5.22
C GLU A 129 -14.34 -12.73 4.69
N VAL A 130 -13.32 -11.97 5.10
CA VAL A 130 -11.98 -12.24 4.55
C VAL A 130 -10.82 -12.07 5.54
N LYS A 131 -10.62 -10.87 6.04
CA LYS A 131 -9.59 -10.63 7.04
C LYS A 131 -10.05 -11.33 8.31
N LYS A 132 -11.33 -11.66 8.35
CA LYS A 132 -11.96 -12.34 9.48
C LYS A 132 -11.89 -11.52 10.77
N ILE A 133 -12.22 -10.23 10.67
CA ILE A 133 -12.24 -9.33 11.82
C ILE A 133 -13.42 -9.69 12.72
N PRO A 134 -13.25 -9.57 14.05
CA PRO A 134 -14.40 -9.77 14.95
C PRO A 134 -15.66 -9.04 14.49
N GLU A 135 -16.80 -9.71 14.61
CA GLU A 135 -18.08 -9.12 14.23
C GLU A 135 -18.33 -7.80 14.96
N ASN A 136 -18.97 -6.86 14.27
CA ASN A 136 -19.36 -5.57 14.83
C ASN A 136 -18.16 -4.81 15.43
N SER A 137 -17.15 -4.51 14.63
CA SER A 137 -15.92 -3.92 15.17
C SER A 137 -14.91 -3.39 14.14
N ALA A 138 -15.20 -3.65 12.86
CA ALA A 138 -14.35 -3.21 11.74
C ALA A 138 -14.18 -1.71 11.70
N LYS A 139 -12.96 -1.25 12.00
CA LYS A 139 -12.67 0.18 11.98
C LYS A 139 -12.19 0.55 10.57
N ILE A 140 -12.44 1.77 10.15
CA ILE A 140 -11.92 2.32 8.89
C ILE A 140 -11.19 3.62 9.20
N ILE A 141 -10.01 3.82 8.60
CA ILE A 141 -9.23 5.05 8.80
C ILE A 141 -9.49 6.07 7.71
N VAL A 142 -9.57 7.34 8.08
CA VAL A 142 -9.78 8.41 7.09
C VAL A 142 -8.97 9.59 7.51
N CYS A 143 -8.77 10.54 6.60
CA CYS A 143 -7.91 11.66 6.92
C CYS A 143 -8.70 12.83 7.43
N ASN A 144 -8.12 13.57 8.39
CA ASN A 144 -8.72 14.81 8.87
C ASN A 144 -9.27 15.65 7.71
N ASN A 145 -10.52 16.09 7.85
CA ASN A 145 -11.15 16.94 6.85
C ASN A 145 -11.88 16.12 5.78
N PRO A 172 -17.60 6.57 15.04
CA PRO A 172 -17.75 5.43 15.95
C PRO A 172 -16.84 4.21 15.61
N ASN A 173 -16.81 3.85 14.33
CA ASN A 173 -15.84 2.91 13.79
C ASN A 173 -15.03 3.59 12.72
N PHE A 174 -14.76 4.87 12.91
CA PHE A 174 -13.80 5.58 12.05
C PHE A 174 -12.59 6.09 12.86
N LEU A 175 -11.41 6.06 12.25
CA LEU A 175 -10.20 6.57 12.86
C LEU A 175 -9.62 7.68 11.98
N LYS A 176 -9.53 8.89 12.52
CA LYS A 176 -8.92 9.99 11.77
C LYS A 176 -7.37 9.97 11.93
N VAL A 177 -6.65 10.23 10.84
CA VAL A 177 -5.22 10.45 10.93
C VAL A 177 -4.82 11.58 10.00
N PRO A 178 -3.66 12.18 10.25
CA PRO A 178 -3.19 13.27 9.43
C PRO A 178 -2.95 12.84 7.99
N TYR A 179 -3.33 13.70 7.06
CA TYR A 179 -3.02 13.50 5.66
C TYR A 179 -1.51 13.62 5.46
N ASP A 180 -1.01 13.00 4.40
CA ASP A 180 0.43 12.98 4.10
C ASP A 180 1.26 12.65 5.33
N ASP A 181 0.93 11.57 6.02
CA ASP A 181 1.66 11.17 7.23
C ASP A 181 1.77 9.65 7.31
N LEU A 182 2.91 9.10 6.87
CA LEU A 182 3.09 7.66 6.84
C LEU A 182 3.29 7.08 8.24
N GLU A 183 3.97 7.84 9.10
CA GLU A 183 4.23 7.38 10.45
C GLU A 183 2.91 7.20 11.16
N ALA A 184 2.04 8.21 11.08
CA ALA A 184 0.76 8.15 11.76
C ALA A 184 -0.11 7.06 11.16
N LEU A 185 -0.07 6.94 9.84
CA LEU A 185 -0.85 5.93 9.14
C LEU A 185 -0.47 4.53 9.60
N GLU A 186 0.82 4.29 9.71
CA GLU A 186 1.29 2.97 10.06
C GLU A 186 0.86 2.60 11.45
N LYS A 187 0.87 3.60 12.34
CA LYS A 187 0.50 3.41 13.73
C LYS A 187 -0.92 2.88 13.86
N GLU A 188 -1.83 3.38 13.01
CA GLU A 188 -3.22 2.94 13.04
C GLU A 188 -3.42 1.62 12.33
N LEU A 189 -2.66 1.39 11.26
CA LEU A 189 -2.74 0.13 10.53
C LEU A 189 -2.44 -1.08 11.42
N GLN A 190 -1.74 -0.84 12.51
CA GLN A 190 -1.34 -1.91 13.44
C GLN A 190 -2.57 -2.51 14.12
N ASP A 191 -3.66 -1.75 14.18
CA ASP A 191 -4.90 -2.24 14.75
C ASP A 191 -5.40 -3.38 13.87
N PRO A 192 -5.55 -4.57 14.44
CA PRO A 192 -5.95 -5.73 13.65
C PRO A 192 -7.40 -5.60 13.17
N ASN A 193 -8.16 -4.67 13.76
CA ASN A 193 -9.58 -4.47 13.40
C ASN A 193 -9.85 -3.47 12.27
N VAL A 194 -8.77 -2.87 11.75
CA VAL A 194 -8.86 -2.00 10.61
C VAL A 194 -9.06 -2.86 9.38
N CYS A 195 -9.98 -2.44 8.50
CA CYS A 195 -10.25 -3.18 7.27
C CYS A 195 -9.94 -2.34 6.03
N ALA A 196 -9.77 -1.03 6.21
CA ALA A 196 -9.59 -0.13 5.08
C ALA A 196 -9.08 1.28 5.44
N PHE A 197 -8.31 1.84 4.51
CA PHE A 197 -7.91 3.22 4.56
C PHE A 197 -8.57 3.90 3.33
N ILE A 198 -9.43 4.88 3.57
CA ILE A 198 -10.07 5.59 2.45
C ILE A 198 -9.53 7.01 2.35
N VAL A 199 -8.96 7.34 1.20
CA VAL A 199 -8.18 8.56 1.09
C VAL A 199 -8.28 9.15 -0.29
N GLU A 200 -8.24 10.48 -0.35
CA GLU A 200 -8.29 11.23 -1.60
C GLU A 200 -6.87 11.52 -2.09
N PRO A 201 -6.60 11.29 -3.39
CA PRO A 201 -5.29 11.53 -4.01
C PRO A 201 -4.81 12.97 -3.82
N VAL A 202 -5.75 13.91 -3.77
CA VAL A 202 -5.49 15.25 -3.27
C VAL A 202 -6.75 15.78 -2.57
N GLN A 203 -6.57 16.31 -1.37
CA GLN A 203 -7.69 16.66 -0.51
C GLN A 203 -8.39 17.87 -1.05
N GLY A 204 -9.64 17.69 -1.47
CA GLY A 204 -10.41 18.78 -2.04
C GLY A 204 -11.02 19.68 -0.98
N GLU A 205 -11.80 19.09 -0.08
CA GLU A 205 -12.47 19.85 0.96
C GLU A 205 -11.52 20.55 1.93
N ALA A 206 -10.36 19.95 2.18
CA ALA A 206 -9.37 20.55 3.06
C ALA A 206 -8.69 21.77 2.44
N GLY A 207 -9.02 22.06 1.19
CA GLY A 207 -8.49 23.24 0.54
C GLY A 207 -7.45 22.92 -0.50
N VAL A 208 -7.69 21.88 -1.28
CA VAL A 208 -6.75 21.47 -2.31
C VAL A 208 -5.35 21.23 -1.73
N ILE A 209 -5.22 20.16 -0.94
CA ILE A 209 -3.95 19.80 -0.34
C ILE A 209 -3.30 18.69 -1.10
N VAL A 210 -2.13 18.96 -1.71
CA VAL A 210 -1.40 18.00 -2.51
C VAL A 210 -0.43 17.17 -1.64
N PRO A 211 -0.32 15.86 -1.92
CA PRO A 211 0.59 15.08 -1.07
C PRO A 211 1.99 15.10 -1.65
N SER A 212 2.98 14.85 -0.80
CA SER A 212 4.36 14.67 -1.26
C SER A 212 4.44 13.45 -2.17
N ASP A 213 5.14 13.57 -3.28
CA ASP A 213 5.40 12.39 -4.12
C ASP A 213 6.24 11.43 -3.30
N SER A 214 5.63 10.32 -2.90
CA SER A 214 6.26 9.37 -1.98
C SER A 214 5.23 8.85 -1.01
N TYR A 215 4.25 9.70 -0.71
CA TYR A 215 3.16 9.36 0.18
C TYR A 215 2.39 8.16 -0.33
N PHE A 216 1.81 8.29 -1.50
CA PHE A 216 0.98 7.19 -1.95
C PHE A 216 1.71 5.87 -2.17
N PRO A 217 2.92 5.93 -2.74
CA PRO A 217 3.73 4.72 -2.81
C PRO A 217 3.86 4.09 -1.43
N GLY A 218 4.12 4.91 -0.41
CA GLY A 218 4.22 4.40 0.94
C GLY A 218 2.88 3.84 1.41
N VAL A 219 1.82 4.55 1.08
CA VAL A 219 0.48 4.14 1.46
C VAL A 219 0.20 2.73 0.94
N ALA A 220 0.50 2.53 -0.34
CA ALA A 220 0.23 1.26 -1.00
C ALA A 220 0.99 0.10 -0.35
N SER A 221 2.29 0.30 -0.12
CA SER A 221 3.08 -0.64 0.66
C SER A 221 2.46 -0.92 2.00
N LEU A 222 2.28 0.13 2.80
CA LEU A 222 1.75 -0.01 4.14
C LEU A 222 0.50 -0.86 4.15
N CYS A 223 -0.42 -0.58 3.23
CA CYS A 223 -1.69 -1.29 3.20
C CYS A 223 -1.48 -2.70 2.78
N LYS A 224 -0.69 -2.89 1.74
CA LYS A 224 -0.34 -4.23 1.28
C LYS A 224 0.16 -5.05 2.47
N LYS A 225 1.05 -4.46 3.27
CA LYS A 225 1.66 -5.16 4.40
C LYS A 225 0.70 -5.52 5.54
N TYR A 226 -0.13 -4.56 5.98
CA TYR A 226 -1.06 -4.85 7.06
C TYR A 226 -2.34 -5.51 6.61
N ASN A 227 -2.40 -5.87 5.32
CA ASN A 227 -3.56 -6.54 4.75
C ASN A 227 -4.84 -5.71 4.92
N VAL A 228 -4.82 -4.52 4.36
CA VAL A 228 -5.88 -3.56 4.54
C VAL A 228 -6.21 -2.94 3.19
N LEU A 229 -7.51 -2.85 2.88
CA LEU A 229 -7.94 -2.29 1.61
C LEU A 229 -7.55 -0.85 1.45
N PHE A 230 -6.82 -0.55 0.37
CA PHE A 230 -6.46 0.82 0.01
C PHE A 230 -7.52 1.35 -0.96
N VAL A 231 -8.42 2.20 -0.44
CA VAL A 231 -9.52 2.79 -1.21
C VAL A 231 -9.21 4.21 -1.59
N ALA A 232 -9.30 4.54 -2.88
CA ALA A 232 -9.02 5.88 -3.35
C ALA A 232 -10.30 6.59 -3.81
N ASP A 233 -10.62 7.69 -3.16
CA ASP A 233 -11.76 8.49 -3.53
C ASP A 233 -11.34 9.43 -4.66
N GLU A 234 -11.69 9.08 -5.88
CA GLU A 234 -11.28 9.90 -7.03
C GLU A 234 -12.48 10.63 -7.62
N VAL A 235 -13.46 10.95 -6.77
CA VAL A 235 -14.70 11.59 -7.24
C VAL A 235 -14.45 13.00 -7.74
N GLN A 236 -13.48 13.69 -7.15
CA GLN A 236 -13.10 15.04 -7.56
C GLN A 236 -11.80 15.02 -8.35
N THR A 237 -10.88 14.15 -7.98
CA THR A 237 -9.54 14.18 -8.55
C THR A 237 -9.44 13.43 -9.86
N GLY A 238 -10.44 12.58 -10.14
CA GLY A 238 -10.37 11.66 -11.26
C GLY A 238 -10.72 12.27 -12.60
N LEU A 239 -10.77 11.40 -13.62
CA LEU A 239 -11.21 11.78 -14.95
C LEU A 239 -10.63 13.11 -15.41
N GLY A 240 -9.31 13.18 -15.55
CA GLY A 240 -8.68 14.30 -16.21
C GLY A 240 -8.35 15.51 -15.36
N ARG A 241 -9.09 15.71 -14.29
CA ARG A 241 -8.89 16.89 -13.45
C ARG A 241 -7.42 17.21 -13.15
N THR A 242 -6.58 16.20 -12.90
CA THR A 242 -5.16 16.43 -12.57
C THR A 242 -4.16 16.06 -13.67
N GLY A 243 -4.66 15.54 -14.78
CA GLY A 243 -3.82 15.21 -15.91
C GLY A 243 -3.96 13.75 -16.31
N LYS A 244 -4.42 12.93 -15.38
CA LYS A 244 -4.56 11.50 -15.64
C LYS A 244 -6.01 11.08 -15.42
N LEU A 245 -6.35 9.88 -15.88
CA LEU A 245 -7.67 9.35 -15.64
C LEU A 245 -7.88 9.10 -14.16
N LEU A 246 -6.87 8.55 -13.50
CA LEU A 246 -6.88 8.46 -12.05
C LEU A 246 -5.72 9.27 -11.57
N CYS A 247 -5.97 10.17 -10.63
CA CYS A 247 -4.88 10.92 -10.04
C CYS A 247 -3.81 9.97 -9.48
N THR A 248 -4.24 8.82 -8.97
CA THR A 248 -3.29 7.85 -8.40
C THR A 248 -2.30 7.27 -9.43
N HIS A 249 -2.70 7.33 -10.69
CA HIS A 249 -1.85 6.93 -11.80
C HIS A 249 -0.54 7.74 -11.72
N HIS A 250 -0.62 8.97 -11.23
CA HIS A 250 0.56 9.82 -11.11
C HIS A 250 1.64 9.17 -10.24
N TYR A 251 1.20 8.43 -9.24
CA TYR A 251 2.15 7.95 -8.25
C TYR A 251 2.43 6.49 -8.47
N GLY A 252 2.03 5.98 -9.62
CA GLY A 252 2.26 4.58 -9.93
C GLY A 252 1.85 3.61 -8.84
N VAL A 253 0.61 3.75 -8.38
CA VAL A 253 0.06 2.82 -7.40
C VAL A 253 -1.32 2.36 -7.87
N LYS A 254 -1.67 1.12 -7.58
CA LYS A 254 -2.99 0.64 -7.94
C LYS A 254 -3.79 0.29 -6.69
N PRO A 255 -4.77 1.16 -6.36
CA PRO A 255 -5.65 0.99 -5.21
C PRO A 255 -6.56 -0.25 -5.35
N ASP A 256 -6.94 -0.82 -4.22
CA ASP A 256 -7.83 -1.97 -4.24
C ASP A 256 -9.23 -1.62 -4.68
N VAL A 257 -9.64 -0.40 -4.36
CA VAL A 257 -10.97 0.11 -4.65
C VAL A 257 -10.88 1.53 -5.18
N ILE A 258 -11.66 1.86 -6.18
CA ILE A 258 -11.72 3.21 -6.71
C ILE A 258 -13.13 3.76 -6.60
N LEU A 259 -13.27 5.01 -6.16
CA LEU A 259 -14.56 5.71 -6.18
C LEU A 259 -14.52 6.78 -7.28
N LEU A 260 -15.51 6.79 -8.16
CA LEU A 260 -15.57 7.74 -9.26
C LEU A 260 -16.92 8.43 -9.19
N GLY A 261 -17.00 9.64 -9.71
CA GLY A 261 -18.29 10.32 -9.80
C GLY A 261 -18.21 11.62 -10.56
N LYS A 262 -19.18 12.50 -10.34
CA LYS A 262 -19.15 13.83 -10.93
C LYS A 262 -18.93 13.79 -12.44
N ALA A 263 -17.71 14.11 -12.88
CA ALA A 263 -17.36 14.16 -14.30
C ALA A 263 -17.65 12.86 -15.04
N LEU A 264 -18.04 11.84 -14.29
CA LEU A 264 -18.43 10.57 -14.85
C LEU A 264 -19.59 10.73 -15.81
N SER A 265 -20.19 11.92 -15.86
CA SER A 265 -21.38 12.12 -16.69
C SER A 265 -21.34 13.41 -17.49
N GLY A 266 -20.28 14.18 -17.37
CA GLY A 266 -20.25 15.48 -18.02
C GLY A 266 -21.38 16.38 -17.55
N GLY A 267 -21.87 16.15 -16.34
CA GLY A 267 -22.91 16.98 -15.74
C GLY A 267 -24.32 16.74 -16.30
N HIS A 268 -24.47 15.70 -17.12
CA HIS A 268 -25.77 15.41 -17.74
C HIS A 268 -26.68 14.49 -16.90
N TYR A 269 -26.19 14.00 -15.77
CA TYR A 269 -26.96 13.07 -14.95
C TYR A 269 -26.14 12.78 -13.70
N PRO A 270 -26.81 12.44 -12.58
CA PRO A 270 -26.00 12.00 -11.43
C PRO A 270 -25.53 10.54 -11.62
N ILE A 271 -24.22 10.36 -11.72
CA ILE A 271 -23.67 9.03 -11.92
C ILE A 271 -22.39 8.91 -11.12
N SER A 272 -22.24 7.79 -10.41
CA SER A 272 -21.04 7.54 -9.62
C SER A 272 -20.79 6.05 -9.61
N ALA A 273 -19.58 5.64 -9.23
CA ALA A 273 -19.21 4.21 -9.26
C ALA A 273 -18.17 3.78 -8.24
N ILE A 274 -18.23 2.50 -7.90
CA ILE A 274 -17.13 1.85 -7.20
C ILE A 274 -16.51 0.77 -8.12
N LEU A 275 -15.18 0.78 -8.18
CA LEU A 275 -14.44 -0.24 -8.94
C LEU A 275 -13.64 -1.14 -8.00
N ALA A 276 -13.65 -2.44 -8.27
CA ALA A 276 -12.86 -3.37 -7.47
C ALA A 276 -12.70 -4.69 -8.19
N ASN A 277 -11.69 -5.47 -7.80
CA ASN A 277 -11.56 -6.81 -8.33
C ASN A 277 -12.45 -7.82 -7.57
N ASP A 278 -12.58 -9.01 -8.14
CA ASP A 278 -13.53 -10.01 -7.63
C ASP A 278 -13.40 -10.34 -6.14
N ASP A 279 -12.17 -10.46 -5.67
CA ASP A 279 -11.91 -10.80 -4.27
C ASP A 279 -12.49 -9.79 -3.32
N VAL A 280 -12.64 -8.55 -3.76
CA VAL A 280 -13.27 -7.55 -2.91
C VAL A 280 -14.73 -7.47 -3.28
N MET A 281 -15.02 -7.39 -4.56
CA MET A 281 -16.39 -7.08 -4.98
C MET A 281 -17.41 -8.16 -4.64
N LEU A 282 -17.01 -9.43 -4.70
CA LEU A 282 -17.98 -10.51 -4.55
C LEU A 282 -18.50 -10.64 -3.12
N VAL A 283 -17.88 -9.88 -2.24
CA VAL A 283 -18.30 -9.81 -0.87
C VAL A 283 -19.76 -9.36 -0.80
N LEU A 284 -20.17 -8.58 -1.79
CA LEU A 284 -21.51 -8.02 -1.80
C LEU A 284 -22.52 -8.98 -2.38
N LYS A 285 -23.61 -9.17 -1.65
CA LYS A 285 -24.63 -10.12 -2.06
C LYS A 285 -25.92 -9.41 -2.49
N PRO A 286 -26.70 -10.10 -3.33
CA PRO A 286 -27.97 -9.59 -3.89
C PRO A 286 -28.99 -9.13 -2.86
N GLY A 287 -29.80 -8.13 -3.25
CA GLY A 287 -31.02 -7.73 -2.55
C GLY A 287 -30.96 -7.04 -1.20
N GLU A 288 -29.78 -6.56 -0.83
CA GLU A 288 -29.63 -5.82 0.43
C GLU A 288 -29.81 -4.29 0.29
N HIS A 289 -29.78 -3.81 -0.95
CA HIS A 289 -29.78 -2.37 -1.22
C HIS A 289 -31.07 -1.88 -1.90
N GLY A 290 -31.10 -0.61 -2.29
CA GLY A 290 -32.28 -0.06 -2.93
C GLY A 290 -32.35 1.42 -3.30
N SER A 291 -31.58 1.83 -4.31
CA SER A 291 -31.84 3.08 -5.03
C SER A 291 -32.25 2.73 -6.44
N THR A 292 -33.51 3.03 -6.75
CA THR A 292 -34.12 2.70 -8.03
C THR A 292 -33.32 3.14 -9.27
N TYR A 293 -32.72 4.33 -9.22
CA TYR A 293 -32.09 4.87 -10.42
C TYR A 293 -30.69 4.41 -10.66
N GLY A 294 -30.08 3.81 -9.64
CA GLY A 294 -28.72 3.30 -9.76
C GLY A 294 -28.55 2.26 -10.86
N GLY A 295 -27.66 2.55 -11.80
CA GLY A 295 -27.39 1.65 -12.89
C GLY A 295 -28.44 1.63 -13.98
N ASN A 296 -29.26 2.68 -14.04
CA ASN A 296 -30.26 2.78 -15.10
C ASN A 296 -29.62 2.92 -16.49
N PRO A 297 -30.35 2.50 -17.52
CA PRO A 297 -29.81 2.48 -18.89
C PRO A 297 -29.42 3.88 -19.35
N LEU A 298 -30.21 4.89 -18.98
CA LEU A 298 -29.92 6.22 -19.46
C LEU A 298 -28.55 6.68 -18.94
N ALA A 299 -28.28 6.45 -17.66
CA ALA A 299 -27.03 6.91 -17.09
C ALA A 299 -25.90 6.11 -17.73
N ALA A 300 -26.14 4.81 -17.92
CA ALA A 300 -25.12 3.89 -18.43
C ALA A 300 -24.57 4.34 -19.77
N ALA A 301 -25.49 4.81 -20.62
CA ALA A 301 -25.18 5.29 -21.96
C ALA A 301 -24.37 6.59 -21.85
N ILE A 302 -24.88 7.53 -21.06
CA ILE A 302 -24.22 8.83 -20.81
C ILE A 302 -22.80 8.63 -20.26
N CYS A 303 -22.67 7.71 -19.32
CA CYS A 303 -21.38 7.43 -18.76
C CYS A 303 -20.36 7.11 -19.84
N VAL A 304 -20.67 6.14 -20.70
CA VAL A 304 -19.69 5.71 -21.69
C VAL A 304 -19.29 6.87 -22.60
N GLU A 305 -20.25 7.70 -22.98
CA GLU A 305 -19.93 8.80 -23.89
C GLU A 305 -19.08 9.84 -23.21
N ALA A 306 -19.43 10.15 -21.96
CA ALA A 306 -18.69 11.15 -21.20
C ALA A 306 -17.20 10.80 -21.15
N LEU A 307 -16.91 9.54 -20.92
CA LEU A 307 -15.52 9.13 -20.82
C LEU A 307 -14.87 9.04 -22.21
N LYS A 308 -15.65 8.62 -23.20
CA LYS A 308 -15.16 8.61 -24.56
C LYS A 308 -14.75 10.02 -24.96
N VAL A 309 -15.59 11.01 -24.64
CA VAL A 309 -15.26 12.41 -24.93
C VAL A 309 -13.94 12.81 -24.26
N LEU A 310 -13.78 12.42 -23.00
CA LEU A 310 -12.61 12.75 -22.21
C LEU A 310 -11.31 12.26 -22.87
N ILE A 311 -11.38 11.07 -23.47
CA ILE A 311 -10.22 10.43 -24.04
C ILE A 311 -9.93 10.91 -25.47
N ASN A 312 -10.99 10.96 -26.30
CA ASN A 312 -10.87 11.40 -27.70
C ASN A 312 -10.35 12.83 -27.86
N GLU A 313 -10.84 13.74 -27.03
CA GLU A 313 -10.43 15.15 -27.08
C GLU A 313 -9.17 15.41 -26.25
N LYS A 314 -8.60 14.32 -25.74
CA LYS A 314 -7.33 14.39 -25.04
C LYS A 314 -7.34 15.45 -23.96
N LEU A 315 -8.45 15.50 -23.23
CA LEU A 315 -8.64 16.49 -22.17
C LEU A 315 -7.77 16.21 -20.96
N CYS A 316 -7.40 14.94 -20.76
CA CYS A 316 -6.46 14.62 -19.68
C CYS A 316 -5.13 15.31 -19.94
N GLU A 317 -4.66 15.19 -21.18
CA GLU A 317 -3.35 15.69 -21.54
C GLU A 317 -3.37 17.19 -21.56
N ASN A 318 -4.44 17.76 -22.11
CA ASN A 318 -4.57 19.21 -22.09
C ASN A 318 -4.37 19.70 -20.66
N ALA A 319 -5.13 19.11 -19.73
CA ALA A 319 -5.02 19.43 -18.32
C ALA A 319 -3.59 19.25 -17.81
N ASP A 320 -2.96 18.14 -18.17
CA ASP A 320 -1.61 17.88 -17.71
C ASP A 320 -0.65 18.96 -18.21
N LYS A 321 -0.76 19.29 -19.50
CA LYS A 321 0.16 20.23 -20.16
C LYS A 321 0.00 21.66 -19.69
N LEU A 322 -1.25 22.13 -19.62
CA LEU A 322 -1.50 23.54 -19.28
C LEU A 322 -1.41 23.80 -17.78
N GLY A 323 -1.61 22.74 -16.99
CA GLY A 323 -1.73 22.87 -15.55
C GLY A 323 -0.51 23.41 -14.83
N ALA A 324 0.57 22.62 -14.80
CA ALA A 324 1.77 23.02 -14.07
C ALA A 324 2.22 24.45 -14.41
N PRO A 325 2.24 24.79 -15.71
CA PRO A 325 2.55 26.15 -16.16
C PRO A 325 1.67 27.17 -15.45
N PHE A 326 0.38 27.12 -15.77
CA PHE A 326 -0.61 28.01 -15.16
C PHE A 326 -0.34 28.26 -13.68
N LEU A 327 -0.06 27.16 -12.96
CA LEU A 327 0.16 27.23 -11.53
C LEU A 327 1.48 27.95 -11.22
N GLN A 328 2.54 27.57 -11.94
CA GLN A 328 3.84 28.19 -11.76
C GLN A 328 3.80 29.71 -12.03
N ASN A 329 3.35 30.06 -13.23
CA ASN A 329 3.18 31.45 -13.66
C ASN A 329 2.34 32.27 -12.66
N LEU A 330 1.28 31.66 -12.14
CA LEU A 330 0.42 32.33 -11.16
C LEU A 330 1.17 32.55 -9.84
N LYS A 331 1.97 31.55 -9.44
CA LYS A 331 2.81 31.64 -8.26
C LYS A 331 3.74 32.83 -8.37
N GLU A 332 4.30 33.01 -9.55
CA GLU A 332 5.17 34.15 -9.85
C GLU A 332 4.44 35.48 -9.69
N GLN A 333 3.42 35.70 -10.51
CA GLN A 333 2.71 36.97 -10.53
C GLN A 333 2.05 37.39 -9.21
N LEU A 334 2.02 36.50 -8.22
CA LEU A 334 1.39 36.82 -6.94
C LEU A 334 2.37 36.72 -5.77
N LYS A 335 3.65 36.54 -6.10
CA LYS A 335 4.67 36.29 -5.08
C LYS A 335 4.77 37.42 -4.07
N ASP A 336 4.36 38.61 -4.49
CA ASP A 336 4.53 39.81 -3.68
C ASP A 336 3.21 40.34 -3.15
N SER A 337 2.24 39.43 -2.98
CA SER A 337 0.93 39.82 -2.47
C SER A 337 0.87 39.67 -0.97
N LYS A 338 0.28 40.65 -0.31
CA LYS A 338 0.24 40.63 1.14
C LYS A 338 -0.86 39.70 1.62
N VAL A 339 -1.90 39.54 0.81
CA VAL A 339 -3.10 38.76 1.20
C VAL A 339 -3.07 37.28 0.78
N VAL A 340 -2.32 36.97 -0.28
CA VAL A 340 -2.11 35.58 -0.67
C VAL A 340 -1.21 34.83 0.32
N ARG A 341 -1.63 33.63 0.72
CA ARG A 341 -0.82 32.80 1.60
C ARG A 341 -0.07 31.75 0.81
N GLU A 342 -0.76 31.10 -0.14
CA GLU A 342 -0.16 30.03 -0.92
C GLU A 342 -0.97 29.72 -2.18
N VAL A 343 -0.29 29.21 -3.20
CA VAL A 343 -0.97 28.78 -4.41
C VAL A 343 -0.64 27.33 -4.68
N ARG A 344 -1.65 26.47 -4.62
CA ARG A 344 -1.45 25.02 -4.75
C ARG A 344 -2.17 24.45 -5.95
N GLY A 345 -1.78 23.25 -6.35
CA GLY A 345 -2.47 22.58 -7.42
C GLY A 345 -1.76 21.37 -7.97
N LYS A 346 -2.46 20.67 -8.87
CA LYS A 346 -1.88 19.63 -9.70
C LYS A 346 -2.83 19.54 -10.88
N GLY A 347 -2.28 19.55 -12.10
CA GLY A 347 -3.14 19.66 -13.26
C GLY A 347 -4.05 20.88 -13.15
N LEU A 348 -5.29 20.74 -13.57
CA LEU A 348 -6.23 21.85 -13.46
C LEU A 348 -7.06 21.80 -12.16
N LEU A 349 -6.52 21.16 -11.13
CA LEU A 349 -7.13 21.18 -9.82
C LEU A 349 -6.31 22.11 -8.92
N CYS A 350 -6.67 23.38 -8.91
CA CYS A 350 -5.85 24.39 -8.23
C CYS A 350 -6.60 25.20 -7.20
N ALA A 351 -5.87 25.96 -6.40
CA ALA A 351 -6.50 26.82 -5.40
C ALA A 351 -5.56 27.92 -4.94
N ILE A 352 -6.14 28.96 -4.34
CA ILE A 352 -5.36 30.01 -3.72
C ILE A 352 -5.87 30.17 -2.30
N GLU A 353 -4.96 30.06 -1.34
CA GLU A 353 -5.32 30.23 0.06
C GLU A 353 -4.98 31.65 0.46
N PHE A 354 -5.92 32.33 1.09
CA PHE A 354 -5.68 33.69 1.55
C PHE A 354 -5.48 33.74 3.05
N LYS A 355 -5.04 34.88 3.52
CA LYS A 355 -4.89 35.11 4.95
C LYS A 355 -6.17 35.77 5.43
N ASN A 356 -7.11 34.97 5.91
CA ASN A 356 -8.44 35.47 6.25
C ASN A 356 -8.41 36.48 7.39
N ASP A 357 -7.22 36.67 7.95
CA ASP A 357 -6.98 37.75 8.91
C ASP A 357 -7.09 39.10 8.20
N LEU A 358 -6.66 39.14 6.94
CA LEU A 358 -6.61 40.38 6.20
C LEU A 358 -7.79 40.57 5.29
N VAL A 359 -8.21 39.52 4.59
CA VAL A 359 -9.36 39.65 3.70
C VAL A 359 -10.52 38.73 4.00
N ASN A 360 -11.69 39.17 3.54
CA ASN A 360 -12.91 38.40 3.56
C ASN A 360 -12.97 37.58 2.27
N VAL A 361 -12.82 36.27 2.39
CA VAL A 361 -12.70 35.43 1.21
C VAL A 361 -13.93 35.56 0.32
N TRP A 362 -15.09 35.68 0.96
CA TRP A 362 -16.35 35.83 0.24
C TRP A 362 -16.36 37.03 -0.69
N ASP A 363 -15.81 38.15 -0.22
CA ASP A 363 -15.72 39.35 -1.05
C ASP A 363 -14.78 39.12 -2.24
N ILE A 364 -13.70 38.40 -2.02
CA ILE A 364 -12.81 38.05 -3.12
C ILE A 364 -13.59 37.33 -4.22
N CYS A 365 -14.52 36.48 -3.80
CA CYS A 365 -15.34 35.77 -4.76
C CYS A 365 -16.31 36.68 -5.51
N LEU A 366 -16.89 37.65 -4.79
CA LEU A 366 -17.76 38.64 -5.43
C LEU A 366 -16.96 39.48 -6.43
N LYS A 367 -15.71 39.77 -6.09
CA LYS A 367 -14.86 40.60 -6.92
C LYS A 367 -14.52 39.86 -8.19
N PHE A 368 -14.20 38.58 -8.04
CA PHE A 368 -13.97 37.73 -9.20
C PHE A 368 -15.20 37.79 -10.12
N LYS A 369 -16.36 37.51 -9.55
CA LYS A 369 -17.59 37.54 -10.31
C LYS A 369 -17.65 38.84 -11.11
N GLU A 370 -17.34 39.95 -10.45
CA GLU A 370 -17.40 41.25 -11.10
C GLU A 370 -16.42 41.27 -12.26
N ASN A 371 -15.23 40.75 -12.02
CA ASN A 371 -14.19 40.75 -13.05
C ASN A 371 -14.34 39.62 -14.09
N GLY A 372 -15.44 38.88 -13.99
CA GLY A 372 -15.83 37.97 -15.07
C GLY A 372 -15.44 36.51 -14.88
N LEU A 373 -15.16 36.13 -13.64
CA LEU A 373 -14.78 34.77 -13.36
C LEU A 373 -15.47 34.35 -12.07
N ILE A 374 -16.31 33.32 -12.14
CA ILE A 374 -17.01 32.87 -10.95
C ILE A 374 -16.43 31.63 -10.28
N THR A 375 -16.39 31.66 -8.96
CA THR A 375 -15.92 30.54 -8.17
C THR A 375 -16.39 30.69 -6.75
N ARG A 376 -16.01 29.74 -5.88
CA ARG A 376 -16.57 29.67 -4.53
C ARG A 376 -15.48 29.47 -3.48
N SER A 377 -15.79 29.77 -2.24
CA SER A 377 -14.85 29.64 -1.13
C SER A 377 -14.89 28.26 -0.48
N VAL A 378 -13.88 27.96 0.32
CA VAL A 378 -13.80 26.69 1.03
C VAL A 378 -12.94 26.89 2.29
N HIS A 379 -13.60 26.99 3.44
CA HIS A 379 -12.94 27.31 4.70
C HIS A 379 -13.02 28.79 5.04
N ASP A 380 -13.52 29.59 4.11
CA ASP A 380 -13.43 31.04 4.25
C ASP A 380 -11.96 31.48 4.25
N LYS A 381 -11.12 30.70 3.59
CA LYS A 381 -9.71 31.03 3.44
C LYS A 381 -9.12 30.54 2.10
N THR A 382 -9.67 29.48 1.53
CA THR A 382 -9.14 28.96 0.28
C THR A 382 -10.15 29.04 -0.86
N VAL A 383 -9.70 29.52 -2.02
CA VAL A 383 -10.59 29.66 -3.17
C VAL A 383 -10.26 28.69 -4.28
N ARG A 384 -11.30 28.04 -4.77
CA ARG A 384 -11.15 26.94 -5.73
C ARG A 384 -10.95 27.45 -7.17
N LEU A 385 -9.93 26.93 -7.85
CA LEU A 385 -9.66 27.26 -9.23
C LEU A 385 -9.70 26.00 -10.04
N THR A 386 -10.88 25.64 -10.52
CA THR A 386 -11.04 24.39 -11.26
C THR A 386 -11.94 24.60 -12.45
N PRO A 387 -11.34 25.06 -13.56
CA PRO A 387 -12.04 25.30 -14.83
C PRO A 387 -12.31 23.98 -15.54
N PRO A 388 -13.21 24.00 -16.53
CA PRO A 388 -13.38 22.82 -17.36
C PRO A 388 -12.06 22.51 -18.12
N LEU A 389 -11.83 21.23 -18.42
CA LEU A 389 -10.55 20.76 -18.93
C LEU A 389 -10.29 21.10 -20.39
N CYS A 390 -11.26 21.73 -21.05
CA CYS A 390 -11.10 22.07 -22.46
C CYS A 390 -10.64 23.52 -22.61
N ILE A 391 -10.23 24.12 -21.51
CA ILE A 391 -9.76 25.50 -21.53
C ILE A 391 -8.47 25.56 -22.35
N THR A 392 -8.24 26.67 -23.04
CA THR A 392 -7.07 26.84 -23.89
C THR A 392 -5.97 27.61 -23.19
N LYS A 393 -4.76 27.55 -23.71
CA LYS A 393 -3.66 28.31 -23.11
C LYS A 393 -4.00 29.80 -23.06
N GLU A 394 -4.59 30.30 -24.14
CA GLU A 394 -4.94 31.71 -24.21
C GLU A 394 -5.95 32.05 -23.11
N GLN A 395 -7.02 31.27 -23.03
CA GLN A 395 -8.02 31.46 -21.99
C GLN A 395 -7.41 31.48 -20.58
N LEU A 396 -6.56 30.51 -20.26
CA LEU A 396 -5.90 30.51 -18.95
C LEU A 396 -5.17 31.81 -18.70
N ASP A 397 -4.49 32.31 -19.74
CA ASP A 397 -3.75 33.56 -19.63
C ASP A 397 -4.68 34.72 -19.31
N GLU A 398 -5.78 34.85 -20.05
CA GLU A 398 -6.79 35.86 -19.75
C GLU A 398 -7.28 35.76 -18.29
N CYS A 399 -7.40 34.54 -17.79
CA CYS A 399 -7.89 34.32 -16.44
C CYS A 399 -6.83 34.71 -15.42
N THR A 400 -5.57 34.41 -15.72
CA THR A 400 -4.49 34.81 -14.83
C THR A 400 -4.57 36.30 -14.60
N GLU A 401 -4.89 37.03 -15.68
CA GLU A 401 -5.04 38.48 -15.62
C GLU A 401 -6.14 38.85 -14.62
N ILE A 402 -7.31 38.28 -14.84
CA ILE A 402 -8.44 38.47 -13.94
C ILE A 402 -8.06 38.15 -12.50
N ILE A 403 -7.35 37.04 -12.30
CA ILE A 403 -6.98 36.63 -10.95
C ILE A 403 -6.03 37.63 -10.32
N VAL A 404 -4.99 38.00 -11.06
CA VAL A 404 -4.05 39.01 -10.56
C VAL A 404 -4.73 40.37 -10.28
N LYS A 405 -5.63 40.78 -11.18
CA LYS A 405 -6.31 42.06 -11.04
C LYS A 405 -7.14 42.04 -9.79
N THR A 406 -7.85 40.94 -9.63
CA THR A 406 -8.71 40.78 -8.48
C THR A 406 -7.87 40.90 -7.22
N VAL A 407 -6.75 40.17 -7.19
CA VAL A 407 -5.91 40.11 -6.00
C VAL A 407 -5.34 41.47 -5.64
N LYS A 408 -4.90 42.22 -6.65
CA LYS A 408 -4.26 43.51 -6.40
C LYS A 408 -5.25 44.44 -5.73
N PHE A 409 -6.49 44.39 -6.18
CA PHE A 409 -7.51 45.24 -5.61
C PHE A 409 -7.58 45.10 -4.10
N PHE A 410 -7.28 43.91 -3.60
CA PHE A 410 -7.39 43.69 -2.16
C PHE A 410 -6.09 43.96 -1.45
N ASP A 411 -4.99 43.87 -2.20
CA ASP A 411 -3.70 44.28 -1.68
C ASP A 411 -3.67 45.79 -1.39
N ASP A 412 -3.82 46.58 -2.44
CA ASP A 412 -3.82 48.04 -2.33
C ASP A 412 -4.69 48.51 -1.16
N ASN A 413 -5.94 48.06 -1.18
CA ASN A 413 -6.92 48.50 -0.21
C ASN A 413 -6.68 48.02 1.22
N LEU A 414 -5.57 47.35 1.48
CA LEU A 414 -5.21 47.09 2.87
C LEU A 414 -4.10 48.07 3.28
N LYS B 8 -25.61 -11.01 -30.34
CA LYS B 8 -25.74 -11.16 -28.88
C LYS B 8 -27.21 -11.42 -28.44
N SER B 9 -27.38 -12.24 -27.41
CA SER B 9 -28.71 -12.60 -26.91
C SER B 9 -28.96 -12.10 -25.49
N SER B 10 -30.21 -12.16 -25.04
CA SER B 10 -30.49 -11.82 -23.67
C SER B 10 -29.42 -12.40 -22.76
N GLN B 11 -29.07 -13.66 -23.03
CA GLN B 11 -28.12 -14.37 -22.19
C GLN B 11 -26.69 -13.81 -22.27
N ASP B 12 -26.25 -13.46 -23.47
CA ASP B 12 -24.97 -12.77 -23.60
C ASP B 12 -24.86 -11.57 -22.63
N TYR B 13 -25.93 -10.80 -22.59
CA TYR B 13 -26.01 -9.62 -21.76
C TYR B 13 -25.96 -10.02 -20.28
N MET B 14 -26.82 -10.95 -19.90
CA MET B 14 -26.91 -11.36 -18.51
C MET B 14 -25.59 -11.91 -17.98
N ASN B 15 -24.83 -12.55 -18.86
CA ASN B 15 -23.54 -13.08 -18.46
C ASN B 15 -22.52 -11.97 -18.39
N ASN B 16 -22.62 -11.04 -19.32
CA ASN B 16 -21.73 -9.90 -19.37
C ASN B 16 -21.81 -9.15 -18.05
N GLU B 17 -23.04 -8.81 -17.65
CA GLU B 17 -23.27 -8.13 -16.37
C GLU B 17 -22.65 -8.92 -15.21
N LEU B 18 -22.86 -10.23 -15.17
CA LEU B 18 -22.33 -11.00 -14.07
C LEU B 18 -20.82 -10.91 -13.97
N THR B 19 -20.14 -10.74 -15.10
CA THR B 19 -18.69 -10.75 -15.02
C THR B 19 -18.07 -9.36 -14.87
N TYR B 20 -18.81 -8.30 -15.19
CA TYR B 20 -18.23 -6.96 -15.09
C TYR B 20 -18.83 -6.07 -14.01
N GLY B 21 -20.03 -6.43 -13.54
CA GLY B 21 -20.67 -5.67 -12.50
C GLY B 21 -20.84 -6.48 -11.22
N ALA B 22 -20.83 -5.77 -10.11
CA ALA B 22 -21.12 -6.34 -8.80
C ALA B 22 -22.42 -7.13 -8.82
N HIS B 23 -22.45 -8.22 -8.04
CA HIS B 23 -23.65 -9.01 -7.87
C HIS B 23 -24.52 -8.50 -6.73
N ASN B 24 -24.89 -7.23 -6.74
CA ASN B 24 -25.61 -6.70 -5.58
C ASN B 24 -27.11 -6.67 -5.73
N TYR B 25 -27.57 -7.05 -6.92
CA TYR B 25 -28.99 -7.17 -7.22
C TYR B 25 -29.29 -8.56 -7.75
N ASP B 26 -30.56 -8.97 -7.66
CA ASP B 26 -30.95 -10.30 -8.10
C ASP B 26 -32.16 -10.22 -9.01
N PRO B 27 -31.92 -9.86 -10.27
CA PRO B 27 -32.99 -9.45 -11.21
C PRO B 27 -33.73 -10.62 -11.82
N ILE B 28 -34.98 -10.42 -12.20
CA ILE B 28 -35.69 -11.38 -13.02
C ILE B 28 -34.92 -11.47 -14.33
N PRO B 29 -34.74 -12.69 -14.84
CA PRO B 29 -33.90 -12.88 -16.01
C PRO B 29 -34.51 -12.43 -17.34
N VAL B 30 -34.82 -11.14 -17.47
CA VAL B 30 -35.20 -10.59 -18.77
C VAL B 30 -34.35 -9.36 -19.07
N VAL B 31 -33.94 -9.19 -20.32
CA VAL B 31 -33.04 -8.11 -20.67
C VAL B 31 -33.74 -7.11 -21.62
N LEU B 32 -34.09 -5.95 -21.09
CA LEU B 32 -34.86 -4.96 -21.84
C LEU B 32 -33.98 -3.96 -22.61
N LYS B 33 -34.45 -3.58 -23.80
CA LYS B 33 -33.72 -2.61 -24.62
C LYS B 33 -34.55 -1.39 -24.97
N ARG B 34 -35.85 -1.45 -24.69
CA ARG B 34 -36.76 -0.41 -25.12
C ARG B 34 -38.04 -0.37 -24.30
N GLY B 35 -38.55 0.86 -24.07
CA GLY B 35 -39.85 1.08 -23.44
C GLY B 35 -40.68 2.09 -24.21
N LYS B 36 -42.00 1.88 -24.21
CA LYS B 36 -42.96 2.86 -24.71
C LYS B 36 -44.25 2.72 -23.95
N GLY B 37 -44.57 3.72 -23.16
CA GLY B 37 -45.82 3.73 -22.43
C GLY B 37 -45.90 2.54 -21.50
N VAL B 38 -46.79 1.61 -21.80
CA VAL B 38 -47.08 0.58 -20.86
C VAL B 38 -46.31 -0.69 -21.24
N PHE B 39 -45.59 -0.64 -22.35
CA PHE B 39 -44.84 -1.81 -22.84
C PHE B 39 -43.34 -1.66 -22.75
N VAL B 40 -42.67 -2.79 -22.55
CA VAL B 40 -41.22 -2.87 -22.68
C VAL B 40 -40.89 -3.98 -23.66
N TYR B 41 -39.69 -3.93 -24.23
CA TYR B 41 -39.27 -4.91 -25.22
C TYR B 41 -37.86 -5.48 -24.94
N ASP B 42 -37.73 -6.81 -24.96
CA ASP B 42 -36.44 -7.44 -24.67
C ASP B 42 -35.48 -7.57 -25.88
N ILE B 43 -34.31 -8.14 -25.64
CA ILE B 43 -33.29 -8.26 -26.67
C ILE B 43 -33.82 -8.97 -27.93
N GLU B 44 -34.70 -9.94 -27.72
CA GLU B 44 -35.25 -10.73 -28.81
C GLU B 44 -36.59 -10.19 -29.28
N ASP B 45 -36.82 -8.92 -29.01
CA ASP B 45 -38.01 -8.25 -29.53
C ASP B 45 -39.33 -8.81 -29.01
N ARG B 46 -39.29 -9.53 -27.91
CA ARG B 46 -40.52 -9.90 -27.21
C ARG B 46 -41.10 -8.68 -26.47
N ARG B 47 -42.42 -8.61 -26.38
CA ARG B 47 -43.07 -7.50 -25.68
C ARG B 47 -43.75 -7.91 -24.35
N TYR B 48 -43.57 -7.08 -23.34
CA TYR B 48 -44.20 -7.36 -22.05
C TYR B 48 -44.93 -6.13 -21.55
N TYR B 49 -46.01 -6.37 -20.82
CA TYR B 49 -46.62 -5.31 -20.03
C TYR B 49 -45.70 -5.06 -18.87
N ASP B 50 -45.29 -3.81 -18.67
CA ASP B 50 -44.53 -3.48 -17.47
C ASP B 50 -45.46 -3.25 -16.29
N PHE B 51 -45.42 -4.15 -15.31
CA PHE B 51 -46.29 -4.01 -14.16
C PHE B 51 -45.57 -3.59 -12.88
N LEU B 52 -44.39 -3.00 -13.05
CA LEU B 52 -43.62 -2.51 -11.93
C LEU B 52 -43.46 -0.99 -12.09
N SER B 53 -43.46 -0.55 -13.35
CA SER B 53 -43.20 0.84 -13.72
C SER B 53 -41.93 1.37 -13.09
N ALA B 54 -40.89 0.56 -13.00
CA ALA B 54 -39.67 0.96 -12.32
C ALA B 54 -40.02 1.49 -10.97
N TYR B 55 -40.85 0.71 -10.28
CA TYR B 55 -41.36 1.07 -8.95
C TYR B 55 -41.94 2.47 -8.94
N SER B 56 -42.85 2.75 -9.88
CA SER B 56 -43.58 4.02 -9.93
C SER B 56 -42.84 5.20 -10.53
N SER B 57 -41.64 5.01 -11.05
CA SER B 57 -40.94 6.08 -11.72
C SER B 57 -41.51 6.42 -13.09
N VAL B 58 -42.19 5.49 -13.75
CA VAL B 58 -42.75 5.80 -15.06
C VAL B 58 -44.27 5.76 -15.06
N ASN B 59 -44.88 6.47 -14.10
CA ASN B 59 -46.33 6.63 -14.04
C ASN B 59 -46.89 7.18 -15.36
N GLN B 60 -46.16 8.13 -15.94
CA GLN B 60 -46.50 8.73 -17.22
C GLN B 60 -46.29 7.78 -18.40
N GLY B 61 -45.62 6.66 -18.15
CA GLY B 61 -45.36 5.68 -19.20
C GLY B 61 -43.94 5.85 -19.71
N HIS B 62 -43.34 4.75 -20.15
CA HIS B 62 -41.99 4.78 -20.61
C HIS B 62 -41.73 5.76 -21.73
N CYS B 63 -40.61 6.48 -21.62
CA CYS B 63 -40.11 7.28 -22.72
C CYS B 63 -41.13 8.23 -23.29
N HIS B 64 -41.93 8.83 -22.41
CA HIS B 64 -42.90 9.83 -22.80
C HIS B 64 -42.24 11.01 -23.51
N PRO B 65 -42.70 11.32 -24.72
CA PRO B 65 -42.09 12.28 -25.66
C PRO B 65 -42.09 13.71 -25.13
N ASP B 66 -43.19 14.14 -24.52
CA ASP B 66 -43.25 15.50 -24.01
C ASP B 66 -42.14 15.74 -23.01
N ILE B 67 -41.97 14.80 -22.07
CA ILE B 67 -40.92 14.89 -21.07
C ILE B 67 -39.53 14.92 -21.71
N LEU B 68 -39.24 13.92 -22.55
CA LEU B 68 -38.00 13.90 -23.33
C LEU B 68 -37.72 15.23 -24.02
N ASN B 69 -38.79 15.89 -24.47
CA ASN B 69 -38.67 17.19 -25.12
C ASN B 69 -38.16 18.25 -24.14
N ALA B 70 -38.91 18.41 -23.05
CA ALA B 70 -38.50 19.27 -21.96
C ALA B 70 -37.03 19.06 -21.60
N MET B 71 -36.63 17.80 -21.50
CA MET B 71 -35.28 17.45 -21.16
C MET B 71 -34.26 18.01 -22.16
N ILE B 72 -34.56 17.87 -23.44
CA ILE B 72 -33.65 18.31 -24.48
C ILE B 72 -33.56 19.83 -24.56
N ASN B 73 -34.70 20.51 -24.46
CA ASN B 73 -34.72 21.97 -24.47
C ASN B 73 -33.84 22.55 -23.37
N GLN B 74 -33.85 21.92 -22.19
CA GLN B 74 -33.02 22.38 -21.07
C GLN B 74 -31.56 22.00 -21.23
N ALA B 75 -31.31 20.73 -21.56
CA ALA B 75 -29.94 20.23 -21.70
C ALA B 75 -29.11 20.98 -22.76
N LYS B 76 -29.77 21.67 -23.69
CA LYS B 76 -29.08 22.48 -24.68
C LYS B 76 -28.57 23.78 -24.06
N LYS B 77 -29.28 24.26 -23.04
CA LYS B 77 -28.98 25.54 -22.41
C LYS B 77 -27.99 25.38 -21.24
N LEU B 78 -28.28 24.45 -20.34
CA LEU B 78 -27.51 24.33 -19.12
C LEU B 78 -27.94 23.06 -18.40
N THR B 79 -26.98 22.23 -17.96
CA THR B 79 -27.31 20.95 -17.34
C THR B 79 -27.08 20.98 -15.85
N ILE B 80 -26.04 21.70 -15.44
CA ILE B 80 -25.70 21.79 -14.03
C ILE B 80 -24.73 22.92 -13.81
N CYS B 81 -24.91 23.65 -12.71
CA CYS B 81 -23.98 24.71 -12.34
C CYS B 81 -23.59 24.60 -10.88
N SER B 82 -24.31 23.75 -10.15
CA SER B 82 -24.08 23.52 -8.72
C SER B 82 -24.71 24.58 -7.84
N ARG B 83 -24.93 24.24 -6.57
CA ARG B 83 -25.60 25.17 -5.66
C ARG B 83 -24.70 26.31 -5.23
N ALA B 84 -23.52 26.41 -5.85
CA ALA B 84 -22.64 27.54 -5.61
C ALA B 84 -23.27 28.78 -6.20
N PHE B 85 -24.13 28.58 -7.20
CA PHE B 85 -24.76 29.68 -7.92
C PHE B 85 -26.25 29.42 -8.11
N PHE B 86 -26.93 30.34 -8.81
CA PHE B 86 -28.36 30.20 -9.07
C PHE B 86 -28.58 29.78 -10.51
N SER B 87 -29.68 29.08 -10.76
CA SER B 87 -30.13 28.91 -12.15
C SER B 87 -31.54 29.48 -12.33
N ASP B 88 -31.89 29.81 -13.57
CA ASP B 88 -33.23 30.30 -13.86
C ASP B 88 -34.23 29.18 -13.59
N SER B 89 -33.85 27.99 -13.98
CA SER B 89 -34.78 26.87 -14.03
C SER B 89 -35.32 26.42 -12.66
N LEU B 90 -34.45 26.41 -11.65
CA LEU B 90 -34.81 25.85 -10.35
C LEU B 90 -35.96 26.62 -9.71
N GLY B 91 -35.83 27.93 -9.63
CA GLY B 91 -36.90 28.78 -9.13
C GLY B 91 -38.25 28.51 -9.80
N VAL B 92 -38.26 28.43 -11.13
CA VAL B 92 -39.49 28.10 -11.83
C VAL B 92 -40.10 26.80 -11.31
N CYS B 93 -39.26 25.79 -11.13
CA CYS B 93 -39.71 24.53 -10.55
C CYS B 93 -40.26 24.73 -9.15
N GLU B 94 -39.51 25.44 -8.32
CA GLU B 94 -39.90 25.58 -6.92
C GLU B 94 -41.27 26.23 -6.85
N ARG B 95 -41.43 27.30 -7.61
CA ARG B 95 -42.69 28.02 -7.61
C ARG B 95 -43.79 27.13 -8.16
N TYR B 96 -43.47 26.32 -9.17
CA TYR B 96 -44.46 25.45 -9.77
C TYR B 96 -44.96 24.47 -8.70
N LEU B 97 -44.04 23.76 -8.07
CA LEU B 97 -44.38 22.72 -7.11
C LEU B 97 -45.14 23.25 -5.90
N THR B 98 -44.69 24.38 -5.38
CA THR B 98 -45.31 24.97 -4.19
C THR B 98 -46.75 25.33 -4.44
N ASN B 99 -47.01 26.08 -5.51
CA ASN B 99 -48.40 26.41 -5.86
C ASN B 99 -49.26 25.18 -6.06
N LEU B 100 -48.68 24.19 -6.72
CA LEU B 100 -49.42 23.00 -7.09
C LEU B 100 -49.83 22.16 -5.88
N PHE B 101 -49.04 22.16 -4.81
CA PHE B 101 -49.32 21.27 -3.69
C PHE B 101 -49.76 22.01 -2.45
N GLY B 102 -49.57 23.32 -2.47
CA GLY B 102 -50.07 24.15 -1.39
C GLY B 102 -49.18 24.15 -0.18
N TYR B 103 -47.91 24.43 -0.43
CA TYR B 103 -46.93 24.54 0.63
C TYR B 103 -46.02 25.73 0.38
N ASP B 104 -45.61 26.39 1.46
CA ASP B 104 -44.76 27.56 1.31
C ASP B 104 -43.55 27.27 0.46
N LYS B 105 -42.77 26.26 0.84
CA LYS B 105 -41.50 26.02 0.17
C LYS B 105 -41.29 24.56 -0.22
N VAL B 106 -40.29 24.34 -1.06
CA VAL B 106 -39.91 23.01 -1.45
C VAL B 106 -38.38 22.89 -1.43
N LEU B 107 -37.87 21.70 -1.13
CA LEU B 107 -36.43 21.43 -1.22
C LEU B 107 -36.18 20.29 -2.18
N MET B 108 -35.46 20.56 -3.27
CA MET B 108 -35.25 19.58 -4.34
C MET B 108 -34.01 18.75 -4.12
N MET B 109 -34.10 17.46 -4.43
CA MET B 109 -32.96 16.55 -4.28
C MET B 109 -32.97 15.46 -5.35
N ASN B 110 -32.07 14.49 -5.21
CA ASN B 110 -31.89 13.44 -6.21
C ASN B 110 -32.63 12.14 -5.93
N THR B 111 -32.20 11.42 -4.90
CA THR B 111 -32.75 10.10 -4.60
C THR B 111 -33.79 10.19 -3.51
N GLY B 112 -34.54 9.12 -3.30
CA GLY B 112 -35.62 9.17 -2.34
C GLY B 112 -35.03 8.99 -0.97
N ALA B 113 -33.89 8.33 -0.92
CA ALA B 113 -33.17 8.19 0.33
C ALA B 113 -32.72 9.54 0.83
N GLU B 114 -32.19 10.37 -0.07
CA GLU B 114 -31.81 11.73 0.27
C GLU B 114 -33.03 12.43 0.86
N ALA B 115 -34.20 12.18 0.27
CA ALA B 115 -35.40 12.78 0.81
C ALA B 115 -35.64 12.36 2.25
N SER B 116 -35.67 11.06 2.51
CA SER B 116 -35.89 10.57 3.86
C SER B 116 -34.84 11.05 4.86
N GLU B 117 -33.55 11.05 4.47
CA GLU B 117 -32.47 11.48 5.37
C GLU B 117 -32.76 12.91 5.78
N THR B 118 -32.89 13.74 4.74
CA THR B 118 -33.12 15.15 4.93
C THR B 118 -34.35 15.39 5.78
N ALA B 119 -35.41 14.63 5.52
CA ALA B 119 -36.59 14.70 6.39
C ALA B 119 -36.26 14.44 7.86
N TYR B 120 -35.44 13.44 8.16
CA TYR B 120 -35.10 13.19 9.56
C TYR B 120 -34.37 14.39 10.15
N LYS B 121 -33.34 14.89 9.47
CA LYS B 121 -32.68 16.11 9.92
C LYS B 121 -33.70 17.22 10.20
N LEU B 122 -34.59 17.48 9.23
CA LEU B 122 -35.62 18.49 9.36
C LEU B 122 -36.47 18.36 10.62
N CYS B 123 -37.13 17.21 10.78
CA CYS B 123 -37.92 16.92 11.97
C CYS B 123 -37.20 17.12 13.30
N ARG B 124 -35.98 16.57 13.40
CA ARG B 124 -35.20 16.76 14.60
C ARG B 124 -34.92 18.24 14.90
N LYS B 125 -34.61 19.01 13.86
CA LYS B 125 -34.23 20.39 14.08
C LYS B 125 -35.45 21.23 14.44
N TRP B 126 -36.56 20.96 13.77
CA TRP B 126 -37.80 21.60 14.13
C TRP B 126 -38.11 21.30 15.59
N GLY B 127 -37.86 20.04 15.99
CA GLY B 127 -38.07 19.60 17.36
C GLY B 127 -37.22 20.32 18.40
N TYR B 128 -35.98 20.62 18.05
CA TYR B 128 -35.16 21.49 18.89
C TYR B 128 -35.63 22.92 18.87
N GLU B 129 -35.57 23.53 17.68
CA GLU B 129 -35.72 24.97 17.51
C GLU B 129 -37.08 25.49 17.94
N VAL B 130 -38.11 24.66 17.78
CA VAL B 130 -39.49 25.06 18.05
C VAL B 130 -40.02 24.40 19.33
N LYS B 131 -40.10 23.08 19.34
CA LYS B 131 -40.75 22.35 20.42
C LYS B 131 -39.84 22.22 21.64
N LYS B 132 -38.66 22.86 21.58
CA LYS B 132 -37.70 22.88 22.69
C LYS B 132 -37.00 21.51 23.03
N ILE B 133 -37.35 20.42 22.32
CA ILE B 133 -36.68 19.13 22.52
C ILE B 133 -35.18 19.15 22.20
N PRO B 134 -34.35 18.48 23.02
CA PRO B 134 -32.92 18.37 22.69
C PRO B 134 -32.61 17.31 21.58
N GLU B 135 -31.83 17.68 20.55
CA GLU B 135 -31.43 16.71 19.53
C GLU B 135 -30.85 15.41 20.13
N ASN B 136 -30.32 15.50 21.35
CA ASN B 136 -29.84 14.33 22.10
C ASN B 136 -30.93 13.32 22.34
N SER B 137 -32.17 13.72 22.13
CA SER B 137 -33.27 13.00 22.73
C SER B 137 -34.45 12.93 21.80
N ALA B 138 -34.37 13.69 20.70
CA ALA B 138 -35.41 13.69 19.70
C ALA B 138 -35.67 12.28 19.21
N LYS B 139 -36.94 11.99 18.90
CA LYS B 139 -37.34 10.68 18.38
C LYS B 139 -38.35 10.91 17.26
N ILE B 140 -38.29 10.05 16.24
CA ILE B 140 -39.27 10.12 15.16
C ILE B 140 -39.96 8.79 15.15
N ILE B 141 -41.28 8.83 15.15
CA ILE B 141 -42.04 7.60 15.06
C ILE B 141 -42.18 7.13 13.61
N VAL B 142 -41.99 5.83 13.40
CA VAL B 142 -42.24 5.23 12.09
C VAL B 142 -43.19 4.06 12.26
N CYS B 143 -43.51 3.38 11.15
CA CYS B 143 -44.30 2.15 11.24
C CYS B 143 -43.53 0.89 10.94
N ASN B 144 -44.03 -0.22 11.48
CA ASN B 144 -43.48 -1.55 11.26
C ASN B 144 -43.63 -1.98 9.82
N ASN B 145 -42.60 -1.71 9.01
CA ASN B 145 -42.66 -2.12 7.61
C ASN B 145 -42.92 -3.61 7.56
N ASN B 146 -42.68 -4.29 8.67
CA ASN B 146 -43.03 -5.70 8.82
C ASN B 146 -43.95 -5.92 10.02
N PHE B 147 -43.36 -6.02 11.21
CA PHE B 147 -44.10 -6.07 12.49
C PHE B 147 -43.12 -6.22 13.66
N LYS B 162 -39.32 -3.33 26.09
CA LYS B 162 -38.52 -4.55 26.17
C LYS B 162 -37.13 -4.31 26.82
N CYS B 163 -36.11 -5.06 26.42
CA CYS B 163 -34.74 -4.70 26.77
C CYS B 163 -34.25 -3.61 25.83
N LYS B 164 -34.25 -2.36 26.29
CA LYS B 164 -33.79 -1.24 25.46
C LYS B 164 -33.79 0.10 26.19
N ASN B 165 -32.59 0.69 26.31
CA ASN B 165 -32.42 2.01 26.89
C ASN B 165 -33.39 2.98 26.24
N ASN B 166 -34.39 3.45 26.99
CA ASN B 166 -35.35 4.40 26.44
C ASN B 166 -35.62 5.51 27.44
N PHE B 167 -34.77 6.53 27.43
CA PHE B 167 -34.88 7.61 28.43
C PHE B 167 -33.79 8.65 28.23
N GLY B 168 -34.19 9.92 28.08
CA GLY B 168 -33.24 11.00 27.90
C GLY B 168 -32.44 10.89 26.63
N PRO B 169 -31.09 10.98 26.75
CA PRO B 169 -30.16 10.90 25.62
C PRO B 169 -30.04 9.47 25.14
N PHE B 170 -30.39 8.50 25.98
CA PHE B 170 -30.26 7.08 25.62
C PHE B 170 -31.55 6.62 24.95
N VAL B 171 -31.71 6.98 23.68
CA VAL B 171 -32.98 6.80 22.98
C VAL B 171 -32.75 6.29 21.54
N PRO B 172 -33.74 5.55 21.01
CA PRO B 172 -33.61 4.79 19.76
C PRO B 172 -33.48 5.57 18.46
N ASN B 173 -33.86 6.85 18.42
CA ASN B 173 -33.93 7.60 17.14
C ASN B 173 -35.23 7.37 16.39
N PHE B 174 -35.54 6.09 16.15
CA PHE B 174 -36.87 5.71 15.65
C PHE B 174 -37.65 4.84 16.64
N LEU B 175 -38.91 5.18 16.86
CA LEU B 175 -39.84 4.33 17.58
C LEU B 175 -40.77 3.67 16.57
N LYS B 176 -40.78 2.33 16.54
CA LYS B 176 -41.67 1.60 15.64
C LYS B 176 -43.05 1.38 16.27
N VAL B 177 -44.12 1.61 15.50
CA VAL B 177 -45.47 1.25 15.95
C VAL B 177 -46.23 0.62 14.82
N PRO B 178 -47.29 -0.12 15.14
CA PRO B 178 -48.12 -0.80 14.14
C PRO B 178 -48.81 0.18 13.20
N TYR B 179 -48.85 -0.20 11.93
CA TYR B 179 -49.52 0.57 10.91
C TYR B 179 -51.00 0.45 11.16
N ASP B 180 -51.78 1.41 10.70
CA ASP B 180 -53.23 1.41 10.95
C ASP B 180 -53.58 1.10 12.43
N ASP B 181 -52.99 1.84 13.36
CA ASP B 181 -53.25 1.61 14.78
C ASP B 181 -53.20 2.91 15.57
N LEU B 182 -54.38 3.51 15.78
CA LEU B 182 -54.44 4.82 16.42
C LEU B 182 -54.13 4.73 17.90
N GLU B 183 -54.54 3.64 18.52
CA GLU B 183 -54.30 3.46 19.95
C GLU B 183 -52.79 3.41 20.22
N ALA B 184 -52.08 2.60 19.45
CA ALA B 184 -50.64 2.48 19.61
C ALA B 184 -49.95 3.79 19.28
N LEU B 185 -50.39 4.45 18.20
CA LEU B 185 -49.81 5.71 17.81
C LEU B 185 -49.94 6.75 18.93
N GLU B 186 -51.13 6.84 19.52
CA GLU B 186 -51.34 7.86 20.55
C GLU B 186 -50.46 7.62 21.74
N LYS B 187 -50.23 6.33 22.03
CA LYS B 187 -49.41 5.94 23.17
C LYS B 187 -47.98 6.49 23.05
N GLU B 188 -47.44 6.47 21.85
CA GLU B 188 -46.09 6.97 21.62
C GLU B 188 -46.05 8.49 21.54
N LEU B 189 -47.11 9.08 20.99
CA LEU B 189 -47.17 10.52 20.84
C LEU B 189 -47.10 11.23 22.20
N GLN B 190 -47.43 10.50 23.27
CA GLN B 190 -47.40 11.02 24.63
C GLN B 190 -45.96 11.37 25.06
N ASP B 191 -44.98 10.70 24.46
CA ASP B 191 -43.58 11.01 24.72
C ASP B 191 -43.30 12.45 24.28
N PRO B 192 -42.94 13.31 25.23
CA PRO B 192 -42.70 14.71 24.93
C PRO B 192 -41.50 14.93 24.00
N ASN B 193 -40.69 13.90 23.80
CA ASN B 193 -39.48 14.00 22.98
C ASN B 193 -39.68 13.55 21.53
N VAL B 194 -40.89 13.17 21.18
CA VAL B 194 -41.23 12.87 19.81
C VAL B 194 -41.38 14.19 19.06
N CYS B 195 -40.81 14.25 17.86
CA CYS B 195 -40.94 15.46 17.06
C CYS B 195 -41.71 15.22 15.76
N ALA B 196 -41.95 13.95 15.43
CA ALA B 196 -42.51 13.60 14.14
C ALA B 196 -43.00 12.15 14.00
N PHE B 197 -44.06 11.99 13.23
CA PHE B 197 -44.52 10.69 12.79
C PHE B 197 -44.38 10.68 11.28
N ILE B 198 -43.54 9.79 10.74
CA ILE B 198 -43.38 9.69 9.30
C ILE B 198 -44.03 8.41 8.81
N VAL B 199 -45.01 8.55 7.93
CA VAL B 199 -45.84 7.42 7.55
C VAL B 199 -46.26 7.49 6.06
N GLU B 200 -46.40 6.30 5.46
CA GLU B 200 -46.78 6.14 4.07
C GLU B 200 -48.31 6.01 4.03
N PRO B 201 -48.96 6.74 3.12
CA PRO B 201 -50.42 6.67 2.93
C PRO B 201 -50.91 5.25 2.61
N VAL B 202 -50.08 4.46 1.92
CA VAL B 202 -50.26 3.02 1.84
C VAL B 202 -48.87 2.38 1.80
N GLN B 203 -48.66 1.38 2.66
CA GLN B 203 -47.36 0.77 2.83
C GLN B 203 -46.97 -0.04 1.62
N GLY B 204 -45.88 0.38 0.97
CA GLY B 204 -45.43 -0.28 -0.24
C GLY B 204 -44.60 -1.50 0.08
N GLU B 205 -43.55 -1.28 0.85
CA GLU B 205 -42.61 -2.36 1.17
C GLU B 205 -43.26 -3.48 1.98
N ALA B 206 -44.23 -3.13 2.82
CA ALA B 206 -44.93 -4.12 3.63
C ALA B 206 -45.85 -5.00 2.81
N GLY B 207 -45.92 -4.74 1.51
CA GLY B 207 -46.71 -5.55 0.61
C GLY B 207 -48.02 -4.91 0.23
N VAL B 208 -48.00 -3.62 -0.04
CA VAL B 208 -49.19 -2.88 -0.42
C VAL B 208 -50.31 -3.01 0.61
N ILE B 209 -50.10 -2.43 1.79
CA ILE B 209 -51.09 -2.48 2.86
C ILE B 209 -51.88 -1.17 2.90
N VAL B 210 -53.19 -1.27 2.65
CA VAL B 210 -54.08 -0.11 2.64
C VAL B 210 -54.62 0.19 4.04
N PRO B 211 -54.73 1.47 4.41
CA PRO B 211 -55.24 1.72 5.75
C PRO B 211 -56.74 1.83 5.72
N SER B 212 -57.38 1.60 6.87
CA SER B 212 -58.80 1.85 7.02
C SER B 212 -59.11 3.34 6.86
N ASP B 213 -60.14 3.64 6.08
CA ASP B 213 -60.58 5.03 5.95
C ASP B 213 -61.02 5.48 7.33
N SER B 214 -60.21 6.32 7.95
CA SER B 214 -60.46 6.79 9.33
C SER B 214 -59.13 6.90 10.04
N TYR B 215 -58.16 6.11 9.58
CA TYR B 215 -56.82 6.12 10.13
C TYR B 215 -56.20 7.49 9.95
N PHE B 216 -56.07 7.94 8.71
CA PHE B 216 -55.34 9.17 8.53
C PHE B 216 -56.02 10.37 9.16
N PRO B 217 -57.36 10.46 9.06
CA PRO B 217 -58.07 11.51 9.79
C PRO B 217 -57.67 11.49 11.24
N GLY B 218 -57.61 10.30 11.83
CA GLY B 218 -57.21 10.18 13.23
C GLY B 218 -55.76 10.60 13.42
N VAL B 219 -54.90 10.16 12.51
CA VAL B 219 -53.49 10.52 12.55
C VAL B 219 -53.34 12.04 12.61
N ALA B 220 -54.05 12.73 11.72
CA ALA B 220 -53.90 14.18 11.62
C ALA B 220 -54.28 14.86 12.92
N SER B 221 -55.40 14.43 13.51
CA SER B 221 -55.85 14.96 14.79
C SER B 221 -54.80 14.70 15.84
N LEU B 222 -54.42 13.43 15.94
CA LEU B 222 -53.50 13.03 16.98
C LEU B 222 -52.23 13.86 16.95
N CYS B 223 -51.67 14.04 15.76
CA CYS B 223 -50.46 14.84 15.62
C CYS B 223 -50.72 16.29 15.95
N LYS B 224 -51.81 16.83 15.44
CA LYS B 224 -52.18 18.21 15.74
C LYS B 224 -52.16 18.38 17.26
N LYS B 225 -52.75 17.41 17.96
CA LYS B 225 -52.95 17.53 19.39
C LYS B 225 -51.67 17.44 20.20
N TYR B 226 -50.80 16.49 19.88
CA TYR B 226 -49.54 16.35 20.61
C TYR B 226 -48.44 17.26 20.04
N ASN B 227 -48.81 18.13 19.13
CA ASN B 227 -47.85 19.07 18.57
C ASN B 227 -46.66 18.34 17.96
N VAL B 228 -46.95 17.49 16.98
CA VAL B 228 -45.94 16.65 16.38
C VAL B 228 -46.11 16.70 14.87
N LEU B 229 -45.01 16.88 14.15
CA LEU B 229 -45.05 16.94 12.69
C LEU B 229 -45.61 15.65 12.07
N PHE B 230 -46.66 15.80 11.27
CA PHE B 230 -47.21 14.71 10.47
C PHE B 230 -46.54 14.72 9.09
N VAL B 231 -45.63 13.77 8.86
CA VAL B 231 -44.89 13.68 7.60
C VAL B 231 -45.43 12.52 6.77
N ALA B 232 -45.80 12.78 5.53
CA ALA B 232 -46.30 11.74 4.66
C ALA B 232 -45.32 11.40 3.55
N ASP B 233 -44.92 10.14 3.50
CA ASP B 233 -43.99 9.67 2.47
C ASP B 233 -44.82 9.29 1.24
N GLU B 234 -44.84 10.16 0.25
CA GLU B 234 -45.64 9.92 -0.95
C GLU B 234 -44.73 9.59 -2.15
N VAL B 235 -43.57 9.02 -1.88
CA VAL B 235 -42.61 8.76 -2.96
C VAL B 235 -43.12 7.68 -3.89
N GLN B 236 -43.91 6.75 -3.36
CA GLN B 236 -44.48 5.67 -4.16
C GLN B 236 -45.96 5.93 -4.41
N THR B 237 -46.64 6.48 -3.41
CA THR B 237 -48.09 6.58 -3.46
C THR B 237 -48.59 7.81 -4.19
N GLY B 238 -47.72 8.79 -4.37
CA GLY B 238 -48.14 10.07 -4.93
C GLY B 238 -48.20 10.13 -6.44
N LEU B 239 -48.43 11.33 -6.95
CA LEU B 239 -48.45 11.59 -8.38
C LEU B 239 -49.23 10.57 -9.17
N GLY B 240 -50.52 10.43 -8.86
CA GLY B 240 -51.42 9.68 -9.70
C GLY B 240 -51.57 8.21 -9.37
N ARG B 241 -50.53 7.61 -8.78
CA ARG B 241 -50.53 6.18 -8.52
C ARG B 241 -51.85 5.66 -7.93
N THR B 242 -52.47 6.38 -7.01
CA THR B 242 -53.71 5.89 -6.39
C THR B 242 -54.97 6.64 -6.81
N GLY B 243 -54.83 7.58 -7.74
CA GLY B 243 -55.97 8.31 -8.25
C GLY B 243 -55.89 9.81 -8.00
N LYS B 244 -55.10 10.20 -6.99
CA LYS B 244 -54.92 11.59 -6.65
C LYS B 244 -53.46 11.99 -6.75
N LEU B 245 -53.20 13.30 -6.78
CA LEU B 245 -51.83 13.80 -6.78
C LEU B 245 -51.13 13.45 -5.46
N LEU B 246 -51.85 13.57 -4.36
CA LEU B 246 -51.35 13.03 -3.11
C LEU B 246 -52.34 11.99 -2.66
N CYS B 247 -51.86 10.80 -2.34
CA CYS B 247 -52.74 9.78 -1.83
C CYS B 247 -53.49 10.28 -0.59
N THR B 248 -52.86 11.17 0.17
CA THR B 248 -53.47 11.68 1.40
C THR B 248 -54.68 12.57 1.11
N HIS B 249 -54.73 13.10 -0.11
CA HIS B 249 -55.87 13.87 -0.58
C HIS B 249 -57.13 13.02 -0.40
N HIS B 250 -57.00 11.69 -0.55
CA HIS B 250 -58.13 10.75 -0.45
C HIS B 250 -58.79 10.84 0.91
N TYR B 251 -58.01 11.09 1.94
CA TYR B 251 -58.55 11.06 3.30
C TYR B 251 -58.79 12.46 3.86
N GLY B 252 -58.82 13.45 2.97
CA GLY B 252 -58.99 14.83 3.39
C GLY B 252 -58.12 15.28 4.58
N VAL B 253 -56.83 15.02 4.51
CA VAL B 253 -55.90 15.51 5.53
C VAL B 253 -54.74 16.23 4.86
N LYS B 254 -54.21 17.25 5.52
CA LYS B 254 -53.06 17.98 5.00
C LYS B 254 -51.87 17.81 5.94
N PRO B 255 -50.92 16.97 5.52
CA PRO B 255 -49.70 16.72 6.28
C PRO B 255 -48.82 17.96 6.35
N ASP B 256 -48.03 18.04 7.43
CA ASP B 256 -47.11 19.14 7.62
C ASP B 256 -45.98 19.10 6.61
N VAL B 257 -45.56 17.90 6.26
CA VAL B 257 -44.44 17.71 5.36
C VAL B 257 -44.80 16.62 4.36
N ILE B 258 -44.41 16.81 3.10
CA ILE B 258 -44.64 15.82 2.05
C ILE B 258 -43.32 15.39 1.45
N LEU B 259 -43.13 14.09 1.25
CA LEU B 259 -41.98 13.60 0.51
C LEU B 259 -42.46 13.14 -0.87
N LEU B 260 -41.83 13.64 -1.93
CA LEU B 260 -42.14 13.21 -3.29
C LEU B 260 -40.92 12.64 -3.98
N GLY B 261 -41.13 11.78 -4.96
CA GLY B 261 -40.01 11.26 -5.73
C GLY B 261 -40.44 10.41 -6.90
N LYS B 262 -39.51 9.57 -7.37
CA LYS B 262 -39.81 8.65 -8.46
C LYS B 262 -40.52 9.33 -9.62
N ALA B 263 -41.84 9.16 -9.70
CA ALA B 263 -42.64 9.67 -10.83
C ALA B 263 -42.50 11.18 -11.02
N LEU B 264 -41.85 11.82 -10.07
CA LEU B 264 -41.56 13.22 -10.14
C LEU B 264 -40.77 13.59 -11.41
N SER B 265 -40.28 12.58 -12.13
CA SER B 265 -39.44 12.83 -13.32
C SER B 265 -39.84 11.98 -14.54
N GLY B 266 -40.83 11.12 -14.39
CA GLY B 266 -41.20 10.22 -15.46
C GLY B 266 -40.03 9.36 -15.87
N GLY B 267 -39.16 9.03 -14.92
CA GLY B 267 -38.04 8.13 -15.13
C GLY B 267 -36.87 8.68 -15.95
N HIS B 268 -36.92 9.97 -16.25
CA HIS B 268 -35.87 10.60 -17.06
C HIS B 268 -34.70 11.16 -16.26
N TYR B 269 -34.78 11.11 -14.92
CA TYR B 269 -33.75 11.72 -14.06
C TYR B 269 -34.06 11.34 -12.62
N PRO B 270 -33.03 11.21 -11.76
CA PRO B 270 -33.40 11.03 -10.35
C PRO B 270 -33.79 12.37 -9.73
N ILE B 271 -35.03 12.48 -9.31
CA ILE B 271 -35.52 13.73 -8.73
C ILE B 271 -36.45 13.42 -7.58
N SER B 272 -36.24 14.09 -6.45
CA SER B 272 -37.11 13.91 -5.30
C SER B 272 -37.24 15.23 -4.55
N ALA B 273 -38.21 15.32 -3.64
CA ALA B 273 -38.50 16.59 -2.98
C ALA B 273 -39.15 16.47 -1.62
N ILE B 274 -38.90 17.48 -0.78
CA ILE B 274 -39.62 17.69 0.45
C ILE B 274 -40.40 19.00 0.34
N LEU B 275 -41.68 18.95 0.73
CA LEU B 275 -42.54 20.13 0.77
C LEU B 275 -42.95 20.47 2.19
N ALA B 276 -42.85 21.74 2.54
CA ALA B 276 -43.29 22.19 3.87
C ALA B 276 -43.56 23.68 3.87
N ASN B 277 -44.37 24.14 4.82
CA ASN B 277 -44.59 25.57 5.03
C ASN B 277 -43.45 26.23 5.82
N ASP B 278 -43.43 27.56 5.82
CA ASP B 278 -42.27 28.29 6.34
C ASP B 278 -41.89 27.95 7.77
N ASP B 279 -42.89 27.76 8.63
CA ASP B 279 -42.64 27.42 10.04
C ASP B 279 -41.88 26.13 10.23
N VAL B 280 -41.96 25.21 9.27
CA VAL B 280 -41.13 24.02 9.35
C VAL B 280 -39.85 24.18 8.53
N MET B 281 -39.99 24.56 7.26
CA MET B 281 -38.82 24.59 6.38
C MET B 281 -37.73 25.54 6.79
N LEU B 282 -38.09 26.60 7.52
CA LEU B 282 -37.13 27.66 7.86
C LEU B 282 -36.23 27.30 9.04
N VAL B 283 -36.41 26.10 9.58
CA VAL B 283 -35.57 25.60 10.62
C VAL B 283 -34.20 25.22 10.06
N LEU B 284 -34.16 24.93 8.76
CA LEU B 284 -32.92 24.49 8.09
C LEU B 284 -31.86 25.58 7.89
N LYS B 285 -30.70 25.40 8.52
CA LYS B 285 -29.59 26.35 8.38
C LYS B 285 -28.75 26.05 7.13
N PRO B 286 -28.27 27.12 6.47
CA PRO B 286 -27.48 27.02 5.23
C PRO B 286 -26.13 26.38 5.44
N GLY B 287 -25.22 26.51 4.47
CA GLY B 287 -23.85 26.00 4.59
C GLY B 287 -23.73 24.49 4.76
N GLU B 288 -24.81 23.86 5.23
CA GLU B 288 -24.89 22.41 5.36
C GLU B 288 -24.95 21.78 3.97
N HIS B 289 -23.90 21.04 3.60
CA HIS B 289 -23.84 20.47 2.25
C HIS B 289 -24.78 19.31 2.01
N GLY B 290 -25.28 19.23 0.78
CA GLY B 290 -26.09 18.12 0.31
C GLY B 290 -25.39 17.57 -0.92
N SER B 291 -26.17 17.16 -1.92
CA SER B 291 -25.57 16.72 -3.18
C SER B 291 -25.37 17.85 -4.19
N THR B 292 -24.34 17.68 -5.01
CA THR B 292 -23.98 18.60 -6.08
C THR B 292 -25.12 18.70 -7.10
N TYR B 293 -25.73 17.57 -7.40
CA TYR B 293 -26.76 17.51 -8.44
C TYR B 293 -28.16 17.89 -7.98
N GLY B 294 -28.37 17.96 -6.68
CA GLY B 294 -29.66 18.35 -6.13
C GLY B 294 -30.07 19.74 -6.56
N GLY B 295 -31.25 19.84 -7.15
CA GLY B 295 -31.79 21.12 -7.60
C GLY B 295 -31.14 21.67 -8.86
N ASN B 296 -30.52 20.81 -9.64
CA ASN B 296 -29.90 21.24 -10.89
C ASN B 296 -30.96 21.65 -11.93
N PRO B 297 -30.57 22.54 -12.86
CA PRO B 297 -31.54 23.09 -13.82
C PRO B 297 -32.14 22.00 -14.65
N LEU B 298 -31.36 20.98 -15.00
CA LEU B 298 -31.87 19.97 -15.90
C LEU B 298 -33.00 19.20 -15.24
N ALA B 299 -32.81 18.83 -13.99
CA ALA B 299 -33.85 18.12 -13.29
C ALA B 299 -35.09 19.00 -13.12
N ALA B 300 -34.85 20.29 -12.83
CA ALA B 300 -35.92 21.23 -12.50
C ALA B 300 -36.86 21.38 -13.65
N ALA B 301 -36.30 21.38 -14.85
CA ALA B 301 -37.08 21.49 -16.08
C ALA B 301 -37.92 20.24 -16.30
N ILE B 302 -37.26 19.09 -16.21
CA ILE B 302 -37.89 17.79 -16.36
C ILE B 302 -39.01 17.61 -15.36
N CYS B 303 -38.79 18.03 -14.12
CA CYS B 303 -39.80 17.91 -13.09
C CYS B 303 -41.09 18.62 -13.50
N VAL B 304 -40.97 19.85 -13.99
CA VAL B 304 -42.20 20.60 -14.26
C VAL B 304 -42.97 19.92 -15.37
N GLU B 305 -42.25 19.42 -16.38
CA GLU B 305 -42.92 18.77 -17.50
C GLU B 305 -43.56 17.45 -17.12
N ALA B 306 -42.85 16.66 -16.33
CA ALA B 306 -43.38 15.39 -15.87
C ALA B 306 -44.72 15.55 -15.17
N LEU B 307 -44.87 16.57 -14.33
CA LEU B 307 -46.11 16.81 -13.62
C LEU B 307 -47.17 17.43 -14.52
N LYS B 308 -46.75 18.31 -15.43
CA LYS B 308 -47.65 18.86 -16.44
C LYS B 308 -48.28 17.72 -17.29
N VAL B 309 -47.45 16.80 -17.76
CA VAL B 309 -47.98 15.62 -18.43
C VAL B 309 -49.02 14.87 -17.56
N LEU B 310 -48.71 14.66 -16.29
CA LEU B 310 -49.58 13.94 -15.39
C LEU B 310 -50.96 14.56 -15.34
N ILE B 311 -50.99 15.88 -15.39
CA ILE B 311 -52.22 16.62 -15.17
C ILE B 311 -53.02 16.77 -16.47
N ASN B 312 -52.31 17.14 -17.53
CA ASN B 312 -52.91 17.34 -18.85
C ASN B 312 -53.55 16.09 -19.44
N GLU B 313 -52.90 14.94 -19.28
CA GLU B 313 -53.41 13.68 -19.81
C GLU B 313 -54.35 13.02 -18.81
N LYS B 314 -54.65 13.73 -17.74
CA LYS B 314 -55.59 13.28 -16.73
C LYS B 314 -55.30 11.86 -16.24
N LEU B 315 -54.01 11.58 -16.04
CA LEU B 315 -53.55 10.26 -15.63
C LEU B 315 -53.97 9.92 -14.21
N CYS B 316 -54.23 10.92 -13.39
CA CYS B 316 -54.70 10.67 -12.06
C CYS B 316 -56.06 10.06 -12.13
N GLU B 317 -56.89 10.63 -12.99
CA GLU B 317 -58.29 10.23 -13.05
C GLU B 317 -58.38 8.87 -13.72
N ASN B 318 -57.61 8.70 -14.78
CA ASN B 318 -57.57 7.39 -15.41
C ASN B 318 -57.34 6.33 -14.35
N ALA B 319 -56.26 6.49 -13.60
CA ALA B 319 -55.93 5.62 -12.47
C ALA B 319 -57.11 5.46 -11.52
N ASP B 320 -57.76 6.56 -11.16
CA ASP B 320 -58.85 6.50 -10.20
C ASP B 320 -60.00 5.68 -10.76
N LYS B 321 -60.32 5.92 -12.03
CA LYS B 321 -61.46 5.29 -12.69
C LYS B 321 -61.26 3.80 -12.94
N LEU B 322 -60.12 3.45 -13.52
CA LEU B 322 -59.85 2.07 -13.89
C LEU B 322 -59.45 1.18 -12.71
N GLY B 323 -58.98 1.82 -11.65
CA GLY B 323 -58.38 1.10 -10.54
C GLY B 323 -59.31 0.20 -9.75
N ALA B 324 -60.26 0.81 -9.04
CA ALA B 324 -61.19 0.06 -8.20
C ALA B 324 -61.86 -1.10 -8.95
N PRO B 325 -62.34 -0.86 -10.18
CA PRO B 325 -62.86 -1.93 -11.05
C PRO B 325 -61.85 -3.07 -11.22
N PHE B 326 -60.72 -2.80 -11.86
CA PHE B 326 -59.66 -3.78 -12.05
C PHE B 326 -59.47 -4.65 -10.81
N LEU B 327 -59.40 -4.01 -9.65
CA LEU B 327 -59.15 -4.71 -8.41
C LEU B 327 -60.32 -5.60 -8.05
N GLN B 328 -61.53 -5.06 -8.17
CA GLN B 328 -62.76 -5.79 -7.83
C GLN B 328 -62.91 -7.02 -8.73
N ASN B 329 -62.87 -6.79 -10.03
CA ASN B 329 -62.96 -7.84 -11.03
C ASN B 329 -61.90 -8.94 -10.81
N LEU B 330 -60.70 -8.53 -10.46
CA LEU B 330 -59.63 -9.49 -10.19
C LEU B 330 -59.90 -10.30 -8.92
N LYS B 331 -60.44 -9.63 -7.90
CA LYS B 331 -60.85 -10.28 -6.66
C LYS B 331 -61.84 -11.39 -6.99
N GLU B 332 -62.76 -11.10 -7.91
CA GLU B 332 -63.78 -12.05 -8.32
C GLU B 332 -63.14 -13.26 -8.99
N GLN B 333 -62.45 -13.01 -10.10
CA GLN B 333 -61.88 -14.09 -10.89
C GLN B 333 -60.86 -14.99 -10.19
N LEU B 334 -60.45 -14.63 -8.97
CA LEU B 334 -59.46 -15.43 -8.24
C LEU B 334 -59.99 -15.89 -6.89
N LYS B 335 -61.29 -15.70 -6.66
CA LYS B 335 -61.89 -15.98 -5.36
C LYS B 335 -61.73 -17.45 -4.96
N ASP B 336 -61.59 -18.31 -5.97
CA ASP B 336 -61.58 -19.75 -5.75
C ASP B 336 -60.18 -20.34 -5.95
N SER B 337 -59.16 -19.51 -5.78
CA SER B 337 -57.79 -19.96 -5.95
C SER B 337 -57.23 -20.47 -4.64
N LYS B 338 -56.54 -21.60 -4.68
CA LYS B 338 -56.00 -22.20 -3.47
C LYS B 338 -54.71 -21.50 -3.01
N VAL B 339 -53.99 -20.91 -3.97
CA VAL B 339 -52.71 -20.26 -3.68
C VAL B 339 -52.79 -18.75 -3.37
N VAL B 340 -53.84 -18.09 -3.85
CA VAL B 340 -54.03 -16.69 -3.55
C VAL B 340 -54.50 -16.52 -2.11
N ARG B 341 -53.89 -15.57 -1.41
CA ARG B 341 -54.29 -15.24 -0.04
C ARG B 341 -55.20 -14.02 -0.05
N GLU B 342 -54.79 -12.98 -0.77
CA GLU B 342 -55.54 -11.74 -0.78
C GLU B 342 -55.19 -10.86 -1.97
N VAL B 343 -56.12 -10.01 -2.38
CA VAL B 343 -55.86 -9.05 -3.44
C VAL B 343 -56.16 -7.64 -2.92
N ARG B 344 -55.12 -6.81 -2.84
CA ARG B 344 -55.23 -5.47 -2.27
C ARG B 344 -54.93 -4.39 -3.28
N GLY B 345 -55.37 -3.18 -2.98
CA GLY B 345 -55.03 -2.04 -3.82
C GLY B 345 -55.79 -0.76 -3.52
N LYS B 346 -55.38 0.29 -4.21
CA LYS B 346 -56.12 1.55 -4.27
C LYS B 346 -55.59 2.19 -5.53
N GLY B 347 -56.49 2.57 -6.42
CA GLY B 347 -56.06 3.10 -7.70
C GLY B 347 -55.28 2.04 -8.44
N LEU B 348 -54.25 2.45 -9.16
CA LEU B 348 -53.39 1.47 -9.81
C LEU B 348 -52.16 1.05 -8.97
N LEU B 349 -52.32 1.09 -7.65
CA LEU B 349 -51.30 0.59 -6.76
C LEU B 349 -51.86 -0.68 -6.11
N CYS B 350 -51.57 -1.82 -6.75
CA CYS B 350 -52.19 -3.07 -6.37
C CYS B 350 -51.20 -4.19 -6.11
N ALA B 351 -51.68 -5.27 -5.50
CA ALA B 351 -50.82 -6.40 -5.22
C ALA B 351 -51.63 -7.67 -5.05
N ILE B 352 -50.95 -8.81 -5.16
CA ILE B 352 -51.55 -10.10 -4.83
C ILE B 352 -50.62 -10.78 -3.83
N GLU B 353 -51.16 -11.16 -2.68
CA GLU B 353 -50.40 -11.90 -1.69
C GLU B 353 -50.70 -13.37 -1.83
N PHE B 354 -49.65 -14.17 -1.95
CA PHE B 354 -49.82 -15.60 -2.04
C PHE B 354 -49.52 -16.30 -0.72
N LYS B 355 -49.86 -17.58 -0.66
CA LYS B 355 -49.53 -18.40 0.49
C LYS B 355 -48.22 -19.11 0.19
N ASN B 356 -47.10 -18.52 0.61
CA ASN B 356 -45.78 -19.02 0.25
C ASN B 356 -45.52 -20.41 0.80
N ASP B 357 -46.46 -20.92 1.58
CA ASP B 357 -46.48 -22.32 1.98
C ASP B 357 -46.68 -23.23 0.79
N LEU B 358 -47.50 -22.78 -0.16
CA LEU B 358 -47.88 -23.59 -1.30
C LEU B 358 -47.07 -23.27 -2.55
N VAL B 359 -46.80 -21.99 -2.78
CA VAL B 359 -46.04 -21.62 -3.98
C VAL B 359 -44.81 -20.81 -3.69
N ASN B 360 -43.88 -20.93 -4.63
CA ASN B 360 -42.67 -20.14 -4.67
C ASN B 360 -42.97 -18.85 -5.45
N VAL B 361 -42.94 -17.72 -4.76
CA VAL B 361 -43.38 -16.49 -5.38
C VAL B 361 -42.54 -16.10 -6.59
N TRP B 362 -41.26 -16.39 -6.50
CA TRP B 362 -40.32 -16.11 -7.58
C TRP B 362 -40.69 -16.83 -8.88
N ASP B 363 -41.16 -18.06 -8.77
CA ASP B 363 -41.59 -18.80 -9.95
C ASP B 363 -42.83 -18.14 -10.56
N ILE B 364 -43.74 -17.67 -9.72
CA ILE B 364 -44.93 -17.01 -10.21
C ILE B 364 -44.48 -15.85 -11.09
N CYS B 365 -43.42 -15.17 -10.66
CA CYS B 365 -42.90 -14.05 -11.44
C CYS B 365 -42.29 -14.48 -12.76
N LEU B 366 -41.64 -15.63 -12.75
CA LEU B 366 -41.08 -16.16 -13.99
C LEU B 366 -42.20 -16.56 -14.93
N LYS B 367 -43.29 -17.06 -14.37
CA LYS B 367 -44.43 -17.50 -15.16
C LYS B 367 -45.11 -16.32 -15.83
N PHE B 368 -45.33 -15.27 -15.03
CA PHE B 368 -45.82 -14.02 -15.57
C PHE B 368 -44.97 -13.59 -16.75
N LYS B 369 -43.68 -13.47 -16.52
CA LYS B 369 -42.75 -13.10 -17.58
C LYS B 369 -42.99 -13.93 -18.83
N GLU B 370 -43.20 -15.23 -18.64
CA GLU B 370 -43.44 -16.12 -19.76
C GLU B 370 -44.76 -15.72 -20.44
N ASN B 371 -45.79 -15.47 -19.63
CA ASN B 371 -47.10 -15.09 -20.14
C ASN B 371 -47.23 -13.61 -20.60
N GLY B 372 -46.13 -12.87 -20.57
CA GLY B 372 -46.04 -11.56 -21.22
C GLY B 372 -46.22 -10.36 -20.32
N LEU B 373 -46.07 -10.57 -19.02
CA LEU B 373 -46.22 -9.50 -18.05
C LEU B 373 -45.13 -9.63 -17.00
N ILE B 374 -44.27 -8.62 -16.89
CA ILE B 374 -43.17 -8.67 -15.93
C ILE B 374 -43.41 -7.86 -14.66
N THR B 375 -43.05 -8.46 -13.54
CA THR B 375 -43.14 -7.81 -12.24
C THR B 375 -42.22 -8.50 -11.26
N ARG B 376 -42.23 -8.06 -10.01
CA ARG B 376 -41.27 -8.54 -9.03
C ARG B 376 -41.93 -8.87 -7.69
N SER B 377 -41.23 -9.62 -6.86
CA SER B 377 -41.74 -10.09 -5.58
C SER B 377 -41.39 -9.13 -4.45
N VAL B 378 -42.08 -9.27 -3.33
CA VAL B 378 -41.84 -8.44 -2.14
C VAL B 378 -42.25 -9.22 -0.89
N HIS B 379 -41.26 -9.77 -0.19
CA HIS B 379 -41.49 -10.65 0.96
C HIS B 379 -41.40 -12.13 0.58
N ASP B 380 -41.30 -12.41 -0.71
CA ASP B 380 -41.43 -13.79 -1.19
C ASP B 380 -42.83 -14.29 -0.88
N LYS B 381 -43.79 -13.37 -0.83
CA LYS B 381 -45.20 -13.71 -0.63
C LYS B 381 -46.17 -12.75 -1.34
N THR B 382 -45.76 -11.50 -1.55
CA THR B 382 -46.63 -10.51 -2.21
C THR B 382 -46.06 -10.01 -3.53
N VAL B 383 -46.89 -10.03 -4.57
CA VAL B 383 -46.43 -9.60 -5.89
C VAL B 383 -47.05 -8.27 -6.30
N ARG B 384 -46.18 -7.39 -6.76
CA ARG B 384 -46.55 -6.01 -7.08
C ARG B 384 -47.27 -5.88 -8.44
N LEU B 385 -48.42 -5.19 -8.44
CA LEU B 385 -49.15 -4.91 -9.66
C LEU B 385 -49.31 -3.41 -9.86
N THR B 386 -48.33 -2.79 -10.50
CA THR B 386 -48.31 -1.34 -10.63
C THR B 386 -47.87 -0.91 -12.01
N PRO B 387 -48.82 -0.92 -12.95
CA PRO B 387 -48.58 -0.58 -14.36
C PRO B 387 -48.46 0.92 -14.48
N PRO B 388 -47.95 1.40 -15.61
CA PRO B 388 -47.98 2.84 -15.86
C PRO B 388 -49.43 3.34 -15.94
N LEU B 389 -49.67 4.58 -15.54
CA LEU B 389 -51.03 5.14 -15.38
C LEU B 389 -51.79 5.45 -16.70
N CYS B 390 -51.12 5.26 -17.83
CA CYS B 390 -51.77 5.53 -19.09
C CYS B 390 -52.37 4.26 -19.69
N ILE B 391 -52.44 3.21 -18.87
CA ILE B 391 -52.97 1.93 -19.32
C ILE B 391 -54.47 2.13 -19.60
N THR B 392 -54.98 1.40 -20.61
CA THR B 392 -56.39 1.50 -21.01
C THR B 392 -57.23 0.42 -20.38
N LYS B 393 -58.55 0.60 -20.40
CA LYS B 393 -59.43 -0.43 -19.85
C LYS B 393 -59.18 -1.76 -20.56
N GLU B 394 -58.99 -1.71 -21.88
CA GLU B 394 -58.80 -2.91 -22.67
C GLU B 394 -57.54 -3.61 -22.22
N GLN B 395 -56.44 -2.86 -22.16
CA GLN B 395 -55.16 -3.39 -21.70
C GLN B 395 -55.24 -4.06 -20.32
N LEU B 396 -55.88 -3.40 -19.35
CA LEU B 396 -56.08 -4.01 -18.04
C LEU B 396 -56.83 -5.33 -18.12
N ASP B 397 -57.79 -5.41 -19.03
CA ASP B 397 -58.56 -6.61 -19.21
C ASP B 397 -57.67 -7.73 -19.75
N GLU B 398 -56.86 -7.42 -20.74
CA GLU B 398 -55.92 -8.41 -21.28
C GLU B 398 -54.97 -8.92 -20.18
N CYS B 399 -54.61 -8.03 -19.27
CA CYS B 399 -53.68 -8.37 -18.19
C CYS B 399 -54.36 -9.23 -17.15
N THR B 400 -55.61 -8.94 -16.84
CA THR B 400 -56.38 -9.76 -15.91
C THR B 400 -56.34 -11.18 -16.43
N GLU B 401 -56.48 -11.35 -17.74
CA GLU B 401 -56.41 -12.65 -18.37
C GLU B 401 -55.07 -13.32 -18.05
N ILE B 402 -53.97 -12.65 -18.39
CA ILE B 402 -52.62 -13.10 -18.07
C ILE B 402 -52.45 -13.46 -16.59
N ILE B 403 -53.00 -12.65 -15.70
CA ILE B 403 -52.87 -12.89 -14.28
C ILE B 403 -53.64 -14.13 -13.88
N VAL B 404 -54.91 -14.23 -14.32
CA VAL B 404 -55.71 -15.39 -13.99
C VAL B 404 -55.07 -16.67 -14.55
N LYS B 405 -54.52 -16.57 -15.76
CA LYS B 405 -53.88 -17.71 -16.41
C LYS B 405 -52.64 -18.18 -15.70
N THR B 406 -51.75 -17.24 -15.37
CA THR B 406 -50.50 -17.57 -14.67
C THR B 406 -50.79 -18.17 -13.30
N VAL B 407 -51.74 -17.60 -12.57
CA VAL B 407 -52.11 -18.19 -11.28
C VAL B 407 -52.71 -19.59 -11.41
N LYS B 408 -53.51 -19.81 -12.46
CA LYS B 408 -54.01 -21.15 -12.80
C LYS B 408 -52.87 -22.19 -12.86
N PHE B 409 -51.85 -21.90 -13.65
CA PHE B 409 -50.69 -22.78 -13.76
C PHE B 409 -50.26 -23.44 -12.45
N PHE B 410 -50.26 -22.70 -11.34
CA PHE B 410 -49.79 -23.24 -10.08
C PHE B 410 -50.88 -23.92 -9.30
N ASP B 411 -52.06 -23.32 -9.30
CA ASP B 411 -53.23 -23.93 -8.67
C ASP B 411 -53.39 -25.35 -9.20
N ASP B 412 -53.04 -25.52 -10.47
CA ASP B 412 -53.15 -26.80 -11.14
C ASP B 412 -52.04 -27.75 -10.76
N ASN B 413 -51.39 -27.50 -9.62
CA ASN B 413 -50.39 -28.44 -9.11
C ASN B 413 -50.57 -28.76 -7.65
N LEU B 414 -51.79 -28.61 -7.14
CA LEU B 414 -52.07 -29.02 -5.75
C LEU B 414 -53.50 -29.47 -5.52
N LYS C 8 57.55 -19.99 17.87
CA LYS C 8 56.85 -19.30 16.78
C LYS C 8 57.18 -17.81 16.77
N SER C 9 57.73 -17.38 15.65
CA SER C 9 58.05 -15.98 15.38
C SER C 9 57.04 -15.35 14.43
N SER C 10 57.19 -14.05 14.18
CA SER C 10 56.32 -13.37 13.23
C SER C 10 56.47 -14.05 11.87
N GLN C 11 57.71 -14.35 11.55
CA GLN C 11 58.00 -14.96 10.26
C GLN C 11 57.36 -16.34 10.15
N ASP C 12 57.32 -17.09 11.26
CA ASP C 12 56.61 -18.36 11.25
C ASP C 12 55.16 -18.14 10.85
N TYR C 13 54.49 -17.25 11.58
CA TYR C 13 53.11 -16.93 11.31
C TYR C 13 52.91 -16.48 9.85
N MET C 14 53.80 -15.63 9.37
CA MET C 14 53.67 -15.17 8.00
C MET C 14 53.84 -16.26 6.97
N ASN C 15 54.74 -17.21 7.24
CA ASN C 15 54.96 -18.29 6.30
C ASN C 15 53.81 -19.27 6.35
N ASN C 16 53.32 -19.53 7.55
CA ASN C 16 52.20 -20.42 7.74
C ASN C 16 51.03 -19.94 6.89
N GLU C 17 50.67 -18.66 7.03
CA GLU C 17 49.59 -18.09 6.23
C GLU C 17 49.80 -18.26 4.73
N LEU C 18 51.03 -18.02 4.27
CA LEU C 18 51.30 -18.14 2.84
C LEU C 18 51.07 -19.55 2.34
N THR C 19 51.31 -20.55 3.16
CA THR C 19 51.17 -21.90 2.67
C THR C 19 49.74 -22.48 2.84
N TYR C 20 48.95 -21.92 3.76
CA TYR C 20 47.61 -22.47 4.02
C TYR C 20 46.44 -21.57 3.59
N GLY C 21 46.71 -20.31 3.38
CA GLY C 21 45.67 -19.41 2.97
C GLY C 21 45.96 -18.82 1.60
N ALA C 22 44.89 -18.47 0.89
CA ALA C 22 45.00 -17.81 -0.39
C ALA C 22 45.83 -16.54 -0.30
N HIS C 23 46.53 -16.20 -1.39
CA HIS C 23 47.34 -15.01 -1.46
C HIS C 23 46.54 -13.86 -2.01
N ASN C 24 45.39 -13.54 -1.41
CA ASN C 24 44.54 -12.53 -2.02
C ASN C 24 44.69 -11.15 -1.40
N TYR C 25 45.55 -11.07 -0.38
CA TYR C 25 45.85 -9.78 0.25
C TYR C 25 47.35 -9.63 0.27
N ASP C 26 47.81 -8.40 0.47
CA ASP C 26 49.24 -8.10 0.51
C ASP C 26 49.55 -7.25 1.72
N PRO C 27 49.67 -7.89 2.89
CA PRO C 27 49.75 -7.17 4.16
C PRO C 27 51.13 -6.60 4.47
N ILE C 28 51.18 -5.55 5.28
CA ILE C 28 52.42 -5.11 5.90
C ILE C 28 52.94 -6.25 6.77
N PRO C 29 54.24 -6.56 6.66
CA PRO C 29 54.77 -7.72 7.38
C PRO C 29 54.88 -7.56 8.91
N VAL C 30 53.74 -7.38 9.59
CA VAL C 30 53.72 -7.41 11.04
C VAL C 30 52.62 -8.36 11.50
N VAL C 31 52.87 -9.12 12.56
CA VAL C 31 51.93 -10.14 12.99
C VAL C 31 51.42 -9.86 14.38
N LEU C 32 50.17 -9.40 14.46
CA LEU C 32 49.58 -8.93 15.72
C LEU C 32 48.85 -10.01 16.53
N LYS C 33 48.98 -9.96 17.85
CA LYS C 33 48.33 -10.97 18.70
C LYS C 33 47.40 -10.32 19.71
N ARG C 34 47.46 -9.00 19.82
CA ARG C 34 46.74 -8.32 20.89
C ARG C 34 46.52 -6.82 20.61
N GLY C 35 45.34 -6.32 21.00
CA GLY C 35 45.00 -4.92 20.94
C GLY C 35 44.43 -4.38 22.25
N LYS C 36 44.75 -3.12 22.54
CA LYS C 36 44.09 -2.39 23.62
C LYS C 36 44.05 -0.91 23.34
N GLY C 37 42.85 -0.40 23.12
CA GLY C 37 42.67 1.01 22.85
C GLY C 37 43.45 1.40 21.62
N VAL C 38 44.52 2.16 21.82
CA VAL C 38 45.17 2.76 20.68
C VAL C 38 46.39 1.96 20.26
N PHE C 39 46.73 0.96 21.07
CA PHE C 39 47.92 0.15 20.82
C PHE C 39 47.62 -1.26 20.33
N VAL C 40 48.53 -1.78 19.51
CA VAL C 40 48.52 -3.20 19.15
C VAL C 40 49.88 -3.76 19.50
N TYR C 41 49.95 -5.09 19.66
CA TYR C 41 51.19 -5.76 20.06
C TYR C 41 51.48 -6.96 19.17
N ASP C 42 52.70 -7.07 18.66
CA ASP C 42 53.07 -8.20 17.78
C ASP C 42 53.54 -9.50 18.48
N ILE C 43 53.89 -10.52 17.70
CA ILE C 43 54.31 -11.80 18.26
C ILE C 43 55.46 -11.67 19.26
N GLU C 44 56.36 -10.74 19.00
CA GLU C 44 57.53 -10.51 19.83
C GLU C 44 57.31 -9.40 20.85
N ASP C 45 56.05 -9.13 21.15
CA ASP C 45 55.71 -8.23 22.24
C ASP C 45 56.12 -6.78 21.97
N ARG C 46 56.35 -6.44 20.71
CA ARG C 46 56.56 -5.05 20.33
C ARG C 46 55.25 -4.33 20.29
N ARG C 47 55.26 -3.05 20.65
CA ARG C 47 54.04 -2.25 20.66
C ARG C 47 53.98 -1.19 19.58
N TYR C 48 52.86 -1.09 18.88
CA TYR C 48 52.69 -0.06 17.88
C TYR C 48 51.43 0.74 18.15
N TYR C 49 51.46 2.02 17.77
CA TYR C 49 50.27 2.83 17.61
C TYR C 49 49.53 2.32 16.39
N ASP C 50 48.25 1.97 16.55
CA ASP C 50 47.47 1.57 15.39
C ASP C 50 46.92 2.84 14.72
N PHE C 51 47.38 3.12 13.52
CA PHE C 51 46.91 4.30 12.81
C PHE C 51 46.00 3.99 11.63
N LEU C 52 45.42 2.80 11.63
CA LEU C 52 44.48 2.38 10.62
C LEU C 52 43.14 2.12 11.28
N SER C 53 43.18 1.73 12.55
CA SER C 53 42.00 1.34 13.29
C SER C 53 41.15 0.29 12.55
N ALA C 54 41.81 -0.65 11.89
CA ALA C 54 41.07 -1.61 11.07
C ALA C 54 40.10 -0.86 10.21
N TYR C 55 40.64 0.16 9.54
CA TYR C 55 39.89 1.06 8.65
C TYR C 55 38.64 1.60 9.32
N SER C 56 38.81 2.11 10.54
CA SER C 56 37.72 2.76 11.28
C SER C 56 36.80 1.84 12.04
N SER C 57 37.07 0.54 12.04
CA SER C 57 36.23 -0.38 12.79
C SER C 57 36.42 -0.28 14.29
N VAL C 58 37.57 0.21 14.73
CA VAL C 58 37.81 0.30 16.18
C VAL C 58 37.98 1.75 16.61
N ASN C 59 37.02 2.58 16.25
CA ASN C 59 36.99 3.96 16.70
C ASN C 59 37.01 4.07 18.21
N GLN C 60 36.26 3.18 18.86
CA GLN C 60 36.19 3.10 20.32
C GLN C 60 37.51 2.62 20.96
N GLY C 61 38.44 2.15 20.15
CA GLY C 61 39.65 1.51 20.65
C GLY C 61 39.55 -0.02 20.69
N HIS C 62 40.67 -0.68 20.43
CA HIS C 62 40.72 -2.12 20.44
C HIS C 62 40.18 -2.75 21.71
N CYS C 63 39.34 -3.77 21.55
CA CYS C 63 38.99 -4.62 22.67
C CYS C 63 38.41 -3.86 23.83
N HIS C 64 37.61 -2.87 23.52
CA HIS C 64 36.90 -2.11 24.52
C HIS C 64 36.00 -3.02 25.38
N PRO C 65 36.20 -2.97 26.70
CA PRO C 65 35.59 -3.87 27.69
C PRO C 65 34.09 -3.77 27.72
N ASP C 66 33.55 -2.55 27.65
CA ASP C 66 32.10 -2.36 27.74
C ASP C 66 31.40 -3.12 26.63
N ILE C 67 31.92 -2.98 25.42
CA ILE C 67 31.39 -3.68 24.26
C ILE C 67 31.49 -5.17 24.45
N LEU C 68 32.70 -5.67 24.76
CA LEU C 68 32.89 -7.09 24.99
C LEU C 68 31.87 -7.62 25.99
N ASN C 69 31.53 -6.77 26.96
CA ASN C 69 30.55 -7.14 27.98
C ASN C 69 29.18 -7.35 27.36
N ALA C 70 28.69 -6.31 26.68
CA ALA C 70 27.45 -6.38 25.94
C ALA C 70 27.40 -7.64 25.10
N MET C 71 28.52 -7.96 24.44
CA MET C 71 28.61 -9.14 23.58
C MET C 71 28.34 -10.42 24.36
N ILE C 72 28.99 -10.57 25.49
CA ILE C 72 28.88 -11.77 26.30
C ILE C 72 27.48 -11.92 26.90
N ASN C 73 26.91 -10.82 27.40
CA ASN C 73 25.53 -10.87 27.94
C ASN C 73 24.54 -11.41 26.94
N GLN C 74 24.66 -10.98 25.69
CA GLN C 74 23.77 -11.43 24.61
C GLN C 74 24.07 -12.86 24.17
N ALA C 75 25.35 -13.16 23.94
CA ALA C 75 25.75 -14.47 23.47
C ALA C 75 25.37 -15.60 24.42
N LYS C 76 25.07 -15.26 25.67
CA LYS C 76 24.66 -16.28 26.64
C LYS C 76 23.21 -16.61 26.45
N LYS C 77 22.46 -15.65 25.89
CA LYS C 77 21.01 -15.79 25.71
C LYS C 77 20.64 -16.36 24.34
N LEU C 78 21.17 -15.77 23.28
CA LEU C 78 20.79 -16.15 21.94
C LEU C 78 21.72 -15.46 20.96
N THR C 79 22.29 -16.20 20.01
CA THR C 79 23.28 -15.62 19.09
C THR C 79 22.69 -15.37 17.71
N ILE C 80 21.80 -16.26 17.30
CA ILE C 80 21.16 -16.16 15.99
C ILE C 80 19.94 -17.06 15.95
N CYS C 81 18.89 -16.59 15.29
CA CYS C 81 17.70 -17.41 15.08
C CYS C 81 17.25 -17.33 13.63
N SER C 82 17.80 -16.35 12.91
CA SER C 82 17.49 -16.10 11.49
C SER C 82 16.24 -15.24 11.32
N ARG C 83 16.10 -14.61 10.16
CA ARG C 83 14.98 -13.72 9.90
C ARG C 83 13.67 -14.49 9.67
N ALA C 84 13.71 -15.78 9.95
CA ALA C 84 12.51 -16.61 9.82
C ALA C 84 11.62 -16.26 10.98
N PHE C 85 12.25 -15.75 12.03
CA PHE C 85 11.53 -15.39 13.25
C PHE C 85 11.97 -14.03 13.78
N PHE C 86 11.44 -13.66 14.94
CA PHE C 86 11.79 -12.39 15.56
C PHE C 86 12.73 -12.61 16.77
N SER C 87 13.57 -11.63 17.06
CA SER C 87 14.24 -11.63 18.35
C SER C 87 13.88 -10.37 19.13
N ASP C 88 13.99 -10.44 20.45
CA ASP C 88 13.80 -9.25 21.28
C ASP C 88 14.85 -8.18 20.91
N SER C 89 16.09 -8.63 20.73
CA SER C 89 17.22 -7.73 20.63
C SER C 89 17.15 -6.77 19.45
N LEU C 90 16.75 -7.30 18.28
CA LEU C 90 16.82 -6.53 17.05
C LEU C 90 16.00 -5.25 17.12
N GLY C 91 14.74 -5.39 17.54
CA GLY C 91 13.85 -4.25 17.71
C GLY C 91 14.43 -3.16 18.60
N VAL C 92 14.97 -3.56 19.75
CA VAL C 92 15.65 -2.60 20.61
C VAL C 92 16.70 -1.82 19.83
N CYS C 93 17.51 -2.53 19.03
CA CYS C 93 18.53 -1.88 18.22
C CYS C 93 17.90 -0.91 17.23
N GLU C 94 16.88 -1.37 16.52
CA GLU C 94 16.26 -0.58 15.48
C GLU C 94 15.73 0.70 16.07
N ARG C 95 15.04 0.56 17.20
CA ARG C 95 14.50 1.73 17.87
C ARG C 95 15.62 2.66 18.36
N TYR C 96 16.70 2.06 18.87
CA TYR C 96 17.83 2.86 19.34
C TYR C 96 18.40 3.69 18.20
N LEU C 97 18.70 3.04 17.08
CA LEU C 97 19.35 3.71 15.96
C LEU C 97 18.48 4.81 15.34
N THR C 98 17.21 4.49 15.15
CA THR C 98 16.29 5.43 14.51
C THR C 98 16.19 6.72 15.32
N ASN C 99 15.91 6.59 16.62
CA ASN C 99 15.84 7.78 17.46
C ASN C 99 17.13 8.56 17.45
N LEU C 100 18.23 7.85 17.53
CA LEU C 100 19.52 8.50 17.61
C LEU C 100 19.88 9.29 16.36
N PHE C 101 19.48 8.84 15.17
CA PHE C 101 19.90 9.51 13.95
C PHE C 101 18.80 10.35 13.30
N GLY C 102 17.57 10.13 13.73
CA GLY C 102 16.45 10.88 13.20
C GLY C 102 15.99 10.37 11.85
N TYR C 103 15.67 9.07 11.80
CA TYR C 103 15.12 8.46 10.61
C TYR C 103 14.02 7.50 10.99
N ASP C 104 13.00 7.40 10.14
CA ASP C 104 11.87 6.55 10.46
C ASP C 104 12.35 5.14 10.73
N LYS C 105 13.09 4.56 9.79
CA LYS C 105 13.45 3.14 9.88
C LYS C 105 14.93 2.88 9.63
N VAL C 106 15.34 1.68 9.99
CA VAL C 106 16.70 1.24 9.73
C VAL C 106 16.67 -0.19 9.23
N LEU C 107 17.65 -0.55 8.41
CA LEU C 107 17.79 -1.92 7.91
C LEU C 107 19.18 -2.42 8.24
N MET C 108 19.25 -3.46 9.07
CA MET C 108 20.51 -3.97 9.60
C MET C 108 21.13 -5.02 8.68
N MET C 109 22.44 -4.96 8.51
CA MET C 109 23.13 -5.97 7.72
C MET C 109 24.54 -6.27 8.24
N ASN C 110 25.31 -7.06 7.47
CA ASN C 110 26.62 -7.51 7.92
C ASN C 110 27.79 -6.69 7.43
N THR C 111 28.09 -6.78 6.13
CA THR C 111 29.23 -6.10 5.53
C THR C 111 28.83 -4.79 4.92
N GLY C 112 29.80 -3.96 4.59
CA GLY C 112 29.54 -2.63 4.09
C GLY C 112 29.13 -2.73 2.64
N ALA C 113 29.62 -3.79 2.01
CA ALA C 113 29.25 -4.06 0.62
C ALA C 113 27.77 -4.40 0.56
N GLU C 114 27.29 -5.21 1.52
CA GLU C 114 25.86 -5.51 1.60
C GLU C 114 25.09 -4.20 1.69
N ALA C 115 25.63 -3.25 2.45
CA ALA C 115 24.98 -1.96 2.58
C ALA C 115 24.88 -1.26 1.22
N SER C 116 26.00 -1.17 0.53
CA SER C 116 26.01 -0.50 -0.75
C SER C 116 25.09 -1.19 -1.77
N GLU C 117 25.12 -2.52 -1.82
CA GLU C 117 24.30 -3.25 -2.79
C GLU C 117 22.86 -2.89 -2.52
N THR C 118 22.48 -3.09 -1.27
CA THR C 118 21.12 -2.91 -0.86
C THR C 118 20.70 -1.48 -1.15
N ALA C 119 21.61 -0.53 -0.92
CA ALA C 119 21.30 0.85 -1.23
C ALA C 119 20.95 1.01 -2.71
N TYR C 120 21.75 0.39 -3.59
CA TYR C 120 21.44 0.50 -5.01
C TYR C 120 20.03 -0.03 -5.29
N LYS C 121 19.72 -1.25 -4.83
CA LYS C 121 18.37 -1.78 -4.97
C LYS C 121 17.32 -0.77 -4.53
N LEU C 122 17.49 -0.27 -3.30
CA LEU C 122 16.58 0.72 -2.73
C LEU C 122 16.33 1.90 -3.64
N CYS C 123 17.39 2.67 -3.93
CA CYS C 123 17.32 3.79 -4.88
C CYS C 123 16.60 3.49 -6.20
N ARG C 124 17.00 2.41 -6.86
CA ARG C 124 16.29 2.04 -8.08
C ARG C 124 14.80 1.84 -7.87
N LYS C 125 14.42 1.22 -6.76
CA LYS C 125 13.02 0.84 -6.60
C LYS C 125 12.21 2.08 -6.22
N TRP C 126 12.80 2.93 -5.41
CA TRP C 126 12.15 4.18 -5.08
C TRP C 126 11.98 4.97 -6.36
N GLY C 127 13.05 5.00 -7.14
CA GLY C 127 13.05 5.65 -8.44
C GLY C 127 11.86 5.25 -9.30
N TYR C 128 11.57 3.95 -9.35
CA TYR C 128 10.41 3.47 -10.08
C TYR C 128 9.11 3.81 -9.35
N GLU C 129 9.05 3.48 -8.07
CA GLU C 129 7.81 3.61 -7.31
C GLU C 129 7.38 5.05 -7.17
N VAL C 130 8.33 5.95 -6.91
CA VAL C 130 7.99 7.36 -6.69
C VAL C 130 8.15 8.20 -7.96
N LYS C 131 9.39 8.47 -8.36
CA LYS C 131 9.70 9.33 -9.50
C LYS C 131 9.27 8.68 -10.82
N LYS C 132 8.71 7.48 -10.76
CA LYS C 132 8.19 6.77 -11.95
C LYS C 132 9.21 6.26 -12.99
N ILE C 133 10.52 6.40 -12.70
CA ILE C 133 11.57 5.93 -13.61
C ILE C 133 11.53 4.44 -13.82
N PRO C 134 11.69 3.97 -15.08
CA PRO C 134 11.70 2.51 -15.26
C PRO C 134 12.97 1.93 -14.64
N GLU C 135 12.78 1.19 -13.56
CA GLU C 135 13.88 0.66 -12.77
C GLU C 135 15.00 0.06 -13.62
N ASN C 136 14.64 -0.74 -14.60
CA ASN C 136 15.62 -1.38 -15.48
C ASN C 136 16.68 -0.41 -15.99
N SER C 137 16.32 0.87 -16.07
CA SER C 137 17.23 1.88 -16.59
C SER C 137 17.31 3.11 -15.69
N ALA C 138 17.10 2.90 -14.40
CA ALA C 138 17.24 3.98 -13.41
C ALA C 138 18.71 4.15 -13.12
N LYS C 139 19.14 5.40 -12.97
CA LYS C 139 20.56 5.71 -12.92
C LYS C 139 21.02 6.23 -11.56
N ILE C 140 22.11 5.64 -11.06
CA ILE C 140 22.73 6.15 -9.85
C ILE C 140 24.00 6.90 -10.21
N ILE C 141 24.15 8.11 -9.69
CA ILE C 141 25.37 8.89 -9.87
C ILE C 141 26.33 8.63 -8.72
N VAL C 142 27.61 8.50 -9.06
CA VAL C 142 28.62 8.32 -8.05
C VAL C 142 29.83 9.16 -8.43
N CYS C 143 30.56 9.65 -7.43
CA CYS C 143 31.79 10.40 -7.72
C CYS C 143 32.92 9.48 -8.12
N ASN C 144 34.00 10.09 -8.62
CA ASN C 144 35.03 9.40 -9.40
C ASN C 144 35.98 8.45 -8.68
N ASN C 145 36.99 9.03 -8.04
CA ASN C 145 38.09 8.23 -7.51
C ASN C 145 37.63 7.28 -6.40
N ASN C 146 36.37 7.43 -5.99
CA ASN C 146 35.82 6.76 -4.82
C ASN C 146 35.09 5.44 -5.11
N PHE C 147 34.05 5.52 -5.94
CA PHE C 147 33.24 4.35 -6.27
C PHE C 147 33.57 3.80 -7.67
N PRO C 169 36.91 0.97 -16.36
CA PRO C 169 35.88 0.27 -15.57
C PRO C 169 34.50 0.89 -15.75
N PHE C 170 33.74 0.44 -16.76
CA PHE C 170 32.40 0.97 -17.01
C PHE C 170 31.34 0.11 -16.34
N VAL C 171 30.30 0.77 -15.84
CA VAL C 171 29.21 0.01 -15.22
C VAL C 171 27.80 0.56 -15.51
N PRO C 172 26.91 -0.34 -15.96
CA PRO C 172 25.50 -0.11 -16.30
C PRO C 172 24.72 0.80 -15.35
N ASN C 173 24.17 1.86 -15.92
CA ASN C 173 23.29 2.77 -15.19
C ASN C 173 23.99 3.44 -14.01
N PHE C 174 25.31 3.48 -14.04
CA PHE C 174 26.09 4.29 -13.10
C PHE C 174 26.75 5.45 -13.84
N LEU C 175 26.60 6.65 -13.29
CA LEU C 175 27.16 7.83 -13.92
C LEU C 175 28.21 8.41 -12.99
N LYS C 176 29.47 8.44 -13.44
CA LYS C 176 30.52 9.04 -12.62
C LYS C 176 30.62 10.56 -12.85
N VAL C 177 30.83 11.30 -11.78
CA VAL C 177 31.10 12.73 -11.90
C VAL C 177 32.18 13.11 -10.91
N PRO C 178 32.85 14.23 -11.18
CA PRO C 178 33.90 14.73 -10.28
C PRO C 178 33.36 15.04 -8.89
N TYR C 179 34.17 14.69 -7.91
CA TYR C 179 33.89 15.04 -6.52
C TYR C 179 34.02 16.56 -6.35
N ASP C 180 33.28 17.11 -5.37
CA ASP C 180 33.33 18.54 -5.09
C ASP C 180 33.11 19.35 -6.38
N ASP C 181 32.07 18.97 -7.14
CA ASP C 181 31.77 19.69 -8.38
C ASP C 181 30.26 19.88 -8.58
N LEU C 182 29.75 21.05 -8.19
CA LEU C 182 28.31 21.31 -8.27
C LEU C 182 27.83 21.45 -9.70
N GLU C 183 28.65 22.11 -10.53
CA GLU C 183 28.28 22.31 -11.92
C GLU C 183 28.12 20.97 -12.63
N ALA C 184 29.09 20.08 -12.44
CA ALA C 184 29.04 18.75 -13.08
C ALA C 184 27.89 17.92 -12.54
N LEU C 185 27.70 17.99 -11.22
CA LEU C 185 26.60 17.28 -10.56
C LEU C 185 25.24 17.72 -11.14
N GLU C 186 25.03 19.03 -11.25
CA GLU C 186 23.74 19.55 -11.74
C GLU C 186 23.47 19.08 -13.14
N LYS C 187 24.53 19.01 -13.94
CA LYS C 187 24.43 18.60 -15.33
C LYS C 187 23.86 17.19 -15.44
N GLU C 188 24.25 16.31 -14.54
CA GLU C 188 23.77 14.93 -14.57
C GLU C 188 22.39 14.80 -13.95
N LEU C 189 22.14 15.58 -12.90
CA LEU C 189 20.85 15.58 -12.25
C LEU C 189 19.69 15.90 -13.25
N GLN C 190 20.03 16.54 -14.36
CA GLN C 190 19.05 16.95 -15.38
C GLN C 190 18.43 15.73 -16.07
N ASP C 191 19.16 14.62 -16.04
CA ASP C 191 18.66 13.36 -16.56
C ASP C 191 17.47 12.92 -15.72
N PRO C 192 16.30 12.82 -16.35
CA PRO C 192 15.08 12.45 -15.65
C PRO C 192 15.14 11.03 -15.11
N ASN C 193 16.08 10.23 -15.59
CA ASN C 193 16.18 8.82 -15.20
C ASN C 193 17.10 8.56 -14.00
N VAL C 194 17.69 9.62 -13.47
CA VAL C 194 18.51 9.52 -12.29
C VAL C 194 17.57 9.38 -11.12
N CYS C 195 17.89 8.48 -10.20
CA CYS C 195 17.09 8.29 -9.00
C CYS C 195 17.85 8.63 -7.71
N ALA C 196 19.17 8.79 -7.82
CA ALA C 196 19.98 8.94 -6.62
C ALA C 196 21.42 9.40 -6.89
N PHE C 197 21.95 10.15 -5.95
CA PHE C 197 23.35 10.52 -5.92
C PHE C 197 23.90 9.90 -4.63
N ILE C 198 24.85 8.98 -4.76
CA ILE C 198 25.47 8.38 -3.59
C ILE C 198 26.90 8.89 -3.43
N VAL C 199 27.14 9.54 -2.31
CA VAL C 199 28.40 10.25 -2.11
C VAL C 199 28.92 10.17 -0.67
N GLU C 200 30.26 10.14 -0.54
CA GLU C 200 30.93 10.09 0.75
C GLU C 200 31.21 11.53 1.21
N PRO C 201 30.93 11.83 2.48
CA PRO C 201 31.15 13.17 3.06
C PRO C 201 32.63 13.59 2.98
N VAL C 202 33.53 12.62 3.01
CA VAL C 202 34.91 12.82 2.60
C VAL C 202 35.41 11.52 1.98
N GLN C 203 36.01 11.63 0.80
CA GLN C 203 36.43 10.48 0.02
C GLN C 203 37.57 9.74 0.70
N GLY C 204 37.31 8.52 1.17
CA GLY C 204 38.34 7.72 1.77
C GLY C 204 39.29 7.09 0.76
N GLU C 205 38.72 6.30 -0.16
CA GLU C 205 39.54 5.56 -1.11
C GLU C 205 40.34 6.47 -2.04
N ALA C 206 39.78 7.62 -2.38
CA ALA C 206 40.47 8.56 -3.25
C ALA C 206 41.67 9.20 -2.56
N GLY C 207 41.87 8.87 -1.29
CA GLY C 207 43.02 9.38 -0.55
C GLY C 207 42.69 10.48 0.42
N VAL C 208 41.58 10.32 1.13
CA VAL C 208 41.11 11.31 2.09
C VAL C 208 40.96 12.69 1.46
N ILE C 209 39.96 12.84 0.61
CA ILE C 209 39.70 14.10 -0.06
C ILE C 209 38.56 14.83 0.63
N VAL C 210 38.85 15.99 1.21
CA VAL C 210 37.85 16.78 1.90
C VAL C 210 37.11 17.73 0.94
N PRO C 211 35.79 17.88 1.11
CA PRO C 211 35.12 18.81 0.20
C PRO C 211 35.16 20.24 0.74
N SER C 212 35.00 21.21 -0.16
CA SER C 212 34.83 22.60 0.22
C SER C 212 33.54 22.80 1.02
N ASP C 213 33.63 23.53 2.13
CA ASP C 213 32.42 23.82 2.89
C ASP C 213 31.56 24.66 1.98
N SER C 214 30.47 24.06 1.50
CA SER C 214 29.57 24.70 0.52
C SER C 214 29.08 23.64 -0.46
N TYR C 215 29.93 22.63 -0.66
CA TYR C 215 29.61 21.51 -1.53
C TYR C 215 28.35 20.79 -1.10
N PHE C 216 28.36 20.26 0.12
CA PHE C 216 27.20 19.51 0.56
C PHE C 216 25.90 20.31 0.65
N PRO C 217 25.97 21.54 1.18
CA PRO C 217 24.79 22.41 1.13
C PRO C 217 24.25 22.51 -0.28
N GLY C 218 25.14 22.70 -1.25
CA GLY C 218 24.76 22.72 -2.66
C GLY C 218 24.17 21.41 -3.11
N VAL C 219 24.81 20.31 -2.71
CA VAL C 219 24.34 18.97 -3.05
C VAL C 219 22.90 18.77 -2.58
N ALA C 220 22.66 19.16 -1.33
CA ALA C 220 21.35 18.95 -0.72
C ALA C 220 20.26 19.68 -1.51
N SER C 221 20.51 20.97 -1.79
CA SER C 221 19.64 21.77 -2.64
C SER C 221 19.40 21.11 -3.99
N LEU C 222 20.50 20.89 -4.71
CA LEU C 222 20.43 20.28 -6.03
C LEU C 222 19.57 19.03 -6.07
N CYS C 223 19.80 18.13 -5.11
CA CYS C 223 19.01 16.91 -5.05
C CYS C 223 17.54 17.20 -4.73
N LYS C 224 17.33 18.06 -3.74
CA LYS C 224 15.98 18.45 -3.39
C LYS C 224 15.25 18.93 -4.66
N LYS C 225 15.95 19.73 -5.45
CA LYS C 225 15.35 20.36 -6.60
C LYS C 225 14.99 19.39 -7.73
N TYR C 226 15.95 18.53 -8.10
CA TYR C 226 15.70 17.53 -9.15
C TYR C 226 14.99 16.27 -8.65
N ASN C 227 14.50 16.31 -7.42
CA ASN C 227 13.75 15.20 -6.84
C ASN C 227 14.54 13.91 -6.94
N VAL C 228 15.73 13.93 -6.34
CA VAL C 228 16.65 12.79 -6.42
C VAL C 228 17.19 12.49 -5.04
N LEU C 229 17.18 11.21 -4.66
CA LEU C 229 17.64 10.78 -3.34
C LEU C 229 19.10 11.13 -3.12
N PHE C 230 19.35 11.87 -2.04
CA PHE C 230 20.69 12.20 -1.60
C PHE C 230 21.14 11.16 -0.58
N VAL C 231 22.00 10.24 -1.01
CA VAL C 231 22.49 9.15 -0.15
C VAL C 231 23.91 9.44 0.31
N ALA C 232 24.12 9.41 1.62
CA ALA C 232 25.46 9.64 2.15
C ALA C 232 26.08 8.35 2.71
N ASP C 233 27.22 7.96 2.14
CA ASP C 233 27.96 6.79 2.59
C ASP C 233 28.85 7.20 3.77
N GLU C 234 28.41 6.88 4.98
CA GLU C 234 29.14 7.29 6.17
C GLU C 234 29.80 6.09 6.84
N VAL C 235 30.14 5.08 6.04
CA VAL C 235 30.69 3.86 6.58
C VAL C 235 32.09 4.09 7.17
N GLN C 236 32.81 5.04 6.58
CA GLN C 236 34.14 5.36 7.07
C GLN C 236 34.12 6.68 7.84
N THR C 237 33.28 7.61 7.40
CA THR C 237 33.36 8.97 7.91
C THR C 237 32.52 9.15 9.16
N GLY C 238 31.65 8.18 9.43
CA GLY C 238 30.68 8.36 10.49
C GLY C 238 31.15 7.96 11.87
N LEU C 239 30.23 7.99 12.82
CA LEU C 239 30.53 7.57 14.18
C LEU C 239 31.84 8.12 14.72
N GLY C 240 31.94 9.44 14.81
CA GLY C 240 33.04 10.06 15.54
C GLY C 240 34.31 10.35 14.76
N ARG C 241 34.54 9.59 13.69
CA ARG C 241 35.76 9.71 12.93
C ARG C 241 36.15 11.15 12.63
N THR C 242 35.19 12.01 12.30
CA THR C 242 35.50 13.39 11.94
C THR C 242 35.10 14.43 12.98
N GLY C 243 34.53 13.98 14.08
CA GLY C 243 34.14 14.88 15.15
C GLY C 243 32.67 14.80 15.49
N LYS C 244 31.88 14.32 14.53
CA LYS C 244 30.44 14.24 14.69
C LYS C 244 29.99 12.81 14.49
N LEU C 245 28.76 12.50 14.91
CA LEU C 245 28.18 11.18 14.62
C LEU C 245 27.99 10.95 13.14
N LEU C 246 27.54 11.97 12.42
CA LEU C 246 27.54 11.92 10.98
C LEU C 246 28.41 13.04 10.50
N CYS C 247 29.35 12.74 9.63
CA CYS C 247 30.19 13.78 9.09
C CYS C 247 29.33 14.86 8.41
N THR C 248 28.17 14.46 7.87
CA THR C 248 27.29 15.40 7.17
C THR C 248 26.70 16.44 8.13
N HIS C 249 26.67 16.10 9.41
CA HIS C 249 26.21 17.00 10.46
C HIS C 249 27.07 18.26 10.39
N HIS C 250 28.32 18.11 9.98
CA HIS C 250 29.22 19.26 9.86
C HIS C 250 28.71 20.32 8.91
N TYR C 251 28.06 19.89 7.84
CA TYR C 251 27.64 20.84 6.82
C TYR C 251 26.15 21.20 6.93
N GLY C 252 25.54 20.89 8.07
CA GLY C 252 24.11 21.14 8.28
C GLY C 252 23.21 20.68 7.13
N VAL C 253 23.35 19.43 6.72
CA VAL C 253 22.46 18.87 5.71
C VAL C 253 21.95 17.53 6.20
N LYS C 254 20.70 17.20 5.86
CA LYS C 254 20.13 15.91 6.24
C LYS C 254 19.85 15.09 5.00
N PRO C 255 20.69 14.07 4.75
CA PRO C 255 20.57 13.18 3.60
C PRO C 255 19.30 12.34 3.71
N ASP C 256 18.76 11.94 2.56
CA ASP C 256 17.58 11.09 2.54
C ASP C 256 17.88 9.68 3.04
N VAL C 257 19.10 9.21 2.76
CA VAL C 257 19.52 7.87 3.16
C VAL C 257 20.92 7.94 3.75
N ILE C 258 21.16 7.19 4.82
CA ILE C 258 22.48 7.10 5.45
C ILE C 258 22.99 5.65 5.40
N LEU C 259 24.25 5.47 5.00
CA LEU C 259 24.92 4.17 5.14
C LEU C 259 25.90 4.19 6.31
N LEU C 260 25.75 3.25 7.24
CA LEU C 260 26.64 3.14 8.39
C LEU C 260 27.31 1.77 8.41
N GLY C 261 28.48 1.69 9.04
CA GLY C 261 29.14 0.40 9.21
C GLY C 261 30.40 0.46 10.02
N LYS C 262 31.26 -0.54 9.85
CA LYS C 262 32.55 -0.54 10.54
C LYS C 262 32.41 -0.27 12.03
N ALA C 263 32.70 0.96 12.43
CA ALA C 263 32.72 1.35 13.86
C ALA C 263 31.37 1.11 14.54
N LEU C 264 30.38 0.73 13.75
CA LEU C 264 29.06 0.39 14.24
C LEU C 264 29.10 -0.77 15.24
N SER C 265 30.26 -1.40 15.39
CA SER C 265 30.39 -2.57 16.26
C SER C 265 31.64 -2.57 17.11
N GLY C 266 32.46 -1.53 16.98
CA GLY C 266 33.71 -1.50 17.71
C GLY C 266 34.60 -2.68 17.38
N GLY C 267 34.45 -3.18 16.16
CA GLY C 267 35.27 -4.27 15.66
C GLY C 267 34.97 -5.63 16.27
N HIS C 268 33.86 -5.74 16.99
CA HIS C 268 33.49 -7.01 17.62
C HIS C 268 32.58 -7.91 16.78
N TYR C 269 32.20 -7.45 15.58
CA TYR C 269 31.26 -8.21 14.75
C TYR C 269 31.11 -7.44 13.44
N PRO C 270 30.81 -8.13 12.33
CA PRO C 270 30.47 -7.33 11.14
C PRO C 270 29.03 -6.81 11.22
N ILE C 271 28.87 -5.49 11.26
CA ILE C 271 27.56 -4.89 11.33
C ILE C 271 27.51 -3.65 10.49
N SER C 272 26.46 -3.51 9.70
CA SER C 272 26.27 -2.32 8.87
C SER C 272 24.78 -2.01 8.78
N ALA C 273 24.46 -0.79 8.34
CA ALA C 273 23.05 -0.35 8.29
C ALA C 273 22.73 0.69 7.23
N ILE C 274 21.48 0.69 6.81
CA ILE C 274 20.93 1.76 6.00
C ILE C 274 19.83 2.41 6.82
N LEU C 275 19.83 3.75 6.84
CA LEU C 275 18.78 4.52 7.51
C LEU C 275 17.99 5.34 6.53
N ALA C 276 16.67 5.33 6.67
CA ALA C 276 15.81 6.17 5.82
C ALA C 276 14.45 6.37 6.44
N ASN C 277 13.74 7.40 5.97
CA ASN C 277 12.37 7.62 6.39
C ASN C 277 11.38 6.75 5.62
N ASP C 278 10.17 6.65 6.13
CA ASP C 278 9.20 5.72 5.58
C ASP C 278 9.00 5.82 4.08
N ASP C 279 8.93 7.05 3.55
CA ASP C 279 8.68 7.29 2.12
C ASP C 279 9.74 6.68 1.22
N VAL C 280 10.95 6.50 1.74
CA VAL C 280 11.96 5.76 1.00
C VAL C 280 12.02 4.29 1.39
N MET C 281 12.11 4.02 2.69
CA MET C 281 12.29 2.67 3.16
C MET C 281 11.13 1.74 2.80
N LEU C 282 9.95 2.29 2.58
CA LEU C 282 8.80 1.42 2.39
C LEU C 282 8.88 0.69 1.03
N VAL C 283 9.67 1.23 0.10
CA VAL C 283 9.83 0.63 -1.21
C VAL C 283 10.23 -0.84 -1.17
N LEU C 284 11.07 -1.21 -0.22
CA LEU C 284 11.55 -2.58 -0.10
C LEU C 284 10.43 -3.57 0.15
N LYS C 285 10.44 -4.70 -0.56
CA LYS C 285 9.44 -5.73 -0.31
C LYS C 285 10.03 -6.93 0.44
N PRO C 286 9.15 -7.68 1.13
CA PRO C 286 9.54 -8.91 1.85
C PRO C 286 10.04 -10.04 0.93
N GLY C 287 10.45 -11.16 1.53
CA GLY C 287 10.98 -12.29 0.78
C GLY C 287 12.28 -11.94 0.07
N GLU C 288 12.57 -10.64 0.02
CA GLU C 288 13.81 -10.13 -0.56
C GLU C 288 14.98 -10.42 0.39
N HIS C 289 15.74 -11.45 0.03
CA HIS C 289 16.74 -12.08 0.89
C HIS C 289 17.95 -11.22 1.30
N GLY C 290 18.73 -11.78 2.22
CA GLY C 290 20.00 -11.25 2.64
C GLY C 290 20.69 -12.38 3.37
N SER C 291 21.91 -12.19 3.86
CA SER C 291 22.55 -13.22 4.68
C SER C 291 21.72 -13.53 5.90
N THR C 292 21.50 -14.80 6.15
CA THR C 292 21.03 -15.30 7.44
C THR C 292 21.45 -14.48 8.67
N TYR C 293 22.65 -13.87 8.64
CA TYR C 293 23.18 -13.22 9.84
C TYR C 293 22.79 -11.77 9.98
N GLY C 294 22.27 -11.18 8.92
CA GLY C 294 21.82 -9.80 8.98
C GLY C 294 20.72 -9.58 10.01
N GLY C 295 20.95 -8.66 10.94
CA GLY C 295 19.98 -8.34 11.97
C GLY C 295 19.86 -9.37 13.08
N ASN C 296 20.89 -10.20 13.25
CA ASN C 296 20.88 -11.20 14.32
C ASN C 296 20.96 -10.53 15.68
N PRO C 297 20.45 -11.20 16.71
CA PRO C 297 20.37 -10.62 18.06
C PRO C 297 21.73 -10.26 18.60
N LEU C 298 22.74 -11.09 18.34
CA LEU C 298 24.06 -10.81 18.88
C LEU C 298 24.58 -9.50 18.35
N ALA C 299 24.46 -9.29 17.05
CA ALA C 299 24.96 -8.04 16.49
C ALA C 299 24.19 -6.86 17.04
N ALA C 300 22.88 -7.03 17.18
CA ALA C 300 21.98 -5.94 17.57
C ALA C 300 22.31 -5.42 18.94
N ALA C 301 22.74 -6.34 19.82
CA ALA C 301 23.15 -5.98 21.16
C ALA C 301 24.47 -5.20 21.12
N ILE C 302 25.44 -5.76 20.41
CA ILE C 302 26.76 -5.16 20.26
C ILE C 302 26.64 -3.77 19.66
N CYS C 303 25.77 -3.62 18.68
CA CYS C 303 25.58 -2.35 18.02
C CYS C 303 25.21 -1.27 19.04
N VAL C 304 24.21 -1.56 19.87
CA VAL C 304 23.74 -0.53 20.79
C VAL C 304 24.85 -0.10 21.73
N GLU C 305 25.61 -1.06 22.22
CA GLU C 305 26.66 -0.77 23.18
C GLU C 305 27.79 0.02 22.53
N ALA C 306 28.13 -0.37 21.30
CA ALA C 306 29.20 0.28 20.58
C ALA C 306 28.94 1.78 20.46
N LEU C 307 27.69 2.12 20.18
CA LEU C 307 27.32 3.52 20.01
C LEU C 307 27.14 4.22 21.37
N LYS C 308 26.61 3.50 22.35
CA LYS C 308 26.61 4.03 23.71
C LYS C 308 28.03 4.40 24.18
N VAL C 309 29.00 3.52 23.94
CA VAL C 309 30.36 3.84 24.31
C VAL C 309 30.81 5.12 23.61
N LEU C 310 30.50 5.22 22.33
CA LEU C 310 30.93 6.37 21.54
C LEU C 310 30.47 7.69 22.15
N ILE C 311 29.26 7.68 22.67
CA ILE C 311 28.59 8.88 23.16
C ILE C 311 28.96 9.21 24.61
N ASN C 312 28.93 8.20 25.47
CA ASN C 312 29.30 8.34 26.87
C ASN C 312 30.75 8.79 27.13
N GLU C 313 31.70 8.24 26.38
CA GLU C 313 33.09 8.62 26.52
C GLU C 313 33.44 9.84 25.67
N LYS C 314 32.43 10.43 25.06
CA LYS C 314 32.60 11.67 24.31
C LYS C 314 33.73 11.55 23.30
N LEU C 315 33.76 10.43 22.60
CA LEU C 315 34.80 10.18 21.62
C LEU C 315 34.63 11.04 20.37
N CYS C 316 33.41 11.45 20.06
CA CYS C 316 33.22 12.36 18.94
C CYS C 316 33.93 13.67 19.22
N GLU C 317 33.78 14.17 20.43
CA GLU C 317 34.28 15.48 20.79
C GLU C 317 35.79 15.41 20.89
N ASN C 318 36.28 14.36 21.53
CA ASN C 318 37.71 14.16 21.59
C ASN C 318 38.29 14.30 20.19
N ALA C 319 37.77 13.50 19.26
CA ALA C 319 38.17 13.59 17.86
C ALA C 319 38.08 15.02 17.34
N ASP C 320 36.97 15.71 17.61
CA ASP C 320 36.76 17.05 17.06
C ASP C 320 37.82 18.00 17.61
N LYS C 321 38.09 17.88 18.91
CA LYS C 321 39.01 18.77 19.62
C LYS C 321 40.46 18.58 19.23
N LEU C 322 40.92 17.33 19.21
CA LEU C 322 42.32 17.01 18.96
C LEU C 322 42.68 17.05 17.49
N GLY C 323 41.67 16.88 16.64
CA GLY C 323 41.90 16.67 15.21
C GLY C 323 42.50 17.85 14.47
N ALA C 324 41.76 18.95 14.39
CA ALA C 324 42.23 20.13 13.68
C ALA C 324 43.64 20.54 14.09
N PRO C 325 43.91 20.62 15.41
CA PRO C 325 45.25 20.91 15.92
C PRO C 325 46.28 19.94 15.34
N PHE C 326 46.15 18.67 15.66
CA PHE C 326 47.03 17.63 15.14
C PHE C 326 47.39 17.85 13.68
N LEU C 327 46.36 18.14 12.88
CA LEU C 327 46.55 18.32 11.44
C LEU C 327 47.33 19.59 11.14
N GLN C 328 46.97 20.68 11.80
CA GLN C 328 47.63 21.97 11.64
C GLN C 328 49.12 21.88 12.01
N ASN C 329 49.37 21.44 13.24
CA ASN C 329 50.72 21.25 13.74
C ASN C 329 51.56 20.36 12.81
N LEU C 330 50.96 19.31 12.29
CA LEU C 330 51.67 18.40 11.40
C LEU C 330 51.98 19.09 10.06
N LYS C 331 51.03 19.90 9.58
CA LYS C 331 51.22 20.72 8.38
C LYS C 331 52.45 21.61 8.56
N GLU C 332 52.58 22.19 9.75
CA GLU C 332 53.71 23.03 10.09
C GLU C 332 55.00 22.25 10.03
N GLN C 333 55.13 21.24 10.88
CA GLN C 333 56.38 20.49 10.99
C GLN C 333 56.87 19.77 9.72
N LEU C 334 56.05 19.74 8.67
CA LEU C 334 56.45 19.08 7.43
C LEU C 334 56.45 20.02 6.23
N LYS C 335 56.27 21.32 6.50
CA LYS C 335 56.14 22.32 5.43
C LYS C 335 57.34 22.35 4.48
N ASP C 336 58.49 21.95 5.00
CA ASP C 336 59.75 22.04 4.26
C ASP C 336 60.26 20.66 3.81
N SER C 337 59.33 19.73 3.64
CA SER C 337 59.71 18.38 3.21
C SER C 337 59.65 18.28 1.71
N LYS C 338 60.66 17.67 1.11
CA LYS C 338 60.74 17.57 -0.33
C LYS C 338 59.80 16.46 -0.85
N VAL C 339 59.53 15.47 -0.01
CA VAL C 339 58.73 14.30 -0.42
C VAL C 339 57.25 14.40 -0.10
N VAL C 340 56.90 15.20 0.89
CA VAL C 340 55.48 15.43 1.21
C VAL C 340 54.83 16.32 0.14
N ARG C 341 53.66 15.92 -0.33
CA ARG C 341 52.88 16.72 -1.27
C ARG C 341 51.81 17.54 -0.54
N GLU C 342 51.07 16.89 0.35
CA GLU C 342 49.98 17.56 1.04
C GLU C 342 49.54 16.80 2.30
N VAL C 343 48.98 17.53 3.26
CA VAL C 343 48.49 16.92 4.47
C VAL C 343 47.04 17.31 4.63
N ARG C 344 46.16 16.32 4.55
CA ARG C 344 44.73 16.58 4.57
C ARG C 344 44.07 15.95 5.79
N GLY C 345 42.87 16.42 6.11
CA GLY C 345 42.11 15.81 7.19
C GLY C 345 40.85 16.54 7.60
N LYS C 346 40.07 15.88 8.45
CA LYS C 346 38.99 16.49 9.19
C LYS C 346 38.80 15.58 10.37
N GLY C 347 38.81 16.14 11.58
CA GLY C 347 38.80 15.34 12.78
C GLY C 347 39.98 14.39 12.81
N LEU C 348 39.76 13.16 13.24
CA LEU C 348 40.83 12.17 13.22
C LEU C 348 40.81 11.29 11.96
N LEU C 349 40.30 11.85 10.86
CA LEU C 349 40.37 11.20 9.56
C LEU C 349 41.37 11.95 8.68
N CYS C 350 42.64 11.57 8.73
CA CYS C 350 43.70 12.35 8.11
C CYS C 350 44.56 11.52 7.17
N ALA C 351 45.40 12.20 6.41
CA ALA C 351 46.26 11.50 5.47
C ALA C 351 47.44 12.37 5.08
N ILE C 352 48.48 11.73 4.58
CA ILE C 352 49.61 12.46 4.00
C ILE C 352 49.83 11.91 2.59
N GLU C 353 49.82 12.79 1.60
CA GLU C 353 50.08 12.37 0.23
C GLU C 353 51.52 12.69 -0.11
N PHE C 354 52.22 11.71 -0.65
CA PHE C 354 53.61 11.87 -1.01
C PHE C 354 53.75 12.04 -2.52
N LYS C 355 54.94 12.42 -2.94
CA LYS C 355 55.25 12.50 -4.35
C LYS C 355 55.91 11.19 -4.75
N ASN C 356 55.10 10.25 -5.25
CA ASN C 356 55.59 8.90 -5.54
C ASN C 356 56.65 8.86 -6.62
N ASP C 357 56.94 10.02 -7.18
CA ASP C 357 58.08 10.19 -8.06
C ASP C 357 59.36 10.06 -7.28
N LEU C 358 59.33 10.51 -6.03
CA LEU C 358 60.53 10.56 -5.21
C LEU C 358 60.63 9.39 -4.24
N VAL C 359 59.52 9.01 -3.62
CA VAL C 359 59.56 7.91 -2.68
C VAL C 359 58.60 6.79 -2.99
N ASN C 360 59.00 5.62 -2.49
CA ASN C 360 58.19 4.42 -2.52
C ASN C 360 57.31 4.46 -1.29
N VAL C 361 56.00 4.60 -1.49
CA VAL C 361 55.09 4.77 -0.37
C VAL C 361 55.09 3.56 0.57
N TRP C 362 55.23 2.39 -0.01
CA TRP C 362 55.28 1.15 0.76
C TRP C 362 56.44 1.15 1.75
N ASP C 363 57.59 1.67 1.33
CA ASP C 363 58.75 1.72 2.21
C ASP C 363 58.49 2.68 3.37
N ILE C 364 57.82 3.80 3.08
CA ILE C 364 57.46 4.74 4.15
C ILE C 364 56.64 4.01 5.22
N CYS C 365 55.79 3.10 4.78
CA CYS C 365 54.96 2.31 5.69
C CYS C 365 55.76 1.33 6.52
N LEU C 366 56.79 0.75 5.91
CA LEU C 366 57.67 -0.15 6.64
C LEU C 366 58.48 0.64 7.65
N LYS C 367 58.81 1.89 7.30
CA LYS C 367 59.64 2.72 8.17
C LYS C 367 58.84 3.13 9.39
N PHE C 368 57.60 3.55 9.15
CA PHE C 368 56.67 3.80 10.23
C PHE C 368 56.67 2.60 11.17
N LYS C 369 56.35 1.43 10.63
CA LYS C 369 56.30 0.20 11.41
C LYS C 369 57.53 0.10 12.27
N GLU C 370 58.69 0.41 11.69
CA GLU C 370 59.95 0.32 12.42
C GLU C 370 59.95 1.33 13.54
N ASN C 371 59.47 2.53 13.26
CA ASN C 371 59.44 3.60 14.26
C ASN C 371 58.26 3.52 15.24
N GLY C 372 57.46 2.48 15.14
CA GLY C 372 56.48 2.16 16.17
C GLY C 372 55.06 2.58 15.88
N LEU C 373 54.76 2.85 14.62
CA LEU C 373 53.41 3.25 14.20
C LEU C 373 53.04 2.55 12.89
N ILE C 374 52.00 1.71 12.92
CA ILE C 374 51.62 0.96 11.72
C ILE C 374 50.45 1.59 10.94
N THR C 375 50.58 1.58 9.62
CA THR C 375 49.50 2.05 8.78
C THR C 375 49.71 1.52 7.37
N ARG C 376 48.84 1.89 6.44
CA ARG C 376 48.85 1.29 5.11
C ARG C 376 48.71 2.37 4.02
N SER C 377 49.08 2.01 2.79
CA SER C 377 49.07 2.93 1.66
C SER C 377 47.77 2.88 0.92
N VAL C 378 47.54 3.88 0.09
CA VAL C 378 46.32 3.99 -0.71
C VAL C 378 46.65 4.80 -1.96
N HIS C 379 46.80 4.10 -3.08
CA HIS C 379 47.20 4.72 -4.35
C HIS C 379 48.69 4.57 -4.59
N ASP C 380 49.41 4.06 -3.60
CA ASP C 380 50.87 4.11 -3.66
C ASP C 380 51.34 5.56 -3.69
N LYS C 381 50.53 6.45 -3.11
CA LYS C 381 50.91 7.86 -2.96
C LYS C 381 50.37 8.49 -1.67
N THR C 382 49.26 7.98 -1.16
CA THR C 382 48.67 8.58 0.05
C THR C 382 48.64 7.60 1.23
N VAL C 383 49.10 8.05 2.38
CA VAL C 383 49.13 7.21 3.57
C VAL C 383 48.12 7.64 4.61
N ARG C 384 47.35 6.66 5.07
CA ARG C 384 46.22 6.86 5.96
C ARG C 384 46.64 7.10 7.42
N LEU C 385 46.11 8.16 8.02
CA LEU C 385 46.36 8.48 9.41
C LEU C 385 45.05 8.50 10.19
N THR C 386 44.61 7.31 10.63
CA THR C 386 43.34 7.21 11.32
C THR C 386 43.43 6.35 12.56
N PRO C 387 43.81 6.97 13.68
CA PRO C 387 43.98 6.30 14.98
C PRO C 387 42.62 6.08 15.59
N PRO C 388 42.54 5.21 16.61
CA PRO C 388 41.30 5.11 17.37
C PRO C 388 40.97 6.44 18.06
N LEU C 389 39.68 6.72 18.28
CA LEU C 389 39.23 8.04 18.74
C LEU C 389 39.51 8.34 20.22
N CYS C 390 40.03 7.37 20.95
CA CYS C 390 40.31 7.58 22.36
C CYS C 390 41.75 8.00 22.61
N ILE C 391 42.45 8.37 21.54
CA ILE C 391 43.83 8.79 21.62
C ILE C 391 43.90 10.10 22.40
N THR C 392 44.97 10.30 23.17
CA THR C 392 45.12 11.50 23.98
C THR C 392 45.99 12.54 23.28
N LYS C 393 45.94 13.77 23.76
CA LYS C 393 46.75 14.83 23.16
C LYS C 393 48.22 14.43 23.21
N GLU C 394 48.64 13.85 24.34
CA GLU C 394 50.02 13.46 24.52
C GLU C 394 50.41 12.41 23.49
N GLN C 395 49.60 11.37 23.39
CA GLN C 395 49.80 10.32 22.38
C GLN C 395 49.93 10.88 20.95
N LEU C 396 49.01 11.74 20.54
CA LEU C 396 49.10 12.38 19.24
C LEU C 396 50.43 13.10 19.04
N ASP C 397 50.90 13.76 20.09
CA ASP C 397 52.19 14.45 20.04
C ASP C 397 53.35 13.48 19.83
N GLU C 398 53.37 12.40 20.60
CA GLU C 398 54.37 11.36 20.40
C GLU C 398 54.37 10.83 18.97
N CYS C 399 53.18 10.72 18.38
CA CYS C 399 53.01 10.21 17.04
C CYS C 399 53.48 11.21 15.98
N THR C 400 53.20 12.50 16.20
CA THR C 400 53.72 13.53 15.33
C THR C 400 55.24 13.41 15.22
N GLU C 401 55.88 13.15 16.35
CA GLU C 401 57.33 12.92 16.39
C GLU C 401 57.69 11.77 15.47
N ILE C 402 57.06 10.61 15.69
CA ILE C 402 57.27 9.44 14.85
C ILE C 402 57.07 9.77 13.37
N ILE C 403 56.02 10.50 13.07
CA ILE C 403 55.72 10.86 11.68
C ILE C 403 56.78 11.79 11.08
N VAL C 404 57.14 12.84 11.82
CA VAL C 404 58.21 13.72 11.36
C VAL C 404 59.56 12.98 11.19
N LYS C 405 59.86 12.09 12.12
CA LYS C 405 61.12 11.34 12.09
C LYS C 405 61.17 10.47 10.86
N THR C 406 60.00 9.90 10.56
CA THR C 406 59.89 8.95 9.47
C THR C 406 60.02 9.67 8.13
N VAL C 407 59.34 10.80 7.96
CA VAL C 407 59.46 11.56 6.71
C VAL C 407 60.86 12.16 6.49
N LYS C 408 61.51 12.54 7.57
CA LYS C 408 62.88 13.05 7.51
C LYS C 408 63.81 12.01 6.89
N PHE C 409 63.73 10.77 7.36
CA PHE C 409 64.52 9.71 6.73
C PHE C 409 64.55 9.73 5.18
N PHE C 410 63.38 9.78 4.53
CA PHE C 410 63.34 9.76 3.05
C PHE C 410 63.75 11.09 2.40
N ASP C 411 63.42 12.18 3.09
CA ASP C 411 63.92 13.51 2.76
C ASP C 411 65.45 13.52 2.71
N ASP C 412 66.07 12.95 3.75
CA ASP C 412 67.52 12.89 3.87
C ASP C 412 68.19 11.80 3.04
N ASN C 413 67.46 11.08 2.20
CA ASN C 413 68.09 9.94 1.53
C ASN C 413 67.70 9.63 0.07
N LEU C 414 67.70 10.64 -0.80
CA LEU C 414 67.50 10.40 -2.23
C LEU C 414 68.85 10.39 -2.99
N LYS D 8 5.68 -5.67 27.96
CA LYS D 8 5.94 -5.76 26.52
C LYS D 8 5.71 -7.22 26.08
N SER D 9 4.64 -7.44 25.33
CA SER D 9 4.30 -8.75 24.78
C SER D 9 4.92 -9.05 23.40
N SER D 10 4.90 -10.32 23.03
CA SER D 10 5.30 -10.71 21.69
C SER D 10 4.72 -9.73 20.67
N GLN D 11 3.47 -9.34 20.86
CA GLN D 11 2.85 -8.39 19.94
C GLN D 11 3.52 -7.03 19.93
N ASP D 12 3.94 -6.55 21.10
CA ASP D 12 4.61 -5.25 21.18
C ASP D 12 5.93 -5.26 20.43
N TYR D 13 6.72 -6.32 20.64
CA TYR D 13 8.01 -6.42 19.95
C TYR D 13 7.83 -6.48 18.44
N MET D 14 6.90 -7.33 18.01
CA MET D 14 6.59 -7.44 16.59
C MET D 14 6.12 -6.10 16.02
N ASN D 15 5.29 -5.39 16.76
CA ASN D 15 4.84 -4.09 16.28
C ASN D 15 6.00 -3.12 16.26
N ASN D 16 6.89 -3.25 17.24
CA ASN D 16 8.04 -2.36 17.35
C ASN D 16 8.90 -2.50 16.10
N GLU D 17 9.23 -3.75 15.77
CA GLU D 17 9.95 -4.04 14.54
C GLU D 17 9.29 -3.47 13.30
N LEU D 18 7.98 -3.66 13.18
CA LEU D 18 7.29 -3.15 12.00
C LEU D 18 7.45 -1.64 11.86
N THR D 19 7.52 -0.92 12.97
CA THR D 19 7.51 0.52 12.85
C THR D 19 8.91 1.10 12.72
N TYR D 20 9.93 0.37 13.16
CA TYR D 20 11.30 0.91 13.14
C TYR D 20 12.27 0.23 12.16
N GLY D 21 11.94 -0.98 11.74
CA GLY D 21 12.74 -1.68 10.75
C GLY D 21 12.01 -1.83 9.43
N ALA D 22 12.78 -1.92 8.35
CA ALA D 22 12.26 -2.22 7.03
C ALA D 22 11.45 -3.53 7.01
N HIS D 23 10.40 -3.55 6.18
CA HIS D 23 9.57 -4.74 6.03
C HIS D 23 10.12 -5.69 4.95
N ASN D 24 11.38 -6.09 5.07
CA ASN D 24 11.97 -6.85 3.98
C ASN D 24 11.97 -8.37 4.21
N TYR D 25 11.47 -8.78 5.37
CA TYR D 25 11.31 -10.18 5.68
C TYR D 25 9.88 -10.42 6.12
N ASP D 26 9.45 -11.67 6.12
CA ASP D 26 8.10 -12.01 6.50
C ASP D 26 8.12 -13.18 7.46
N PRO D 27 8.40 -12.89 8.74
CA PRO D 27 8.70 -13.93 9.72
C PRO D 27 7.46 -14.64 10.26
N ILE D 28 7.62 -15.88 10.72
CA ILE D 28 6.61 -16.53 11.54
C ILE D 28 6.45 -15.70 12.83
N PRO D 29 5.20 -15.46 13.24
CA PRO D 29 4.96 -14.54 14.36
C PRO D 29 5.32 -15.08 15.75
N VAL D 30 6.58 -15.43 15.97
CA VAL D 30 7.04 -15.79 17.31
C VAL D 30 8.26 -14.97 17.63
N VAL D 31 8.40 -14.54 18.88
CA VAL D 31 9.48 -13.62 19.23
C VAL D 31 10.39 -14.24 20.27
N LEU D 32 11.60 -14.61 19.84
CA LEU D 32 12.51 -15.41 20.67
C LEU D 32 13.49 -14.55 21.47
N LYS D 33 13.80 -14.97 22.69
CA LYS D 33 14.71 -14.21 23.53
C LYS D 33 15.89 -15.04 23.99
N ARG D 34 15.80 -16.36 23.80
CA ARG D 34 16.82 -17.25 24.35
C ARG D 34 16.86 -18.59 23.61
N GLY D 35 18.07 -19.13 23.47
CA GLY D 35 18.28 -20.46 22.92
C GLY D 35 19.26 -21.30 23.74
N LYS D 36 19.00 -22.61 23.81
CA LYS D 36 19.93 -23.57 24.40
C LYS D 36 19.82 -24.88 23.67
N GLY D 37 20.86 -25.23 22.94
CA GLY D 37 20.90 -26.52 22.27
C GLY D 37 19.76 -26.62 21.29
N VAL D 38 18.81 -27.51 21.58
CA VAL D 38 17.78 -27.80 20.62
C VAL D 38 16.51 -26.98 20.85
N PHE D 39 16.50 -26.22 21.96
CA PHE D 39 15.32 -25.43 22.32
C PHE D 39 15.50 -23.92 22.17
N VAL D 40 14.42 -23.25 21.78
CA VAL D 40 14.34 -21.81 21.88
C VAL D 40 13.16 -21.40 22.77
N TYR D 41 13.21 -20.18 23.30
CA TYR D 41 12.18 -19.73 24.21
C TYR D 41 11.69 -18.33 23.82
N ASP D 42 10.38 -18.15 23.78
CA ASP D 42 9.80 -16.84 23.42
C ASP D 42 9.61 -15.84 24.59
N ILE D 43 9.05 -14.68 24.27
CA ILE D 43 8.92 -13.60 25.24
C ILE D 43 8.13 -14.05 26.45
N GLU D 44 7.17 -14.94 26.20
CA GLU D 44 6.29 -15.44 27.25
C GLU D 44 6.78 -16.75 27.84
N ASP D 45 8.06 -16.99 27.68
CA ASP D 45 8.69 -18.16 28.28
C ASP D 45 8.14 -19.50 27.80
N ARG D 46 7.52 -19.50 26.61
CA ARG D 46 7.15 -20.74 25.94
C ARG D 46 8.36 -21.35 25.30
N ARG D 47 8.44 -22.69 25.30
CA ARG D 47 9.58 -23.39 24.70
C ARG D 47 9.24 -24.10 23.41
N TYR D 48 10.10 -23.96 22.41
CA TYR D 48 9.89 -24.68 21.18
C TYR D 48 11.13 -25.47 20.77
N TYR D 49 10.90 -26.57 20.05
CA TYR D 49 11.97 -27.25 19.33
C TYR D 49 12.33 -26.40 18.14
N ASP D 50 13.60 -26.02 18.03
CA ASP D 50 14.02 -25.31 16.83
C ASP D 50 14.28 -26.30 15.70
N PHE D 51 13.47 -26.24 14.65
CA PHE D 51 13.63 -27.17 13.55
C PHE D 51 14.14 -26.51 12.27
N LEU D 52 14.73 -25.34 12.44
CA LEU D 52 15.33 -24.61 11.34
C LEU D 52 16.83 -24.48 11.58
N SER D 53 17.21 -24.48 12.87
CA SER D 53 18.59 -24.24 13.28
C SER D 53 19.19 -23.00 12.62
N ALA D 54 18.40 -21.94 12.51
CA ALA D 54 18.82 -20.74 11.79
C ALA D 54 19.43 -21.16 10.47
N TYR D 55 18.69 -22.01 9.76
CA TYR D 55 19.15 -22.58 8.49
C TYR D 55 20.54 -23.21 8.60
N SER D 56 20.72 -24.04 9.63
CA SER D 56 21.95 -24.83 9.77
C SER D 56 23.10 -24.10 10.44
N SER D 57 22.89 -22.87 10.90
CA SER D 57 23.96 -22.15 11.56
C SER D 57 24.23 -22.68 12.95
N VAL D 58 23.25 -23.33 13.57
CA VAL D 58 23.46 -23.82 14.93
C VAL D 58 23.38 -25.35 15.01
N ASN D 59 24.12 -26.00 14.13
CA ASN D 59 24.24 -27.46 14.15
C ASN D 59 24.68 -27.94 15.52
N GLN D 60 25.58 -27.19 16.14
CA GLN D 60 26.14 -27.52 17.45
C GLN D 60 25.11 -27.31 18.55
N GLY D 61 24.01 -26.65 18.19
CA GLY D 61 23.02 -26.24 19.16
C GLY D 61 23.20 -24.80 19.59
N HIS D 62 22.10 -24.14 19.89
CA HIS D 62 22.13 -22.75 20.32
C HIS D 62 23.06 -22.49 21.51
N CYS D 63 23.84 -21.41 21.39
CA CYS D 63 24.56 -20.87 22.54
C CYS D 63 25.44 -21.90 23.22
N HIS D 64 26.06 -22.75 22.41
CA HIS D 64 27.00 -23.73 22.91
C HIS D 64 28.15 -23.07 23.67
N PRO D 65 28.35 -23.47 24.93
CA PRO D 65 29.29 -22.86 25.89
C PRO D 65 30.74 -22.88 25.43
N ASP D 66 31.18 -24.01 24.87
CA ASP D 66 32.58 -24.12 24.46
C ASP D 66 32.90 -23.04 23.43
N ILE D 67 32.03 -22.87 22.46
CA ILE D 67 32.24 -21.88 21.42
C ILE D 67 32.25 -20.47 21.99
N LEU D 68 31.23 -20.13 22.78
CA LEU D 68 31.20 -18.86 23.49
C LEU D 68 32.50 -18.59 24.24
N ASN D 69 33.06 -19.63 24.81
CA ASN D 69 34.33 -19.54 25.53
C ASN D 69 35.47 -19.13 24.60
N ALA D 70 35.67 -19.90 23.54
CA ALA D 70 36.60 -19.56 22.47
C ALA D 70 36.42 -18.09 22.03
N MET D 71 35.17 -17.68 21.88
CA MET D 71 34.88 -16.32 21.45
C MET D 71 35.45 -15.31 22.43
N ILE D 72 35.20 -15.54 23.71
CA ILE D 72 35.58 -14.59 24.74
C ILE D 72 37.10 -14.51 24.89
N ASN D 73 37.76 -15.66 24.86
CA ASN D 73 39.22 -15.70 24.95
C ASN D 73 39.87 -14.85 23.87
N GLN D 74 39.33 -14.93 22.66
CA GLN D 74 39.87 -14.17 21.54
C GLN D 74 39.51 -12.68 21.64
N ALA D 75 38.23 -12.39 21.88
CA ALA D 75 37.75 -11.01 21.95
C ALA D 75 38.45 -10.15 23.01
N LYS D 76 39.11 -10.79 23.96
CA LYS D 76 39.85 -10.09 24.98
C LYS D 76 41.20 -9.67 24.44
N LYS D 77 41.70 -10.43 23.47
CA LYS D 77 43.02 -10.16 22.91
C LYS D 77 42.99 -9.23 21.70
N LEU D 78 42.11 -9.51 20.74
CA LEU D 78 42.06 -8.75 19.49
C LEU D 78 40.83 -9.20 18.72
N THR D 79 40.05 -8.25 18.22
CA THR D 79 38.83 -8.60 17.50
C THR D 79 38.98 -8.44 16.00
N ILE D 80 39.79 -7.48 15.60
CA ILE D 80 39.92 -7.15 14.20
C ILE D 80 41.12 -6.22 14.02
N CYS D 81 41.90 -6.44 12.96
CA CYS D 81 42.97 -5.53 12.63
C CYS D 81 42.93 -5.20 11.14
N SER D 82 42.08 -5.91 10.41
CA SER D 82 41.95 -5.77 8.95
C SER D 82 43.05 -6.53 8.18
N ARG D 83 42.82 -6.78 6.89
CA ARG D 83 43.78 -7.51 6.09
C ARG D 83 44.96 -6.61 5.69
N ALA D 84 45.07 -5.46 6.34
CA ALA D 84 46.20 -4.58 6.09
C ALA D 84 47.41 -5.20 6.74
N PHE D 85 47.13 -6.02 7.74
CA PHE D 85 48.18 -6.64 8.54
C PHE D 85 47.85 -8.10 8.81
N PHE D 86 48.70 -8.76 9.57
CA PHE D 86 48.54 -10.17 9.88
C PHE D 86 48.04 -10.35 11.32
N SER D 87 47.31 -11.41 11.57
CA SER D 87 47.02 -11.81 12.94
C SER D 87 47.55 -13.21 13.21
N ASP D 88 47.82 -13.51 14.47
CA ASP D 88 48.22 -14.86 14.87
C ASP D 88 47.10 -15.84 14.59
N SER D 89 45.88 -15.43 14.90
CA SER D 89 44.72 -16.31 14.88
C SER D 89 44.34 -16.88 13.50
N LEU D 90 44.41 -16.05 12.46
CA LEU D 90 43.95 -16.47 11.15
C LEU D 90 44.73 -17.65 10.59
N GLY D 91 46.05 -17.57 10.63
CA GLY D 91 46.91 -18.68 10.22
C GLY D 91 46.56 -19.99 10.90
N VAL D 92 46.35 -19.94 12.21
CA VAL D 92 45.98 -21.13 12.95
C VAL D 92 44.71 -21.74 12.39
N CYS D 93 43.74 -20.87 12.08
CA CYS D 93 42.49 -21.30 11.45
C CYS D 93 42.75 -21.94 10.09
N GLU D 94 43.51 -21.24 9.26
CA GLU D 94 43.78 -21.70 7.90
C GLU D 94 44.39 -23.08 7.93
N ARG D 95 45.42 -23.24 8.75
CA ARG D 95 46.11 -24.52 8.89
C ARG D 95 45.16 -25.60 9.42
N TYR D 96 44.30 -25.22 10.36
CA TYR D 96 43.36 -26.19 10.92
C TYR D 96 42.41 -26.71 9.84
N LEU D 97 41.75 -25.79 9.13
CA LEU D 97 40.77 -26.15 8.12
C LEU D 97 41.36 -26.95 6.98
N THR D 98 42.54 -26.55 6.51
CA THR D 98 43.21 -27.22 5.39
C THR D 98 43.52 -28.68 5.72
N ASN D 99 44.20 -28.93 6.84
CA ASN D 99 44.48 -30.30 7.24
C ASN D 99 43.19 -31.08 7.39
N LEU D 100 42.19 -30.46 7.99
CA LEU D 100 40.96 -31.15 8.32
C LEU D 100 40.19 -31.60 7.07
N PHE D 101 40.27 -30.82 6.01
CA PHE D 101 39.45 -31.15 4.83
C PHE D 101 40.24 -31.67 3.66
N GLY D 102 41.56 -31.54 3.74
CA GLY D 102 42.43 -32.09 2.72
C GLY D 102 42.49 -31.20 1.50
N TYR D 103 42.79 -29.93 1.72
CA TYR D 103 43.00 -29.02 0.61
C TYR D 103 44.20 -28.13 0.90
N ASP D 104 44.90 -27.74 -0.14
CA ASP D 104 46.10 -26.97 0.03
C ASP D 104 45.81 -25.70 0.80
N LYS D 105 44.82 -24.95 0.35
CA LYS D 105 44.58 -23.63 0.92
C LYS D 105 43.10 -23.35 1.20
N VAL D 106 42.85 -22.30 1.96
CA VAL D 106 41.50 -21.90 2.27
C VAL D 106 41.44 -20.40 2.23
N LEU D 107 40.28 -19.87 1.85
CA LEU D 107 40.04 -18.43 1.83
C LEU D 107 38.83 -18.11 2.71
N MET D 108 39.05 -17.33 3.79
CA MET D 108 38.02 -17.07 4.79
C MET D 108 37.27 -15.82 4.47
N MET D 109 35.96 -15.85 4.71
CA MET D 109 35.08 -14.70 4.46
C MET D 109 33.91 -14.65 5.46
N ASN D 110 32.97 -13.76 5.21
CA ASN D 110 31.87 -13.51 6.13
C ASN D 110 30.58 -14.22 5.78
N THR D 111 29.92 -13.78 4.70
CA THR D 111 28.63 -14.33 4.33
C THR D 111 28.76 -15.44 3.30
N GLY D 112 27.71 -16.22 3.10
CA GLY D 112 27.76 -17.32 2.16
C GLY D 112 27.70 -16.76 0.76
N ALA D 113 27.05 -15.60 0.65
CA ALA D 113 26.99 -14.94 -0.64
C ALA D 113 28.39 -14.54 -1.06
N GLU D 114 29.17 -14.00 -0.13
CA GLU D 114 30.57 -13.70 -0.40
C GLU D 114 31.30 -14.95 -0.88
N ALA D 115 30.92 -16.09 -0.32
CA ALA D 115 31.56 -17.33 -0.75
C ALA D 115 31.22 -17.58 -2.21
N SER D 116 29.94 -17.55 -2.54
CA SER D 116 29.52 -17.82 -3.91
C SER D 116 30.10 -16.82 -4.90
N GLU D 117 30.07 -15.53 -4.58
CA GLU D 117 30.59 -14.52 -5.51
C GLU D 117 32.03 -14.86 -5.80
N THR D 118 32.78 -15.06 -4.74
CA THR D 118 34.22 -15.27 -4.83
C THR D 118 34.52 -16.54 -5.61
N ALA D 119 33.71 -17.57 -5.38
CA ALA D 119 33.83 -18.79 -6.16
C ALA D 119 33.66 -18.52 -7.66
N TYR D 120 32.64 -17.73 -8.04
CA TYR D 120 32.49 -17.42 -9.46
C TYR D 120 33.76 -16.75 -10.01
N LYS D 121 34.24 -15.70 -9.35
CA LYS D 121 35.50 -15.07 -9.75
C LYS D 121 36.58 -16.12 -9.93
N LEU D 122 36.70 -17.02 -8.97
CA LEU D 122 37.75 -18.01 -8.96
C LEU D 122 37.67 -18.91 -10.19
N CYS D 123 36.52 -19.55 -10.37
CA CYS D 123 36.29 -20.41 -11.54
C CYS D 123 36.59 -19.73 -12.86
N ARG D 124 36.10 -18.51 -13.02
CA ARG D 124 36.37 -17.77 -14.25
C ARG D 124 37.86 -17.51 -14.48
N LYS D 125 38.57 -17.19 -13.42
CA LYS D 125 39.97 -16.84 -13.58
C LYS D 125 40.82 -18.10 -13.84
N TRP D 126 40.52 -19.18 -13.12
CA TRP D 126 41.16 -20.46 -13.39
C TRP D 126 40.91 -20.82 -14.84
N GLY D 127 39.69 -20.49 -15.28
CA GLY D 127 39.20 -20.81 -16.60
C GLY D 127 39.99 -20.07 -17.65
N TYR D 128 40.34 -18.82 -17.35
CA TYR D 128 41.15 -18.05 -18.27
C TYR D 128 42.64 -18.43 -18.16
N GLU D 129 43.17 -18.52 -16.94
CA GLU D 129 44.57 -18.82 -16.78
C GLU D 129 44.94 -20.28 -17.03
N VAL D 130 44.00 -21.21 -16.89
CA VAL D 130 44.34 -22.61 -17.15
C VAL D 130 43.73 -23.23 -18.43
N LYS D 131 42.42 -23.46 -18.43
CA LYS D 131 41.74 -23.87 -19.65
C LYS D 131 42.01 -22.91 -20.82
N LYS D 132 42.40 -21.68 -20.51
CA LYS D 132 42.64 -20.64 -21.52
C LYS D 132 41.36 -20.17 -22.24
N ILE D 133 40.22 -20.25 -21.56
CA ILE D 133 39.00 -19.62 -22.05
C ILE D 133 39.14 -18.14 -21.87
N PRO D 134 38.71 -17.35 -22.86
CA PRO D 134 38.62 -15.91 -22.54
C PRO D 134 37.70 -15.67 -21.33
N GLU D 135 38.23 -15.09 -20.25
CA GLU D 135 37.47 -14.83 -19.01
C GLU D 135 36.15 -14.09 -19.25
N ASN D 136 36.01 -13.53 -20.45
CA ASN D 136 34.79 -12.83 -20.85
C ASN D 136 33.74 -13.74 -21.46
N SER D 137 34.08 -15.01 -21.62
CA SER D 137 33.16 -15.99 -22.18
C SER D 137 32.97 -17.18 -21.25
N ALA D 138 33.78 -17.24 -20.18
CA ALA D 138 33.72 -18.34 -19.22
C ALA D 138 32.30 -18.51 -18.69
N LYS D 139 31.75 -19.70 -18.92
CA LYS D 139 30.41 -20.01 -18.47
C LYS D 139 30.53 -20.97 -17.30
N ILE D 140 29.51 -20.98 -16.45
CA ILE D 140 29.49 -21.80 -15.24
C ILE D 140 28.17 -22.54 -15.27
N ILE D 141 28.19 -23.82 -14.95
CA ILE D 141 26.95 -24.57 -14.97
C ILE D 141 26.39 -24.66 -13.56
N VAL D 142 25.08 -24.45 -13.42
CA VAL D 142 24.43 -24.62 -12.12
C VAL D 142 23.11 -25.33 -12.32
N CYS D 143 22.50 -25.82 -11.25
CA CYS D 143 21.25 -26.52 -11.43
C CYS D 143 20.07 -25.58 -11.27
N ASN D 144 18.88 -26.06 -11.61
CA ASN D 144 17.67 -25.25 -11.51
C ASN D 144 17.20 -25.09 -10.06
N ASN D 145 17.59 -23.97 -9.43
CA ASN D 145 17.20 -23.69 -8.04
C ASN D 145 15.73 -24.06 -7.83
N ASN D 146 14.99 -24.14 -8.93
CA ASN D 146 13.59 -24.54 -8.95
C ASN D 146 13.39 -25.85 -9.75
N PHE D 147 12.73 -25.76 -10.91
CA PHE D 147 12.47 -26.92 -11.77
C PHE D 147 12.51 -26.54 -13.25
N VAL D 171 28.42 -15.88 -23.14
CA VAL D 171 28.33 -16.01 -21.68
C VAL D 171 27.10 -15.31 -21.06
N PRO D 172 25.96 -16.02 -20.93
CA PRO D 172 24.88 -15.36 -20.17
C PRO D 172 25.35 -15.34 -18.73
N ASN D 173 26.65 -15.60 -18.59
CA ASN D 173 27.33 -15.92 -17.35
C ASN D 173 27.09 -17.40 -17.01
N PHE D 174 25.84 -17.85 -17.15
CA PHE D 174 25.43 -19.11 -16.57
C PHE D 174 24.70 -20.08 -17.51
N LEU D 175 24.75 -21.36 -17.17
CA LEU D 175 24.01 -22.38 -17.87
C LEU D 175 23.30 -23.23 -16.84
N LYS D 176 21.96 -23.19 -16.86
CA LYS D 176 21.16 -24.03 -15.98
C LYS D 176 20.98 -25.46 -16.57
N VAL D 177 21.13 -26.48 -15.73
CA VAL D 177 20.77 -27.84 -16.14
C VAL D 177 20.04 -28.54 -15.00
N PRO D 178 19.27 -29.57 -15.35
CA PRO D 178 18.50 -30.33 -14.35
C PRO D 178 19.39 -30.99 -13.33
N TYR D 179 18.96 -30.94 -12.09
CA TYR D 179 19.67 -31.61 -11.02
C TYR D 179 19.53 -33.11 -11.24
N ASP D 180 20.46 -33.88 -10.69
CA ASP D 180 20.47 -35.33 -10.84
C ASP D 180 20.25 -35.74 -12.30
N ASP D 181 21.03 -35.19 -13.21
CA ASP D 181 20.88 -35.50 -14.63
C ASP D 181 22.23 -35.51 -15.30
N LEU D 182 22.80 -36.71 -15.47
CA LEU D 182 24.13 -36.87 -16.04
C LEU D 182 24.14 -36.63 -17.53
N GLU D 183 23.09 -37.05 -18.20
CA GLU D 183 23.01 -36.86 -19.63
C GLU D 183 23.00 -35.38 -19.97
N ALA D 184 22.18 -34.61 -19.26
CA ALA D 184 22.10 -33.17 -19.51
C ALA D 184 23.40 -32.48 -19.12
N LEU D 185 23.97 -32.89 -18.00
CA LEU D 185 25.22 -32.32 -17.55
C LEU D 185 26.31 -32.50 -18.57
N GLU D 186 26.44 -33.71 -19.10
CA GLU D 186 27.49 -33.99 -20.06
C GLU D 186 27.32 -33.16 -21.32
N LYS D 187 26.07 -32.91 -21.70
CA LYS D 187 25.77 -32.15 -22.90
C LYS D 187 26.35 -30.75 -22.78
N GLU D 188 26.29 -30.18 -21.59
CA GLU D 188 26.77 -28.82 -21.37
C GLU D 188 28.28 -28.78 -21.20
N LEU D 189 28.83 -29.80 -20.56
CA LEU D 189 30.26 -29.90 -20.36
C LEU D 189 31.02 -29.89 -21.69
N GLN D 190 30.34 -30.25 -22.78
CA GLN D 190 30.93 -30.29 -24.12
C GLN D 190 31.33 -28.89 -24.61
N ASP D 191 30.67 -27.88 -24.06
CA ASP D 191 31.02 -26.48 -24.33
C ASP D 191 32.43 -26.18 -23.84
N PRO D 192 33.34 -25.84 -24.76
CA PRO D 192 34.75 -25.68 -24.39
C PRO D 192 34.94 -24.46 -23.49
N ASN D 193 33.91 -23.61 -23.41
CA ASN D 193 33.98 -22.37 -22.64
C ASN D 193 33.48 -22.48 -21.20
N VAL D 194 33.05 -23.67 -20.81
CA VAL D 194 32.68 -23.96 -19.45
C VAL D 194 33.95 -24.11 -18.62
N CYS D 195 33.96 -23.51 -17.44
CA CYS D 195 35.12 -23.63 -16.56
C CYS D 195 34.77 -24.33 -15.25
N ALA D 196 33.48 -24.46 -14.96
CA ALA D 196 33.04 -24.99 -13.68
C ALA D 196 31.59 -25.46 -13.63
N PHE D 197 31.36 -26.51 -12.85
CA PHE D 197 30.03 -26.91 -12.46
C PHE D 197 29.90 -26.67 -10.93
N ILE D 198 28.97 -25.82 -10.51
CA ILE D 198 28.75 -25.56 -9.08
C ILE D 198 27.41 -26.17 -8.65
N VAL D 199 27.47 -27.08 -7.68
CA VAL D 199 26.32 -27.89 -7.34
C VAL D 199 26.30 -28.22 -5.85
N GLU D 200 25.09 -28.31 -5.31
CA GLU D 200 24.85 -28.68 -3.93
C GLU D 200 24.67 -30.18 -3.81
N PRO D 201 25.30 -30.81 -2.80
CA PRO D 201 25.23 -32.25 -2.57
C PRO D 201 23.80 -32.71 -2.34
N VAL D 202 22.99 -31.85 -1.76
CA VAL D 202 21.53 -32.01 -1.77
C VAL D 202 20.92 -30.63 -1.82
N GLN D 203 19.95 -30.45 -2.73
CA GLN D 203 19.39 -29.15 -3.01
C GLN D 203 18.53 -28.67 -1.86
N GLY D 204 18.95 -27.60 -1.20
CA GLY D 204 18.20 -27.05 -0.09
C GLY D 204 17.02 -26.20 -0.53
N GLU D 205 17.31 -25.17 -1.30
CA GLU D 205 16.28 -24.23 -1.73
C GLU D 205 15.19 -24.89 -2.58
N ALA D 206 15.57 -25.90 -3.37
CA ALA D 206 14.62 -26.61 -4.22
C ALA D 206 13.68 -27.49 -3.41
N GLY D 207 13.87 -27.53 -2.11
CA GLY D 207 12.98 -28.28 -1.25
C GLY D 207 13.57 -29.58 -0.73
N VAL D 208 14.85 -29.54 -0.39
CA VAL D 208 15.54 -30.74 0.08
C VAL D 208 15.44 -31.90 -0.92
N ILE D 209 16.10 -31.73 -2.06
CA ILE D 209 16.12 -32.77 -3.07
C ILE D 209 17.40 -33.56 -2.98
N VAL D 210 17.27 -34.84 -2.66
CA VAL D 210 18.42 -35.76 -2.57
C VAL D 210 18.76 -36.39 -3.92
N PRO D 211 20.06 -36.54 -4.22
CA PRO D 211 20.38 -37.13 -5.52
C PRO D 211 20.46 -38.64 -5.43
N SER D 212 20.29 -39.32 -6.57
CA SER D 212 20.54 -40.74 -6.65
C SER D 212 21.99 -41.08 -6.35
N ASP D 213 22.22 -42.09 -5.53
CA ASP D 213 23.58 -42.55 -5.29
C ASP D 213 24.10 -43.04 -6.62
N SER D 214 25.01 -42.28 -7.22
CA SER D 214 25.53 -42.58 -8.56
C SER D 214 25.71 -41.31 -9.34
N TYR D 215 24.93 -40.30 -8.97
CA TYR D 215 25.00 -38.98 -9.57
C TYR D 215 26.36 -38.36 -9.33
N PHE D 216 26.75 -38.20 -8.08
CA PHE D 216 28.00 -37.50 -7.84
C PHE D 216 29.22 -38.22 -8.36
N PRO D 217 29.27 -39.55 -8.20
CA PRO D 217 30.33 -40.32 -8.83
C PRO D 217 30.42 -40.00 -10.32
N GLY D 218 29.28 -39.98 -10.99
CA GLY D 218 29.24 -39.59 -12.38
C GLY D 218 29.70 -38.16 -12.62
N VAL D 219 29.25 -37.26 -11.75
CA VAL D 219 29.62 -35.85 -11.84
C VAL D 219 31.14 -35.71 -11.80
N ALA D 220 31.75 -36.40 -10.85
CA ALA D 220 33.18 -36.30 -10.66
C ALA D 220 33.91 -36.76 -11.91
N SER D 221 33.52 -37.90 -12.42
CA SER D 221 34.08 -38.42 -13.66
C SER D 221 33.94 -37.41 -14.77
N LEU D 222 32.70 -37.00 -15.02
CA LEU D 222 32.36 -36.09 -16.09
C LEU D 222 33.21 -34.83 -16.07
N CYS D 223 33.39 -34.27 -14.89
CA CYS D 223 34.18 -33.06 -14.76
C CYS D 223 35.64 -33.33 -15.00
N LYS D 224 36.11 -34.42 -14.41
CA LYS D 224 37.49 -34.81 -14.59
C LYS D 224 37.76 -34.90 -16.08
N LYS D 225 36.83 -35.50 -16.81
CA LYS D 225 37.02 -35.74 -18.23
C LYS D 225 37.03 -34.48 -19.07
N TYR D 226 36.05 -33.60 -18.87
CA TYR D 226 35.99 -32.38 -19.65
C TYR D 226 36.89 -31.26 -19.13
N ASN D 227 37.71 -31.59 -18.12
CA ASN D 227 38.63 -30.63 -17.53
C ASN D 227 37.90 -29.40 -16.99
N VAL D 228 36.98 -29.65 -16.08
CA VAL D 228 36.12 -28.61 -15.57
C VAL D 228 36.08 -28.71 -14.05
N LEU D 229 36.21 -27.56 -13.38
CA LEU D 229 36.19 -27.53 -11.93
C LEU D 229 34.88 -28.03 -11.38
N PHE D 230 34.93 -29.05 -10.54
CA PHE D 230 33.78 -29.55 -9.79
C PHE D 230 33.74 -28.84 -8.43
N VAL D 231 32.80 -27.89 -8.30
CA VAL D 231 32.63 -27.10 -7.08
C VAL D 231 31.42 -27.54 -6.28
N ALA D 232 31.62 -27.87 -5.00
CA ALA D 232 30.51 -28.32 -4.17
C ALA D 232 30.14 -27.28 -3.12
N ASP D 233 28.90 -26.81 -3.20
CA ASP D 233 28.39 -25.86 -2.24
C ASP D 233 27.91 -26.64 -1.03
N GLU D 234 28.74 -26.67 0.01
CA GLU D 234 28.38 -27.40 1.23
C GLU D 234 27.97 -26.46 2.37
N VAL D 235 27.44 -25.28 2.02
CA VAL D 235 27.12 -24.27 3.03
C VAL D 235 25.97 -24.70 3.93
N GLN D 236 25.06 -25.49 3.38
CA GLN D 236 23.93 -26.01 4.14
C GLN D 236 24.15 -27.47 4.47
N THR D 237 24.76 -28.20 3.56
CA THR D 237 24.81 -29.66 3.67
C THR D 237 25.99 -30.15 4.50
N GLY D 238 26.98 -29.28 4.70
CA GLY D 238 28.21 -29.68 5.35
C GLY D 238 28.18 -29.70 6.87
N LEU D 239 29.37 -29.91 7.46
CA LEU D 239 29.54 -29.91 8.90
C LEU D 239 28.43 -30.62 9.63
N GLY D 240 28.29 -31.93 9.39
CA GLY D 240 27.44 -32.78 10.21
C GLY D 240 25.99 -32.91 9.80
N ARG D 241 25.46 -31.88 9.16
CA ARG D 241 24.05 -31.85 8.81
C ARG D 241 23.51 -33.19 8.23
N THR D 242 24.28 -33.87 7.38
CA THR D 242 23.83 -35.13 6.77
C THR D 242 24.52 -36.40 7.28
N GLY D 243 25.45 -36.24 8.22
CA GLY D 243 26.10 -37.36 8.86
C GLY D 243 27.61 -37.29 8.72
N LYS D 244 28.06 -36.54 7.72
CA LYS D 244 29.49 -36.44 7.46
C LYS D 244 29.92 -34.99 7.50
N LEU D 245 31.22 -34.76 7.62
CA LEU D 245 31.74 -33.39 7.56
C LEU D 245 31.46 -32.72 6.22
N LEU D 246 31.64 -33.48 5.14
CA LEU D 246 31.20 -33.04 3.82
C LEU D 246 30.16 -34.02 3.35
N CYS D 247 29.01 -33.52 2.95
CA CYS D 247 28.00 -34.42 2.40
C CYS D 247 28.58 -35.25 1.25
N THR D 248 29.54 -34.68 0.51
CA THR D 248 30.11 -35.35 -0.66
C THR D 248 30.95 -36.56 -0.26
N HIS D 249 31.40 -36.57 0.99
CA HIS D 249 32.10 -37.72 1.55
C HIS D 249 31.22 -38.97 1.42
N HIS D 250 29.90 -38.78 1.44
CA HIS D 250 28.95 -39.89 1.32
C HIS D 250 29.10 -40.62 0.01
N TYR D 251 29.43 -39.88 -1.05
CA TYR D 251 29.49 -40.48 -2.37
C TYR D 251 30.92 -40.78 -2.83
N GLY D 252 31.86 -40.82 -1.88
CA GLY D 252 33.25 -41.03 -2.19
C GLY D 252 33.80 -40.23 -3.36
N VAL D 253 33.56 -38.92 -3.38
CA VAL D 253 34.11 -38.06 -4.41
C VAL D 253 34.83 -36.89 -3.75
N LYS D 254 35.89 -36.41 -4.37
CA LYS D 254 36.60 -35.25 -3.85
C LYS D 254 36.51 -34.09 -4.83
N PRO D 255 35.66 -33.10 -4.51
CA PRO D 255 35.48 -31.90 -5.34
C PRO D 255 36.73 -31.03 -5.41
N ASP D 256 36.90 -30.31 -6.51
CA ASP D 256 38.04 -29.43 -6.67
C ASP D 256 37.97 -28.23 -5.74
N VAL D 257 36.76 -27.78 -5.45
CA VAL D 257 36.54 -26.62 -4.63
C VAL D 257 35.40 -26.93 -3.66
N ILE D 258 35.52 -26.49 -2.42
CA ILE D 258 34.45 -26.65 -1.44
C ILE D 258 34.02 -25.28 -0.92
N LEU D 259 32.71 -25.06 -0.78
CA LEU D 259 32.18 -23.85 -0.11
C LEU D 259 31.59 -24.23 1.25
N LEU D 260 32.02 -23.56 2.30
CA LEU D 260 31.54 -23.86 3.65
C LEU D 260 30.98 -22.60 4.24
N GLY D 261 30.09 -22.74 5.20
CA GLY D 261 29.55 -21.57 5.89
C GLY D 261 28.62 -21.91 7.02
N LYS D 262 27.80 -20.94 7.41
CA LYS D 262 26.78 -21.20 8.42
C LYS D 262 27.36 -21.90 9.64
N ALA D 263 27.14 -23.21 9.77
CA ALA D 263 27.57 -23.94 10.97
C ALA D 263 29.08 -23.84 11.23
N LEU D 264 29.75 -23.20 10.30
CA LEU D 264 31.16 -22.93 10.43
C LEU D 264 31.47 -22.12 11.69
N SER D 265 30.44 -21.63 12.36
CA SER D 265 30.65 -20.74 13.50
C SER D 265 29.73 -21.04 14.66
N GLY D 266 28.86 -22.03 14.52
CA GLY D 266 27.90 -22.34 15.55
C GLY D 266 27.00 -21.15 15.85
N GLY D 267 26.81 -20.30 14.84
CA GLY D 267 25.91 -19.17 14.97
C GLY D 267 26.44 -18.00 15.77
N HIS D 268 27.71 -18.06 16.14
CA HIS D 268 28.32 -17.00 16.93
C HIS D 268 28.96 -15.86 16.12
N TYR D 269 28.96 -15.99 14.79
CA TYR D 269 29.63 -15.00 13.94
C TYR D 269 29.37 -15.35 12.49
N PRO D 270 29.30 -14.35 11.59
CA PRO D 270 29.19 -14.77 10.19
C PRO D 270 30.56 -15.20 9.68
N ILE D 271 30.68 -16.46 9.29
CA ILE D 271 31.94 -17.01 8.80
C ILE D 271 31.68 -17.98 7.69
N SER D 272 32.45 -17.86 6.62
CA SER D 272 32.31 -18.75 5.48
C SER D 272 33.67 -18.95 4.84
N ALA D 273 33.78 -19.97 3.99
CA ALA D 273 35.07 -20.29 3.40
C ALA D 273 35.02 -20.98 2.02
N ILE D 274 36.07 -20.76 1.25
CA ILE D 274 36.35 -21.55 0.07
C ILE D 274 37.62 -22.40 0.31
N LEU D 275 37.54 -23.69 -0.01
CA LEU D 275 38.68 -24.57 0.04
C LEU D 275 39.13 -24.99 -1.37
N ALA D 276 40.43 -24.96 -1.63
CA ALA D 276 40.94 -25.44 -2.90
C ALA D 276 42.43 -25.78 -2.83
N ASN D 277 42.91 -26.62 -3.74
CA ASN D 277 44.33 -26.90 -3.83
C ASN D 277 45.06 -25.80 -4.60
N ASP D 278 46.39 -25.80 -4.53
CA ASP D 278 47.19 -24.68 -5.03
C ASP D 278 46.90 -24.33 -6.48
N ASP D 279 46.79 -25.37 -7.34
CA ASP D 279 46.55 -25.19 -8.78
C ASP D 279 45.29 -24.40 -9.09
N VAL D 280 44.31 -24.43 -8.18
CA VAL D 280 43.14 -23.58 -8.35
C VAL D 280 43.25 -22.24 -7.60
N MET D 281 43.63 -22.26 -6.33
CA MET D 281 43.58 -21.06 -5.50
C MET D 281 44.60 -19.97 -5.87
N LEU D 282 45.73 -20.34 -6.45
CA LEU D 282 46.79 -19.37 -6.64
C LEU D 282 46.55 -18.41 -7.81
N VAL D 283 45.41 -18.61 -8.46
CA VAL D 283 44.93 -17.76 -9.53
C VAL D 283 44.53 -16.38 -9.03
N LEU D 284 43.97 -16.32 -7.82
CA LEU D 284 43.62 -15.05 -7.20
C LEU D 284 44.84 -14.26 -6.78
N LYS D 285 44.99 -13.08 -7.35
CA LYS D 285 46.08 -12.16 -6.99
C LYS D 285 45.58 -11.09 -6.03
N PRO D 286 46.50 -10.57 -5.19
CA PRO D 286 46.19 -9.56 -4.17
C PRO D 286 45.46 -8.34 -4.74
N GLY D 287 45.19 -7.36 -3.89
CA GLY D 287 44.56 -6.12 -4.31
C GLY D 287 43.08 -6.25 -4.59
N GLU D 288 42.69 -7.40 -5.15
CA GLU D 288 41.28 -7.71 -5.31
C GLU D 288 40.68 -7.70 -3.91
N HIS D 289 40.25 -6.52 -3.46
CA HIS D 289 39.88 -6.28 -2.06
C HIS D 289 38.48 -6.78 -1.69
N GLY D 290 38.42 -7.62 -0.66
CA GLY D 290 37.16 -8.07 -0.08
C GLY D 290 36.86 -7.36 1.23
N SER D 291 35.87 -7.87 1.97
CA SER D 291 35.42 -7.21 3.19
C SER D 291 36.54 -7.03 4.22
N THR D 292 36.43 -5.93 4.98
CA THR D 292 37.32 -5.66 6.10
C THR D 292 37.28 -6.80 7.11
N TYR D 293 36.11 -7.36 7.36
CA TYR D 293 35.98 -8.34 8.43
C TYR D 293 36.34 -9.78 8.03
N GLY D 294 36.43 -10.03 6.73
CA GLY D 294 36.86 -11.34 6.24
C GLY D 294 38.20 -11.78 6.78
N GLY D 295 38.23 -12.92 7.44
CA GLY D 295 39.47 -13.47 7.97
C GLY D 295 39.95 -12.81 9.24
N ASN D 296 39.06 -12.12 9.93
CA ASN D 296 39.43 -11.46 11.19
C ASN D 296 39.76 -12.49 12.27
N PRO D 297 40.60 -12.07 13.25
CA PRO D 297 41.08 -12.98 14.30
C PRO D 297 39.95 -13.55 15.11
N LEU D 298 38.91 -12.75 15.37
CA LEU D 298 37.82 -13.23 16.22
C LEU D 298 37.09 -14.38 15.54
N ALA D 299 36.80 -14.20 14.26
CA ALA D 299 36.09 -15.25 13.57
C ALA D 299 36.98 -16.49 13.51
N ALA D 300 38.27 -16.29 13.23
CA ALA D 300 39.20 -17.39 13.04
C ALA D 300 39.23 -18.31 14.24
N ALA D 301 39.18 -17.71 15.43
CA ALA D 301 39.18 -18.43 16.68
C ALA D 301 37.88 -19.22 16.85
N ILE D 302 36.77 -18.54 16.61
CA ILE D 302 35.44 -19.14 16.71
C ILE D 302 35.31 -20.32 15.78
N CYS D 303 35.81 -20.15 14.57
CA CYS D 303 35.77 -21.22 13.58
C CYS D 303 36.41 -22.50 14.06
N VAL D 304 37.64 -22.40 14.57
CA VAL D 304 38.31 -23.62 15.02
C VAL D 304 37.54 -24.33 16.11
N GLU D 305 37.00 -23.56 17.06
CA GLU D 305 36.27 -24.16 18.16
C GLU D 305 34.96 -24.79 17.72
N ALA D 306 34.25 -24.10 16.84
CA ALA D 306 33.00 -24.61 16.31
C ALA D 306 33.17 -26.00 15.68
N LEU D 307 34.24 -26.19 14.92
CA LEU D 307 34.49 -27.47 14.29
C LEU D 307 35.04 -28.49 15.29
N LYS D 308 35.89 -28.05 16.21
CA LYS D 308 36.32 -28.92 17.31
C LYS D 308 35.09 -29.46 18.08
N VAL D 309 34.14 -28.59 18.42
CA VAL D 309 32.92 -29.06 19.07
C VAL D 309 32.21 -30.11 18.25
N LEU D 310 32.08 -29.86 16.97
CA LEU D 310 31.39 -30.77 16.05
C LEU D 310 31.97 -32.19 16.10
N ILE D 311 33.30 -32.25 16.20
CA ILE D 311 34.04 -33.50 16.10
C ILE D 311 34.09 -34.23 17.45
N ASN D 312 34.42 -33.50 18.51
CA ASN D 312 34.52 -34.03 19.88
C ASN D 312 33.21 -34.63 20.42
N GLU D 313 32.11 -33.94 20.15
CA GLU D 313 30.80 -34.42 20.62
C GLU D 313 30.18 -35.39 19.63
N LYS D 314 30.94 -35.73 18.60
CA LYS D 314 30.52 -36.73 17.60
C LYS D 314 29.14 -36.41 17.04
N LEU D 315 28.90 -35.13 16.77
CA LEU D 315 27.63 -34.67 16.25
C LEU D 315 27.36 -35.16 14.83
N CYS D 316 28.41 -35.44 14.08
CA CYS D 316 28.22 -35.98 12.73
C CYS D 316 27.59 -37.35 12.82
N GLU D 317 28.10 -38.16 13.74
CA GLU D 317 27.67 -39.53 13.86
C GLU D 317 26.28 -39.56 14.44
N ASN D 318 26.05 -38.72 15.43
CA ASN D 318 24.73 -38.63 16.00
C ASN D 318 23.75 -38.42 14.86
N ALA D 319 23.99 -37.38 14.06
CA ALA D 319 23.16 -37.11 12.89
C ALA D 319 23.03 -38.32 11.99
N ASP D 320 24.15 -38.98 11.71
CA ASP D 320 24.12 -40.13 10.81
C ASP D 320 23.25 -41.24 11.38
N LYS D 321 23.41 -41.50 12.68
CA LYS D 321 22.70 -42.60 13.34
C LYS D 321 21.21 -42.36 13.49
N LEU D 322 20.83 -41.18 13.96
CA LEU D 322 19.43 -40.89 14.26
C LEU D 322 18.63 -40.52 13.03
N GLY D 323 19.34 -40.10 11.99
CA GLY D 323 18.71 -39.53 10.81
C GLY D 323 17.85 -40.48 10.00
N ALA D 324 18.48 -41.48 9.39
CA ALA D 324 17.74 -42.43 8.56
C ALA D 324 16.50 -43.00 9.25
N PRO D 325 16.66 -43.48 10.51
CA PRO D 325 15.52 -43.93 11.33
C PRO D 325 14.39 -42.90 11.36
N PHE D 326 14.66 -41.78 12.02
CA PHE D 326 13.70 -40.68 12.08
C PHE D 326 12.92 -40.52 10.77
N LEU D 327 13.64 -40.51 9.65
CA LEU D 327 13.02 -40.28 8.36
C LEU D 327 12.14 -41.46 7.97
N GLN D 328 12.66 -42.67 8.19
CA GLN D 328 11.93 -43.89 7.89
C GLN D 328 10.64 -43.98 8.69
N ASN D 329 10.80 -43.92 10.01
CA ASN D 329 9.68 -43.95 10.93
C ASN D 329 8.62 -42.87 10.60
N LEU D 330 9.07 -41.69 10.21
CA LEU D 330 8.16 -40.60 9.85
C LEU D 330 7.41 -40.94 8.56
N LYS D 331 8.13 -41.51 7.59
CA LYS D 331 7.52 -41.97 6.34
C LYS D 331 6.39 -42.93 6.63
N GLU D 332 6.61 -43.82 7.59
CA GLU D 332 5.61 -44.79 8.02
C GLU D 332 4.37 -44.09 8.58
N GLN D 333 4.55 -43.37 9.67
CA GLN D 333 3.42 -42.77 10.36
C GLN D 333 2.58 -41.77 9.56
N LEU D 334 3.03 -41.39 8.36
CA LEU D 334 2.31 -40.41 7.54
C LEU D 334 1.91 -40.99 6.19
N LYS D 335 2.13 -42.30 6.01
CA LYS D 335 1.90 -42.96 4.73
C LYS D 335 0.45 -42.79 4.23
N ASP D 336 -0.46 -42.59 5.17
CA ASP D 336 -1.89 -42.54 4.87
C ASP D 336 -2.46 -41.13 4.99
N SER D 337 -1.60 -40.14 4.82
CA SER D 337 -2.01 -38.75 4.89
C SER D 337 -2.45 -38.25 3.52
N LYS D 338 -3.56 -37.53 3.47
CA LYS D 338 -4.07 -37.05 2.20
C LYS D 338 -3.28 -35.81 1.74
N VAL D 339 -2.72 -35.07 2.70
CA VAL D 339 -2.07 -33.79 2.41
C VAL D 339 -0.55 -33.88 2.20
N VAL D 340 0.06 -34.91 2.78
CA VAL D 340 1.48 -35.16 2.57
C VAL D 340 1.73 -35.70 1.14
N ARG D 341 2.72 -35.13 0.46
CA ARG D 341 3.13 -35.62 -0.85
C ARG D 341 4.34 -36.55 -0.73
N GLU D 342 5.34 -36.14 0.05
CA GLU D 342 6.56 -36.92 0.15
C GLU D 342 7.38 -36.52 1.36
N VAL D 343 8.17 -37.45 1.87
CA VAL D 343 9.05 -37.16 2.98
C VAL D 343 10.50 -37.49 2.58
N ARG D 344 11.34 -36.47 2.52
CA ARG D 344 12.71 -36.63 2.03
C ARG D 344 13.73 -36.32 3.10
N GLY D 345 14.96 -36.77 2.88
CA GLY D 345 16.05 -36.42 3.76
C GLY D 345 17.33 -37.21 3.57
N LYS D 346 18.37 -36.75 4.26
CA LYS D 346 19.60 -37.52 4.47
C LYS D 346 20.19 -36.98 5.76
N GLY D 347 20.54 -37.86 6.69
CA GLY D 347 20.94 -37.42 8.02
C GLY D 347 19.85 -36.59 8.67
N LEU D 348 20.23 -35.48 9.30
CA LEU D 348 19.25 -34.58 9.89
C LEU D 348 18.90 -33.41 8.97
N LEU D 349 19.05 -33.62 7.66
CA LEU D 349 18.60 -32.64 6.68
C LEU D 349 17.34 -33.16 6.00
N CYS D 350 16.17 -32.82 6.54
CA CYS D 350 14.94 -33.45 6.10
C CYS D 350 13.87 -32.45 5.75
N ALA D 351 12.79 -32.95 5.16
CA ALA D 351 11.70 -32.09 4.75
C ALA D 351 10.43 -32.91 4.48
N ILE D 352 9.30 -32.21 4.50
CA ILE D 352 8.03 -32.80 4.11
C ILE D 352 7.41 -31.89 3.07
N GLU D 353 7.08 -32.46 1.92
CA GLU D 353 6.44 -31.69 0.86
C GLU D 353 4.96 -31.97 0.92
N PHE D 354 4.16 -30.90 0.90
CA PHE D 354 2.72 -31.05 0.95
C PHE D 354 2.11 -30.79 -0.42
N LYS D 355 0.83 -31.10 -0.53
CA LYS D 355 0.09 -30.80 -1.75
C LYS D 355 -0.59 -29.47 -1.53
N ASN D 356 0.06 -28.39 -1.97
CA ASN D 356 -0.44 -27.04 -1.72
C ASN D 356 -1.80 -26.78 -2.37
N ASP D 357 -2.28 -27.75 -3.12
CA ASP D 357 -3.66 -27.73 -3.63
C ASP D 357 -4.64 -27.87 -2.50
N LEU D 358 -4.27 -28.68 -1.50
CA LEU D 358 -5.14 -28.99 -0.38
C LEU D 358 -4.90 -28.11 0.85
N VAL D 359 -3.62 -27.88 1.19
CA VAL D 359 -3.32 -27.07 2.37
C VAL D 359 -2.48 -25.85 2.09
N ASN D 360 -2.63 -24.89 2.99
CA ASN D 360 -1.81 -23.70 3.02
C ASN D 360 -0.58 -24.00 3.88
N VAL D 361 0.60 -24.00 3.26
CA VAL D 361 1.79 -24.46 3.95
C VAL D 361 2.10 -23.58 5.13
N TRP D 362 1.85 -22.29 4.96
CA TRP D 362 2.06 -21.29 6.01
C TRP D 362 1.28 -21.61 7.28
N ASP D 363 0.03 -22.04 7.13
CA ASP D 363 -0.78 -22.41 8.27
C ASP D 363 -0.22 -23.65 8.97
N ILE D 364 0.31 -24.59 8.19
CA ILE D 364 0.94 -25.76 8.78
C ILE D 364 2.09 -25.31 9.70
N CYS D 365 2.79 -24.28 9.28
CA CYS D 365 3.87 -23.75 10.08
C CYS D 365 3.38 -23.10 11.36
N LEU D 366 2.26 -22.38 11.27
CA LEU D 366 1.64 -21.79 12.46
C LEU D 366 1.17 -22.88 13.41
N LYS D 367 0.68 -23.98 12.85
CA LYS D 367 0.15 -25.06 13.66
C LYS D 367 1.28 -25.73 14.41
N PHE D 368 2.39 -25.97 13.71
CA PHE D 368 3.58 -26.49 14.34
C PHE D 368 3.96 -25.59 15.53
N LYS D 369 4.10 -24.31 15.25
CA LYS D 369 4.44 -23.35 16.29
C LYS D 369 3.55 -23.57 17.48
N GLU D 370 2.26 -23.75 17.23
CA GLU D 370 1.29 -23.92 18.30
C GLU D 370 1.61 -25.21 19.04
N ASN D 371 1.92 -26.26 18.30
CA ASN D 371 2.21 -27.54 18.92
C ASN D 371 3.64 -27.67 19.47
N GLY D 372 4.40 -26.58 19.42
CA GLY D 372 5.67 -26.51 20.14
C GLY D 372 6.91 -26.80 19.32
N LEU D 373 6.79 -26.67 18.00
CA LEU D 373 7.92 -26.88 17.10
C LEU D 373 7.89 -25.83 15.99
N ILE D 374 8.93 -25.01 15.91
CA ILE D 374 8.96 -23.93 14.91
C ILE D 374 9.82 -24.23 13.69
N THR D 375 9.32 -23.87 12.54
CA THR D 375 10.03 -24.06 11.29
C THR D 375 9.39 -23.19 10.21
N ARG D 376 9.92 -23.28 8.99
CA ARG D 376 9.53 -22.35 7.96
C ARG D 376 9.26 -23.06 6.64
N SER D 377 8.56 -22.38 5.75
CA SER D 377 8.19 -22.94 4.46
C SER D 377 9.24 -22.65 3.39
N VAL D 378 9.13 -23.37 2.27
CA VAL D 378 10.03 -23.20 1.14
C VAL D 378 9.31 -23.65 -0.13
N HIS D 379 8.86 -22.68 -0.92
CA HIS D 379 8.04 -22.93 -2.11
C HIS D 379 6.54 -22.81 -1.82
N ASP D 380 6.18 -22.65 -0.56
CA ASP D 380 4.79 -22.73 -0.17
C ASP D 380 4.26 -24.14 -0.46
N LYS D 381 5.16 -25.12 -0.40
CA LYS D 381 4.79 -26.51 -0.53
C LYS D 381 5.68 -27.46 0.28
N THR D 382 6.92 -27.06 0.56
CA THR D 382 7.84 -27.93 1.30
C THR D 382 8.27 -27.32 2.62
N VAL D 383 8.21 -28.11 3.69
CA VAL D 383 8.56 -27.62 5.01
C VAL D 383 9.84 -28.23 5.53
N ARG D 384 10.74 -27.35 5.98
CA ARG D 384 12.07 -27.73 6.43
C ARG D 384 12.10 -28.41 7.82
N LEU D 385 12.75 -29.56 7.91
CA LEU D 385 12.94 -30.24 9.18
C LEU D 385 14.41 -30.41 9.44
N THR D 386 15.02 -29.39 10.07
CA THR D 386 16.46 -29.42 10.30
C THR D 386 16.80 -28.95 11.70
N PRO D 387 16.75 -29.87 12.68
CA PRO D 387 17.03 -29.60 14.08
C PRO D 387 18.51 -29.47 14.30
N PRO D 388 18.92 -28.93 15.45
CA PRO D 388 20.34 -28.97 15.77
C PRO D 388 20.81 -30.42 15.92
N LEU D 389 22.07 -30.69 15.63
CA LEU D 389 22.60 -32.04 15.57
C LEU D 389 22.81 -32.75 16.92
N CYS D 390 22.58 -32.04 18.02
CA CYS D 390 22.73 -32.63 19.34
C CYS D 390 21.40 -33.16 19.88
N ILE D 391 20.40 -33.23 19.01
CA ILE D 391 19.10 -33.74 19.38
C ILE D 391 19.23 -35.23 19.72
N THR D 392 18.46 -35.69 20.71
CA THR D 392 18.51 -37.08 21.18
C THR D 392 17.44 -37.95 20.51
N LYS D 393 17.62 -39.27 20.62
CA LYS D 393 16.61 -40.15 20.08
C LYS D 393 15.24 -39.85 20.66
N GLU D 394 15.20 -39.63 21.97
CA GLU D 394 13.95 -39.35 22.68
C GLU D 394 13.29 -38.09 22.14
N GLN D 395 14.08 -37.02 22.09
CA GLN D 395 13.60 -35.76 21.53
C GLN D 395 13.03 -35.91 20.11
N LEU D 396 13.75 -36.60 19.23
CA LEU D 396 13.23 -36.84 17.89
C LEU D 396 11.87 -37.54 17.92
N ASP D 397 11.73 -38.50 18.82
CA ASP D 397 10.47 -39.21 18.98
C ASP D 397 9.35 -38.26 19.41
N GLU D 398 9.61 -37.42 20.40
CA GLU D 398 8.63 -36.41 20.82
C GLU D 398 8.19 -35.51 19.67
N CYS D 399 9.14 -35.23 18.77
CA CYS D 399 8.90 -34.33 17.65
C CYS D 399 8.07 -35.03 16.60
N THR D 400 8.37 -36.31 16.38
CA THR D 400 7.58 -37.10 15.44
C THR D 400 6.11 -37.02 15.82
N GLU D 401 5.87 -37.11 17.13
CA GLU D 401 4.52 -36.96 17.69
C GLU D 401 3.92 -35.61 17.27
N ILE D 402 4.63 -34.54 17.59
CA ILE D 402 4.22 -33.21 17.19
C ILE D 402 3.93 -33.11 15.70
N ILE D 403 4.81 -33.69 14.89
CA ILE D 403 4.66 -33.62 13.45
C ILE D 403 3.42 -34.40 12.99
N VAL D 404 3.28 -35.62 13.47
CA VAL D 404 2.09 -36.41 13.13
C VAL D 404 0.79 -35.72 13.58
N LYS D 405 0.82 -35.13 14.78
CA LYS D 405 -0.35 -34.46 15.35
C LYS D 405 -0.73 -33.29 14.49
N THR D 406 0.29 -32.56 14.04
CA THR D 406 0.07 -31.38 13.23
C THR D 406 -0.48 -31.77 11.86
N VAL D 407 0.06 -32.86 11.28
CA VAL D 407 -0.43 -33.34 9.99
C VAL D 407 -1.89 -33.81 10.10
N LYS D 408 -2.12 -34.88 10.85
CA LYS D 408 -3.48 -35.39 11.03
C LYS D 408 -4.48 -34.24 11.03
N PHE D 409 -4.32 -33.33 11.98
CA PHE D 409 -5.14 -32.13 12.06
C PHE D 409 -5.61 -31.69 10.67
N PHE D 410 -4.66 -31.54 9.74
CA PHE D 410 -5.01 -31.06 8.41
C PHE D 410 -5.73 -32.09 7.54
N ASP D 411 -5.42 -33.37 7.77
CA ASP D 411 -6.10 -34.45 7.07
C ASP D 411 -7.54 -34.46 7.48
N ASP D 412 -7.77 -34.46 8.79
CA ASP D 412 -9.12 -34.46 9.32
C ASP D 412 -9.94 -33.30 8.78
N ASN D 413 -9.31 -32.13 8.65
CA ASN D 413 -10.05 -30.92 8.29
C ASN D 413 -10.43 -30.73 6.82
N LEU D 414 -10.54 -31.84 6.10
CA LEU D 414 -11.23 -31.82 4.82
C LEU D 414 -12.26 -32.96 4.72
#